data_8CGW
#
_entry.id   8CGW
#
_cell.length_a   68.377
_cell.length_b   257.679
_cell.length_c   73.494
_cell.angle_alpha   90.000
_cell.angle_beta   110.444
_cell.angle_gamma   90.000
#
_symmetry.space_group_name_H-M   'P 1 21 1'
#
loop_
_entity.id
_entity.type
_entity.pdbx_description
1 polymer 'Leucyl-cystinyl aminopeptidase, pregnancy serum form'
2 branched beta-D-mannopyranose-(1-4)-2-acetamido-2-deoxy-beta-D-glucopyranose-(1-4)-2-acetamido-2-deoxy-beta-D-glucopyranose
3 branched alpha-D-mannopyranose-(1-3)-alpha-D-mannopyranose-(1-6)-[alpha-D-mannopyranose-(1-3)]beta-D-mannopyranose-(1-4)-2-acetamido-2-deoxy-beta-D-glucopyranose-(1-4)-2-acetamido-2-deoxy-beta-D-glucopyranose
4 branched 2-acetamido-2-deoxy-beta-D-glucopyranose-(1-4)-2-acetamido-2-deoxy-beta-D-glucopyranose
5 branched alpha-D-mannopyranose-(1-3)-beta-D-mannopyranose-(1-4)-2-acetamido-2-deoxy-beta-D-glucopyranose-(1-4)-2-acetamido-2-deoxy-beta-D-glucopyranose
6 non-polymer 'ZINC ION'
7 non-polymer 'ethyl 2-acetamido-7-hydroxy-4-(pyridin-3-yl)-4H-chromene-3-carboxylate'
8 non-polymer 2-acetamido-2-deoxy-beta-D-glucopyranose
9 non-polymer DI(HYDROXYETHYL)ETHER
10 non-polymer 1,2-ETHANEDIOL
11 non-polymer GLYCINE
12 water water
#
_entity_poly.entity_id   1
_entity_poly.type   'polypeptide(L)'
_entity_poly.pdbx_seq_one_letter_code
;ATNGKLFPWAQIRLPTAVVPLRYELSLHPNLTSMTFRGSVTISVQALQVTWNIILHSTGHNISRVTFMSAVSSQEKQAEI
LEYAYHGQIAIVAPEALLAGHNYTLKIEYSANISSSYYGFYGFSYTDESNEKKYFAATQFEPLAARSAFPCFDEPAFKAT
FIIKIIRDEQYTALSNMPKKSSVVLDDGLVQDEFSESVKMSTYLVAFIVGEMKNLSQDVNGTLVSIYAVPEKIGQVHYAL
ETTVKLLEFFQNYFEIQYPLKKLDLVAIPDFEAGAMENWGLLTFREETLLYDSNTSSMADRKLVTKIIAHELAHQWFGNL
VTMKWWNDLWLNEGFATFMEYFSLEKIFKELSSYEDFLDARFKTMKKDSLNSSHPISSSVQSSEQIEEMFDSLSYFKGSS
LLLMLKTYLSEDVFQHAVVLYLHNHSYASIQSDDLWDSFNEVTNQTLDVKRMMKTWTLQKGFPLVTVQKKGKELFIQQER
FFLNMKPEIQPSDTSYLWHIPLSYVTEGRNYSKYQSVSLLDKKSGVINLTEEVLWVKVNINMNGYYIVHYADDDWEALIH
QLKINPYVLSDKDRANLINNIFELAGLGKVPLKRAFDLINYLGNENHTAPITEALFQTDLIYNLLEKLGYMDLASRLVTR
VFKLLQNQIQQQTWTDEGTPSMRELRSALLEFACTHNLGNCSTTAMKLFDDWMASNGTQSLPTDVMTTVFKVGAKTDKGW
SFLLGKYISIGSEAEKNKILEALASSEDVRKLYWLMKSSLNGDNFRTQKLSFIIRTVGRHFPGHLLAWDFVKENWNKLVQ
KFPLGSYTIQNIVAGSTYLFSTKTHLSEVQAFFENQSEATFRLRCVQEALEVIQLNIQWMEKNLKSLTWWLRT
;
_entity_poly.pdbx_strand_id   A,B
#
# COMPACT_ATOMS: atom_id res chain seq x y z
N LEU A 6 3.53 -46.15 30.67
CA LEU A 6 2.46 -45.92 29.72
C LEU A 6 1.18 -45.48 30.45
N PHE A 7 0.65 -44.32 30.02
CA PHE A 7 -0.61 -43.81 30.54
C PHE A 7 -1.73 -44.79 30.23
N PRO A 8 -2.62 -45.07 31.20
CA PRO A 8 -3.62 -46.13 30.99
C PRO A 8 -4.72 -45.77 29.99
N TRP A 9 -4.80 -44.52 29.54
CA TRP A 9 -5.83 -44.09 28.61
C TRP A 9 -5.17 -43.32 27.48
N ALA A 10 -5.62 -43.55 26.25
CA ALA A 10 -5.02 -42.93 25.08
C ALA A 10 -6.09 -42.36 24.17
N GLN A 11 -7.07 -41.68 24.76
CA GLN A 11 -8.16 -41.07 24.00
C GLN A 11 -8.44 -39.68 24.56
N ILE A 12 -9.09 -38.85 23.74
CA ILE A 12 -9.38 -37.48 24.16
C ILE A 12 -10.59 -37.46 25.09
N ARG A 13 -11.57 -38.32 24.87
CA ARG A 13 -12.74 -38.39 25.75
C ARG A 13 -12.44 -39.29 26.94
N LEU A 14 -13.00 -38.91 28.08
CA LEU A 14 -12.81 -39.66 29.32
C LEU A 14 -13.52 -41.01 29.22
N PRO A 15 -13.04 -42.02 29.95
CA PRO A 15 -13.70 -43.33 29.91
C PRO A 15 -15.08 -43.29 30.54
N THR A 16 -15.97 -44.12 29.99
CA THR A 16 -17.35 -44.20 30.46
C THR A 16 -17.49 -45.17 31.63
N ALA A 17 -16.41 -45.40 32.37
CA ALA A 17 -16.38 -46.33 33.49
C ALA A 17 -16.73 -45.62 34.79
N VAL A 18 -15.78 -44.87 35.34
CA VAL A 18 -16.01 -44.14 36.58
C VAL A 18 -16.79 -42.87 36.28
N VAL A 19 -17.65 -42.48 37.21
CA VAL A 19 -18.53 -41.33 37.04
C VAL A 19 -18.53 -40.52 38.34
N PRO A 20 -18.37 -39.19 38.30
CA PRO A 20 -18.44 -38.39 39.52
C PRO A 20 -19.86 -38.24 40.04
N LEU A 21 -19.97 -38.08 41.36
CA LEU A 21 -21.28 -37.87 41.96
C LEU A 21 -21.27 -36.64 42.85
N ARG A 22 -20.14 -36.37 43.51
CA ARG A 22 -20.11 -35.33 44.52
C ARG A 22 -18.71 -34.73 44.60
N TYR A 23 -18.64 -33.40 44.65
CA TYR A 23 -17.39 -32.66 44.74
C TYR A 23 -17.36 -31.81 45.99
N GLU A 24 -16.25 -31.89 46.73
CA GLU A 24 -15.96 -30.99 47.85
C GLU A 24 -14.68 -30.26 47.51
N LEU A 25 -14.77 -28.94 47.31
CA LEU A 25 -13.62 -28.14 46.91
C LEU A 25 -13.35 -27.06 47.95
N SER A 26 -12.18 -27.15 48.58
CA SER A 26 -11.70 -26.12 49.50
C SER A 26 -10.47 -25.45 48.88
N LEU A 27 -10.50 -24.12 48.82
CA LEU A 27 -9.46 -23.34 48.14
C LEU A 27 -8.99 -22.21 49.04
N HIS A 28 -7.69 -21.90 49.00
CA HIS A 28 -7.16 -20.74 49.71
C HIS A 28 -6.49 -19.84 48.66
N PRO A 29 -7.23 -18.91 48.06
CA PRO A 29 -6.62 -18.00 47.08
C PRO A 29 -6.07 -16.75 47.75
N ASN A 30 -4.86 -16.36 47.34
CA ASN A 30 -4.21 -15.21 47.95
C ASN A 30 -4.41 -13.90 47.20
N LEU A 31 -4.36 -13.96 45.85
CA LEU A 31 -4.52 -12.89 44.85
C LEU A 31 -3.33 -11.91 44.82
N THR A 32 -2.80 -11.55 45.99
CA THR A 32 -1.60 -10.74 46.07
C THR A 32 -0.39 -11.48 45.49
N SER A 33 -0.34 -12.80 45.68
CA SER A 33 0.72 -13.62 45.10
C SER A 33 0.37 -14.21 43.75
N MET A 34 -0.92 -14.23 43.37
CA MET A 34 -1.44 -14.97 42.21
C MET A 34 -1.02 -16.45 42.25
N THR A 35 -1.18 -17.03 43.44
CA THR A 35 -0.94 -18.44 43.71
C THR A 35 -2.02 -18.90 44.66
N PHE A 36 -2.60 -20.06 44.40
CA PHE A 36 -3.66 -20.59 45.26
C PHE A 36 -3.37 -22.05 45.61
N ARG A 37 -3.87 -22.46 46.76
CA ARG A 37 -3.74 -23.83 47.22
C ARG A 37 -5.13 -24.40 47.48
N GLY A 38 -5.29 -25.68 47.16
CA GLY A 38 -6.60 -26.29 47.21
C GLY A 38 -6.55 -27.77 47.48
N SER A 39 -7.68 -28.28 47.97
CA SER A 39 -7.90 -29.71 48.11
C SER A 39 -9.30 -30.03 47.57
N VAL A 40 -9.42 -31.14 46.87
CA VAL A 40 -10.70 -31.58 46.33
C VAL A 40 -11.00 -32.97 46.85
N THR A 41 -12.27 -33.24 47.17
CA THR A 41 -12.74 -34.57 47.56
C THR A 41 -13.84 -34.97 46.59
N ILE A 42 -13.60 -36.04 45.82
CA ILE A 42 -14.47 -36.42 44.72
C ILE A 42 -15.06 -37.79 45.06
N SER A 43 -16.38 -37.85 45.22
CA SER A 43 -17.10 -39.09 45.50
C SER A 43 -17.57 -39.66 44.17
N VAL A 44 -16.97 -40.79 43.76
CA VAL A 44 -17.23 -41.37 42.46
C VAL A 44 -17.91 -42.73 42.59
N GLN A 45 -18.46 -43.21 41.48
CA GLN A 45 -19.06 -44.53 41.36
C GLN A 45 -18.55 -45.16 40.08
N ALA A 46 -18.39 -46.48 40.11
CA ALA A 46 -18.05 -47.23 38.91
C ALA A 46 -19.28 -47.92 38.35
N LEU A 47 -19.47 -47.81 37.03
CA LEU A 47 -20.46 -48.59 36.32
C LEU A 47 -19.82 -49.73 35.53
N GLN A 48 -18.50 -49.69 35.35
CA GLN A 48 -17.70 -50.77 34.78
C GLN A 48 -16.50 -50.98 35.69
N VAL A 49 -15.82 -52.11 35.52
CA VAL A 49 -14.67 -52.44 36.36
C VAL A 49 -13.41 -51.87 35.73
N THR A 50 -12.58 -51.21 36.53
CA THR A 50 -11.30 -50.68 36.07
C THR A 50 -10.32 -50.61 37.23
N TRP A 51 -9.03 -50.67 36.90
CA TRP A 51 -7.95 -50.50 37.86
C TRP A 51 -7.34 -49.11 37.80
N ASN A 52 -7.85 -48.22 36.95
CA ASN A 52 -7.30 -46.88 36.76
C ASN A 52 -8.44 -45.90 36.55
N ILE A 53 -8.37 -44.77 37.24
CA ILE A 53 -9.38 -43.72 37.16
C ILE A 53 -8.79 -42.57 36.36
N ILE A 54 -9.39 -42.25 35.22
CA ILE A 54 -8.87 -41.23 34.31
C ILE A 54 -9.72 -39.98 34.46
N LEU A 55 -9.04 -38.85 34.64
CA LEU A 55 -9.68 -37.57 34.93
C LEU A 55 -8.73 -36.47 34.49
N HIS A 56 -9.15 -35.22 34.67
CA HIS A 56 -8.46 -34.08 34.09
C HIS A 56 -7.81 -33.22 35.17
N SER A 57 -6.59 -32.72 34.89
CA SER A 57 -5.89 -31.73 35.69
C SER A 57 -4.73 -31.15 34.89
N THR A 58 -4.46 -29.86 35.09
CA THR A 58 -3.41 -29.14 34.38
C THR A 58 -2.80 -28.10 35.31
N GLY A 59 -1.47 -28.08 35.35
CA GLY A 59 -0.73 -27.06 36.07
C GLY A 59 -0.92 -27.12 37.57
N HIS A 60 -0.96 -28.32 38.13
CA HIS A 60 -1.14 -28.53 39.56
C HIS A 60 0.06 -29.26 40.11
N ASN A 61 0.57 -28.80 41.24
CA ASN A 61 1.58 -29.56 41.97
C ASN A 61 0.79 -30.40 42.96
N ILE A 62 0.57 -31.68 42.62
CA ILE A 62 -0.11 -32.61 43.51
C ILE A 62 0.78 -32.90 44.72
N SER A 63 0.24 -32.69 45.91
CA SER A 63 0.95 -32.98 47.15
C SER A 63 0.64 -34.37 47.68
N ARG A 64 -0.62 -34.79 47.63
CA ARG A 64 -1.03 -36.12 48.05
C ARG A 64 -2.34 -36.51 47.37
N VAL A 65 -2.47 -37.79 47.02
CA VAL A 65 -3.71 -38.38 46.53
C VAL A 65 -4.06 -39.55 47.44
N THR A 66 -5.28 -39.55 47.99
CA THR A 66 -5.73 -40.59 48.91
C THR A 66 -7.00 -41.23 48.38
N PHE A 67 -6.93 -42.53 48.11
CA PHE A 67 -8.08 -43.35 47.75
C PHE A 67 -8.75 -43.88 49.02
N MET A 68 -10.06 -44.07 48.95
CA MET A 68 -10.80 -44.60 50.09
C MET A 68 -12.09 -45.24 49.59
N SER A 69 -12.40 -46.42 50.12
CA SER A 69 -13.72 -47.03 49.97
C SER A 69 -14.56 -46.73 51.21
N ALA A 70 -15.88 -46.93 51.07
CA ALA A 70 -16.78 -46.76 52.21
C ALA A 70 -16.69 -47.92 53.22
N VAL A 71 -15.95 -48.97 52.90
CA VAL A 71 -15.75 -50.13 53.78
C VAL A 71 -14.59 -49.89 54.75
N SER A 72 -14.04 -48.67 54.72
CA SER A 72 -13.01 -48.25 55.66
C SER A 72 -13.16 -46.76 55.92
N SER A 73 -12.72 -46.35 57.10
CA SER A 73 -12.62 -44.93 57.45
C SER A 73 -11.21 -44.41 57.24
N GLN A 74 -10.38 -45.17 56.52
CA GLN A 74 -8.95 -44.91 56.38
C GLN A 74 -8.61 -44.60 54.93
N GLU A 75 -7.63 -43.73 54.74
CA GLU A 75 -7.22 -43.30 53.41
C GLU A 75 -6.02 -44.12 52.93
N LYS A 76 -5.99 -44.41 51.63
CA LYS A 76 -5.00 -45.27 51.02
C LYS A 76 -4.25 -44.54 49.91
N GLN A 77 -2.97 -44.88 49.76
CA GLN A 77 -2.10 -44.23 48.80
C GLN A 77 -2.33 -44.78 47.39
N ALA A 78 -2.11 -43.92 46.39
CA ALA A 78 -2.22 -44.31 44.99
C ALA A 78 -1.28 -43.45 44.15
N GLU A 79 -0.73 -44.05 43.10
CA GLU A 79 0.18 -43.34 42.20
C GLU A 79 -0.60 -42.59 41.13
N ILE A 80 -0.01 -41.49 40.65
CA ILE A 80 -0.67 -40.58 39.72
C ILE A 80 0.24 -40.32 38.54
N LEU A 81 -0.30 -40.45 37.32
CA LEU A 81 0.41 -40.20 36.07
C LEU A 81 -0.23 -39.02 35.34
N GLU A 82 0.42 -38.60 34.24
CA GLU A 82 0.04 -37.39 33.54
C GLU A 82 0.19 -37.58 32.04
N TYR A 83 -0.73 -36.95 31.28
CA TYR A 83 -0.72 -36.89 29.82
C TYR A 83 -1.30 -35.51 29.44
N ALA A 84 -0.42 -34.49 29.43
CA ALA A 84 -0.83 -33.09 29.31
C ALA A 84 -1.38 -32.74 27.92
N TYR A 85 -1.12 -33.58 26.91
CA TYR A 85 -1.70 -33.39 25.57
C TYR A 85 -3.23 -33.43 25.58
N HIS A 86 -3.82 -34.17 26.51
CA HIS A 86 -5.26 -34.16 26.73
C HIS A 86 -5.62 -33.64 28.11
N GLY A 87 -4.63 -33.18 28.89
CA GLY A 87 -4.85 -32.68 30.23
C GLY A 87 -5.26 -33.76 31.20
N GLN A 88 -5.05 -35.01 30.82
CA GLN A 88 -5.57 -36.14 31.57
C GLN A 88 -4.59 -36.54 32.66
N ILE A 89 -5.12 -36.85 33.84
CA ILE A 89 -4.35 -37.47 34.90
C ILE A 89 -5.02 -38.79 35.26
N ALA A 90 -4.23 -39.72 35.76
CA ALA A 90 -4.68 -41.07 36.02
C ALA A 90 -4.30 -41.44 37.45
N ILE A 91 -5.25 -41.99 38.18
CA ILE A 91 -5.01 -42.49 39.53
C ILE A 91 -5.09 -44.01 39.48
N VAL A 92 -3.95 -44.68 39.66
CA VAL A 92 -3.96 -46.14 39.64
C VAL A 92 -4.62 -46.65 40.91
N ALA A 93 -5.31 -47.71 40.78
CA ALA A 93 -6.11 -48.00 41.96
C ALA A 93 -5.43 -49.03 42.83
N PRO A 94 -5.58 -48.92 44.15
CA PRO A 94 -5.10 -50.00 45.02
C PRO A 94 -6.07 -51.17 45.06
N GLU A 95 -7.35 -50.89 44.87
CA GLU A 95 -8.41 -51.89 44.80
C GLU A 95 -9.06 -51.80 43.43
N ALA A 96 -9.29 -52.96 42.80
CA ALA A 96 -10.09 -53.04 41.59
C ALA A 96 -11.50 -52.48 41.83
N LEU A 97 -11.75 -51.27 41.34
CA LEU A 97 -13.06 -50.65 41.45
C LEU A 97 -14.11 -51.50 40.75
N LEU A 98 -15.16 -51.84 41.48
CA LEU A 98 -16.18 -52.75 40.98
C LEU A 98 -17.46 -51.98 40.68
N ALA A 99 -18.32 -52.63 39.92
CA ALA A 99 -19.52 -51.98 39.38
C ALA A 99 -20.50 -51.61 40.49
N GLY A 100 -21.11 -50.43 40.35
CA GLY A 100 -22.08 -49.94 41.31
C GLY A 100 -21.51 -49.36 42.59
N HIS A 101 -20.29 -49.74 42.94
CA HIS A 101 -19.72 -49.45 44.24
C HIS A 101 -19.14 -48.03 44.26
N ASN A 102 -19.45 -47.29 45.31
CA ASN A 102 -18.99 -45.91 45.43
C ASN A 102 -17.63 -45.87 46.11
N TYR A 103 -16.75 -45.04 45.57
CA TYR A 103 -15.43 -44.81 46.12
C TYR A 103 -15.18 -43.31 46.21
N THR A 104 -14.12 -42.92 46.93
CA THR A 104 -13.86 -41.51 47.23
C THR A 104 -12.39 -41.20 47.03
N LEU A 105 -12.09 -40.17 46.23
CA LEU A 105 -10.73 -39.73 45.98
C LEU A 105 -10.54 -38.32 46.49
N LYS A 106 -9.42 -38.08 47.18
CA LYS A 106 -9.07 -36.78 47.71
C LYS A 106 -7.67 -36.41 47.23
N ILE A 107 -7.55 -35.25 46.57
CA ILE A 107 -6.29 -34.78 46.00
C ILE A 107 -5.97 -33.40 46.56
N GLU A 108 -4.73 -33.22 47.01
CA GLU A 108 -4.23 -31.93 47.49
C GLU A 108 -3.20 -31.39 46.51
N TYR A 109 -3.24 -30.08 46.26
CA TYR A 109 -2.43 -29.54 45.18
C TYR A 109 -2.09 -28.07 45.43
N SER A 110 -1.07 -27.60 44.70
CA SER A 110 -0.68 -26.20 44.64
C SER A 110 -0.71 -25.74 43.18
N ALA A 111 -1.11 -24.48 42.96
CA ALA A 111 -1.28 -23.96 41.61
C ALA A 111 -1.23 -22.44 41.59
N ASN A 112 -1.04 -21.89 40.40
CA ASN A 112 -1.03 -20.44 40.20
C ASN A 112 -2.40 -19.97 39.73
N ILE A 113 -2.81 -18.79 40.23
CA ILE A 113 -3.93 -18.08 39.64
C ILE A 113 -3.54 -17.61 38.24
N SER A 114 -4.48 -17.72 37.30
CA SER A 114 -4.16 -17.42 35.91
C SER A 114 -4.09 -15.91 35.67
N SER A 115 -3.38 -15.55 34.60
CA SER A 115 -3.29 -14.19 34.10
C SER A 115 -3.76 -14.10 32.65
N SER A 116 -4.30 -15.19 32.10
CA SER A 116 -4.75 -15.24 30.73
C SER A 116 -6.26 -15.08 30.60
N TYR A 117 -6.94 -14.76 31.71
CA TYR A 117 -8.40 -14.56 31.76
C TYR A 117 -9.14 -15.82 31.33
N TYR A 118 -8.59 -16.97 31.73
CA TYR A 118 -9.09 -18.28 31.35
C TYR A 118 -8.70 -19.23 32.46
N GLY A 119 -9.68 -19.87 33.09
CA GLY A 119 -9.39 -20.64 34.29
C GLY A 119 -9.66 -19.76 35.50
N PHE A 120 -9.03 -20.06 36.64
CA PHE A 120 -9.08 -19.17 37.80
C PHE A 120 -8.15 -18.00 37.52
N TYR A 121 -8.70 -16.88 37.06
CA TYR A 121 -7.86 -15.76 36.65
C TYR A 121 -7.86 -14.65 37.70
N GLY A 122 -6.90 -13.75 37.57
CA GLY A 122 -6.77 -12.62 38.48
C GLY A 122 -6.13 -11.44 37.81
N PHE A 123 -6.46 -10.25 38.28
CA PHE A 123 -5.99 -9.01 37.68
C PHE A 123 -6.05 -7.91 38.72
N SER A 124 -5.56 -6.73 38.33
CA SER A 124 -5.55 -5.55 39.19
C SER A 124 -6.25 -4.40 38.46
N TYR A 125 -6.79 -3.46 39.24
CA TYR A 125 -7.47 -2.31 38.67
C TYR A 125 -7.29 -1.09 39.57
N THR A 126 -7.67 0.07 39.03
CA THR A 126 -7.53 1.37 39.69
C THR A 126 -8.92 1.96 39.93
N ASP A 127 -9.16 2.43 41.14
CA ASP A 127 -10.50 2.77 41.61
C ASP A 127 -10.80 4.25 41.37
N GLU A 128 -11.69 4.82 42.19
CA GLU A 128 -12.00 6.25 42.13
C GLU A 128 -10.81 7.10 42.57
N SER A 129 -10.06 6.63 43.57
CA SER A 129 -8.69 7.05 43.79
C SER A 129 -7.76 6.11 43.04
N ASN A 130 -6.48 6.49 42.91
CA ASN A 130 -5.51 5.64 42.22
C ASN A 130 -5.03 4.51 43.14
N GLU A 131 -6.00 3.68 43.52
CA GLU A 131 -5.84 2.59 44.48
C GLU A 131 -5.79 1.28 43.72
N LYS A 132 -4.81 0.45 44.05
CA LYS A 132 -4.65 -0.83 43.38
C LYS A 132 -5.51 -1.85 44.11
N LYS A 133 -6.77 -1.94 43.70
CA LYS A 133 -7.64 -3.00 44.18
C LYS A 133 -7.54 -4.21 43.25
N TYR A 134 -7.75 -5.39 43.83
CA TYR A 134 -7.50 -6.65 43.14
C TYR A 134 -8.81 -7.41 42.97
N PHE A 135 -8.78 -8.44 42.14
CA PHE A 135 -9.99 -9.17 41.77
C PHE A 135 -9.59 -10.52 41.18
N ALA A 136 -10.40 -11.55 41.45
CA ALA A 136 -10.24 -12.84 40.81
C ALA A 136 -11.59 -13.39 40.37
N ALA A 137 -11.57 -14.16 39.29
CA ALA A 137 -12.78 -14.77 38.75
C ALA A 137 -12.43 -16.05 38.00
N THR A 138 -13.47 -16.65 37.41
CA THR A 138 -13.38 -17.99 36.85
C THR A 138 -14.06 -18.03 35.48
N GLN A 139 -13.28 -18.36 34.46
CA GLN A 139 -13.83 -18.65 33.14
C GLN A 139 -13.34 -20.03 32.73
N PHE A 140 -14.27 -20.98 32.58
CA PHE A 140 -13.86 -22.31 32.20
C PHE A 140 -14.47 -22.88 30.93
N GLU A 141 -15.32 -22.12 30.19
CA GLU A 141 -16.34 -22.67 29.27
C GLU A 141 -15.86 -23.80 28.37
N PRO A 142 -14.72 -23.69 27.61
CA PRO A 142 -14.20 -24.92 26.99
C PRO A 142 -13.59 -25.87 28.00
N LEU A 143 -12.27 -25.80 28.20
CA LEU A 143 -11.57 -26.83 28.94
C LEU A 143 -10.59 -26.20 29.94
N ALA A 144 -11.09 -25.36 30.85
CA ALA A 144 -10.24 -24.71 31.84
C ALA A 144 -10.64 -24.99 33.28
N ALA A 145 -11.69 -25.77 33.53
CA ALA A 145 -12.03 -26.17 34.89
C ALA A 145 -10.97 -27.09 35.47
N ARG A 146 -10.30 -27.87 34.61
CA ARG A 146 -9.15 -28.71 34.96
C ARG A 146 -7.91 -27.91 35.35
N SER A 147 -7.85 -26.60 35.04
CA SER A 147 -6.72 -25.76 35.47
C SER A 147 -6.85 -25.29 36.92
N ALA A 148 -8.08 -25.21 37.45
CA ALA A 148 -8.28 -24.78 38.83
C ALA A 148 -8.32 -25.95 39.80
N PHE A 149 -8.93 -27.07 39.41
CA PHE A 149 -9.01 -28.22 40.31
C PHE A 149 -9.14 -29.49 39.48
N PRO A 150 -8.55 -30.60 39.94
CA PRO A 150 -8.72 -31.87 39.21
C PRO A 150 -10.15 -32.37 39.29
N CYS A 151 -10.69 -32.77 38.14
CA CYS A 151 -12.10 -33.14 38.01
C CYS A 151 -12.30 -33.91 36.70
N PHE A 152 -13.55 -34.32 36.48
CA PHE A 152 -13.99 -34.94 35.22
C PHE A 152 -14.51 -33.83 34.32
N ASP A 153 -13.61 -33.22 33.55
CA ASP A 153 -13.93 -31.98 32.83
C ASP A 153 -14.56 -32.27 31.47
N GLU A 154 -15.69 -32.95 31.49
CA GLU A 154 -16.59 -33.01 30.35
C GLU A 154 -17.98 -32.60 30.80
N PRO A 155 -18.78 -31.96 29.92
CA PRO A 155 -20.10 -31.50 30.36
C PRO A 155 -21.09 -32.62 30.65
N ALA A 156 -20.87 -33.83 30.13
CA ALA A 156 -21.76 -34.94 30.43
C ALA A 156 -21.59 -35.46 31.85
N PHE A 157 -20.37 -35.36 32.40
CA PHE A 157 -20.06 -35.89 33.73
C PHE A 157 -20.55 -34.90 34.80
N LYS A 158 -21.88 -34.81 34.91
CA LYS A 158 -22.48 -33.89 35.88
C LYS A 158 -22.32 -34.43 37.30
N ALA A 159 -22.34 -33.50 38.25
CA ALA A 159 -22.23 -33.81 39.68
C ALA A 159 -22.70 -32.61 40.48
N THR A 160 -22.65 -32.75 41.80
CA THR A 160 -22.92 -31.67 42.74
C THR A 160 -21.60 -31.17 43.31
N PHE A 161 -21.58 -29.89 43.69
CA PHE A 161 -20.37 -29.21 44.13
C PHE A 161 -20.61 -28.47 45.43
N ILE A 162 -19.66 -28.57 46.34
CA ILE A 162 -19.59 -27.74 47.54
C ILE A 162 -18.33 -26.89 47.43
N ILE A 163 -18.49 -25.59 47.37
CA ILE A 163 -17.37 -24.65 47.17
C ILE A 163 -17.00 -24.04 48.51
N LYS A 164 -15.72 -24.10 48.85
CA LYS A 164 -15.20 -23.50 50.07
C LYS A 164 -13.97 -22.68 49.71
N ILE A 165 -13.95 -21.40 50.08
CA ILE A 165 -12.85 -20.51 49.74
C ILE A 165 -12.50 -19.61 50.92
N ILE A 166 -11.19 -19.37 51.10
CA ILE A 166 -10.67 -18.52 52.17
C ILE A 166 -10.50 -17.12 51.60
N ARG A 167 -11.03 -16.12 52.28
CA ARG A 167 -10.98 -14.75 51.77
C ARG A 167 -10.42 -13.82 52.84
N ASP A 168 -10.29 -12.54 52.48
CA ASP A 168 -10.04 -11.45 53.42
C ASP A 168 -11.29 -10.58 53.46
N GLU A 169 -11.75 -10.27 54.68
CA GLU A 169 -12.99 -9.57 55.07
C GLU A 169 -13.49 -8.50 54.08
N GLN A 170 -12.56 -7.70 53.59
CA GLN A 170 -12.84 -6.69 52.57
C GLN A 170 -13.36 -7.31 51.26
N TYR A 171 -12.73 -8.39 50.79
CA TYR A 171 -13.10 -9.01 49.51
C TYR A 171 -14.34 -9.89 49.68
N THR A 172 -15.39 -9.59 48.93
CA THR A 172 -16.57 -10.46 48.88
C THR A 172 -16.25 -11.71 48.06
N ALA A 173 -16.67 -12.87 48.55
CA ALA A 173 -16.52 -14.13 47.83
C ALA A 173 -17.87 -14.67 47.41
N LEU A 174 -17.99 -15.05 46.14
CA LEU A 174 -19.23 -15.56 45.58
C LEU A 174 -18.96 -16.87 44.84
N SER A 175 -20.02 -17.62 44.60
CA SER A 175 -19.94 -18.83 43.79
C SER A 175 -21.28 -19.05 43.11
N ASN A 176 -21.58 -20.29 42.73
CA ASN A 176 -22.82 -20.60 42.03
C ASN A 176 -24.01 -20.60 42.99
N MET A 177 -23.87 -21.30 44.11
CA MET A 177 -24.92 -21.50 45.09
C MET A 177 -24.88 -20.42 46.17
N PRO A 178 -26.01 -20.20 46.87
CA PRO A 178 -25.99 -19.28 48.02
C PRO A 178 -25.05 -19.73 49.14
N LYS A 179 -24.59 -18.76 49.92
CA LYS A 179 -23.58 -19.00 50.93
C LYS A 179 -24.19 -19.54 52.21
N LYS A 180 -23.55 -20.55 52.80
CA LYS A 180 -24.07 -21.22 53.98
C LYS A 180 -23.34 -20.82 55.25
N SER A 181 -22.02 -21.00 55.30
CA SER A 181 -21.26 -20.79 56.54
C SER A 181 -20.04 -19.91 56.24
N SER A 182 -20.07 -18.68 56.73
CA SER A 182 -18.95 -17.75 56.66
C SER A 182 -18.42 -17.58 58.07
N VAL A 183 -17.33 -18.27 58.40
CA VAL A 183 -16.77 -18.26 59.75
C VAL A 183 -15.44 -17.52 59.74
N VAL A 184 -15.19 -16.78 60.82
CA VAL A 184 -13.95 -16.02 61.00
C VAL A 184 -12.89 -16.96 61.55
N LEU A 185 -11.67 -16.85 61.02
CA LEU A 185 -10.56 -17.66 61.48
C LEU A 185 -9.61 -16.79 62.30
N ASP A 186 -8.93 -17.42 63.27
CA ASP A 186 -7.97 -16.75 64.15
C ASP A 186 -6.78 -16.12 63.43
N ASP A 187 -6.48 -16.55 62.20
CA ASP A 187 -5.49 -15.88 61.36
C ASP A 187 -5.91 -14.45 61.01
N GLY A 188 -7.19 -14.14 61.07
CA GLY A 188 -7.71 -12.84 60.68
C GLY A 188 -8.42 -12.86 59.35
N LEU A 189 -8.79 -14.03 58.85
CA LEU A 189 -9.27 -14.23 57.50
C LEU A 189 -10.61 -14.95 57.58
N VAL A 190 -11.53 -14.60 56.70
CA VAL A 190 -12.86 -15.20 56.71
C VAL A 190 -12.89 -16.35 55.71
N GLN A 191 -13.45 -17.49 56.12
CA GLN A 191 -13.69 -18.61 55.22
C GLN A 191 -15.19 -18.74 54.97
N ASP A 192 -15.57 -18.71 53.70
CA ASP A 192 -16.95 -18.84 53.28
C ASP A 192 -17.20 -20.23 52.70
N GLU A 193 -18.34 -20.82 53.04
CA GLU A 193 -18.80 -22.05 52.43
C GLU A 193 -20.19 -21.80 51.85
N PHE A 194 -20.40 -22.24 50.62
CA PHE A 194 -21.65 -22.08 49.92
C PHE A 194 -22.39 -23.41 49.91
N SER A 195 -23.68 -23.35 49.61
CA SER A 195 -24.54 -24.54 49.67
C SER A 195 -24.12 -25.54 48.59
N GLU A 196 -24.52 -26.79 48.80
CA GLU A 196 -24.21 -27.84 47.82
C GLU A 196 -25.03 -27.62 46.56
N SER A 197 -24.40 -27.82 45.41
CA SER A 197 -25.01 -27.52 44.13
C SER A 197 -26.09 -28.53 43.78
N VAL A 198 -26.83 -28.21 42.73
CA VAL A 198 -27.65 -29.17 42.02
C VAL A 198 -26.72 -29.83 41.00
N LYS A 199 -27.24 -30.79 40.23
CA LYS A 199 -26.40 -31.55 39.32
C LYS A 199 -26.05 -30.68 38.12
N MET A 200 -24.78 -30.30 38.00
CA MET A 200 -24.33 -29.35 37.01
C MET A 200 -23.02 -29.82 36.39
N SER A 201 -22.71 -29.27 35.23
CA SER A 201 -21.48 -29.61 34.52
C SER A 201 -20.31 -28.78 35.06
N THR A 202 -19.10 -29.28 34.80
CA THR A 202 -17.90 -28.66 35.36
C THR A 202 -17.58 -27.30 34.74
N TYR A 203 -17.96 -27.09 33.48
CA TYR A 203 -17.67 -25.82 32.81
C TYR A 203 -18.54 -24.68 33.33
N LEU A 204 -19.58 -24.97 34.11
CA LEU A 204 -20.49 -23.96 34.64
C LEU A 204 -20.21 -23.58 36.09
N VAL A 205 -19.27 -24.27 36.74
CA VAL A 205 -18.89 -23.89 38.10
C VAL A 205 -18.19 -22.53 38.05
N ALA A 206 -18.40 -21.71 39.07
CA ALA A 206 -17.81 -20.38 39.11
C ALA A 206 -17.53 -19.97 40.54
N PHE A 207 -16.48 -19.17 40.72
CA PHE A 207 -16.21 -18.55 42.01
C PHE A 207 -15.39 -17.28 41.82
N ILE A 208 -15.73 -16.25 42.60
CA ILE A 208 -15.26 -14.89 42.38
C ILE A 208 -14.87 -14.28 43.72
N VAL A 209 -13.67 -13.68 43.80
CA VAL A 209 -13.18 -13.03 45.02
C VAL A 209 -12.81 -11.59 44.67
N GLY A 210 -13.69 -10.64 44.96
CA GLY A 210 -13.41 -9.24 44.67
C GLY A 210 -14.19 -8.27 45.53
N GLU A 211 -13.62 -7.08 45.70
CA GLU A 211 -14.23 -6.01 46.51
C GLU A 211 -15.39 -5.41 45.72
N MET A 212 -16.62 -5.78 46.08
CA MET A 212 -17.79 -5.37 45.33
C MET A 212 -18.90 -4.91 46.30
N LYS A 213 -19.95 -4.35 45.72
CA LYS A 213 -21.19 -4.08 46.44
C LYS A 213 -22.33 -4.76 45.69
N ASN A 214 -23.58 -4.44 46.03
CA ASN A 214 -24.68 -5.14 45.38
C ASN A 214 -25.91 -4.24 45.31
N LEU A 215 -26.75 -4.50 44.31
CA LEU A 215 -28.08 -3.91 44.18
C LEU A 215 -29.05 -5.08 43.98
N SER A 216 -29.54 -5.64 45.06
CA SER A 216 -30.34 -6.86 45.01
C SER A 216 -31.83 -6.56 45.12
N GLN A 217 -32.63 -7.54 44.71
CA GLN A 217 -34.09 -7.45 44.82
C GLN A 217 -34.65 -8.87 44.81
N ASP A 218 -35.45 -9.19 45.82
CA ASP A 218 -36.10 -10.49 45.88
C ASP A 218 -37.42 -10.49 45.11
N VAL A 219 -37.68 -11.60 44.42
CA VAL A 219 -38.94 -11.89 43.74
C VAL A 219 -39.23 -13.39 43.86
N ASN A 220 -40.34 -13.74 44.52
CA ASN A 220 -40.86 -15.13 44.57
C ASN A 220 -39.82 -16.04 45.26
N GLY A 221 -39.19 -15.53 46.31
CA GLY A 221 -38.10 -16.25 46.92
C GLY A 221 -36.77 -16.22 46.18
N THR A 222 -36.77 -15.87 44.88
CA THR A 222 -35.56 -15.75 44.08
C THR A 222 -34.96 -14.36 44.30
N LEU A 223 -33.74 -14.33 44.78
CA LEU A 223 -33.06 -13.07 45.12
C LEU A 223 -32.10 -12.74 43.98
N VAL A 224 -32.59 -11.96 43.02
CA VAL A 224 -31.78 -11.49 41.91
C VAL A 224 -30.90 -10.36 42.41
N SER A 225 -29.60 -10.44 42.13
CA SER A 225 -28.63 -9.49 42.67
C SER A 225 -27.59 -9.18 41.61
N ILE A 226 -27.14 -7.93 41.58
CA ILE A 226 -26.07 -7.50 40.68
C ILE A 226 -24.90 -6.99 41.50
N TYR A 227 -23.74 -7.56 41.25
CA TYR A 227 -22.52 -7.20 41.98
C TYR A 227 -21.57 -6.46 41.04
N ALA A 228 -21.01 -5.36 41.53
CA ALA A 228 -20.05 -4.57 40.78
C ALA A 228 -19.13 -3.84 41.75
N VAL A 229 -18.05 -3.29 41.21
CA VAL A 229 -17.09 -2.47 41.97
C VAL A 229 -17.83 -1.27 42.56
N PRO A 230 -17.58 -0.91 43.85
CA PRO A 230 -18.43 0.06 44.59
C PRO A 230 -18.74 1.39 43.91
N GLU A 231 -17.89 1.85 43.02
CA GLU A 231 -18.07 3.13 42.35
C GLU A 231 -19.07 3.07 41.20
N LYS A 232 -19.71 1.93 40.93
CA LYS A 232 -20.53 1.78 39.73
C LYS A 232 -21.90 1.18 39.99
N ILE A 233 -22.33 1.12 41.26
CA ILE A 233 -23.62 0.51 41.62
C ILE A 233 -24.79 1.36 41.15
N GLY A 234 -24.58 2.65 40.92
CA GLY A 234 -25.65 3.49 40.41
C GLY A 234 -26.06 3.22 38.98
N GLN A 235 -25.20 2.54 38.20
CA GLN A 235 -25.46 2.31 36.78
C GLN A 235 -25.89 0.88 36.47
N VAL A 236 -26.36 0.14 37.46
CA VAL A 236 -26.79 -1.25 37.24
C VAL A 236 -28.30 -1.39 37.37
N HIS A 237 -29.04 -0.27 37.41
CA HIS A 237 -30.47 -0.34 37.70
C HIS A 237 -31.28 -0.82 36.50
N TYR A 238 -30.87 -0.45 35.27
CA TYR A 238 -31.53 -1.02 34.10
C TYR A 238 -31.26 -2.51 33.98
N ALA A 239 -30.10 -2.98 34.44
CA ALA A 239 -29.81 -4.40 34.34
C ALA A 239 -30.72 -5.21 35.25
N LEU A 240 -30.92 -4.75 36.50
CA LEU A 240 -31.77 -5.49 37.44
C LEU A 240 -33.23 -5.45 37.04
N GLU A 241 -33.70 -4.30 36.54
CA GLU A 241 -35.07 -4.17 36.07
C GLU A 241 -35.32 -5.06 34.86
N THR A 242 -34.29 -5.28 34.05
CA THR A 242 -34.41 -6.17 32.89
C THR A 242 -34.20 -7.63 33.28
N THR A 243 -33.31 -7.91 34.24
CA THR A 243 -33.04 -9.27 34.69
C THR A 243 -34.25 -9.88 35.40
N VAL A 244 -35.16 -9.05 35.90
CA VAL A 244 -36.34 -9.52 36.59
C VAL A 244 -37.50 -9.77 35.62
N LYS A 245 -37.72 -8.88 34.65
CA LYS A 245 -38.78 -9.07 33.66
C LYS A 245 -38.53 -10.28 32.76
N LEU A 246 -37.27 -10.67 32.60
CA LEU A 246 -36.90 -11.83 31.81
C LEU A 246 -36.91 -13.13 32.60
N LEU A 247 -36.52 -13.09 33.89
CA LEU A 247 -36.60 -14.28 34.73
C LEU A 247 -38.05 -14.68 34.95
N GLU A 248 -38.96 -13.70 34.96
CA GLU A 248 -40.39 -14.01 34.94
C GLU A 248 -40.79 -14.62 33.60
N PHE A 249 -40.31 -14.04 32.49
CA PHE A 249 -40.76 -14.46 31.16
C PHE A 249 -40.31 -15.86 30.83
N PHE A 250 -39.03 -16.15 31.05
CA PHE A 250 -38.48 -17.46 30.70
C PHE A 250 -39.08 -18.56 31.58
N GLN A 251 -39.33 -18.24 32.85
CA GLN A 251 -39.97 -19.20 33.76
C GLN A 251 -41.36 -19.58 33.28
N ASN A 252 -42.15 -18.59 32.86
CA ASN A 252 -43.49 -18.88 32.38
C ASN A 252 -43.50 -19.35 30.93
N TYR A 253 -42.42 -19.12 30.19
CA TYR A 253 -42.30 -19.72 28.85
C TYR A 253 -41.86 -21.16 28.94
N PHE A 254 -40.81 -21.44 29.72
CA PHE A 254 -40.29 -22.80 29.83
C PHE A 254 -41.14 -23.67 30.76
N GLU A 255 -42.02 -23.04 31.57
CA GLU A 255 -42.90 -23.69 32.55
C GLU A 255 -42.12 -24.49 33.60
N ILE A 256 -40.87 -24.09 33.86
CA ILE A 256 -40.04 -24.63 34.93
C ILE A 256 -39.50 -23.44 35.73
N GLN A 257 -39.48 -23.58 37.05
CA GLN A 257 -38.98 -22.55 37.94
C GLN A 257 -37.44 -22.53 37.87
N TYR A 258 -36.87 -21.34 38.05
CA TYR A 258 -35.44 -21.15 38.23
C TYR A 258 -34.92 -22.06 39.34
N PRO A 259 -33.97 -22.96 39.04
CA PRO A 259 -33.74 -24.12 39.92
C PRO A 259 -33.13 -23.78 41.27
N LEU A 260 -32.36 -22.70 41.32
CA LEU A 260 -31.52 -22.34 42.46
C LEU A 260 -32.20 -21.22 43.24
N LYS A 261 -31.58 -20.81 44.34
CA LYS A 261 -32.14 -19.76 45.15
C LYS A 261 -31.63 -18.37 44.82
N LYS A 262 -30.43 -18.26 44.26
CA LYS A 262 -29.80 -16.98 43.99
C LYS A 262 -29.55 -16.82 42.49
N LEU A 263 -29.55 -15.56 42.05
CA LEU A 263 -29.20 -15.21 40.67
C LEU A 263 -28.32 -13.97 40.77
N ASP A 264 -27.00 -14.19 40.71
CA ASP A 264 -26.04 -13.10 40.84
C ASP A 264 -25.44 -12.78 39.48
N LEU A 265 -25.35 -11.48 39.18
CA LEU A 265 -24.80 -10.97 37.94
C LEU A 265 -23.61 -10.09 38.29
N VAL A 266 -22.43 -10.46 37.81
CA VAL A 266 -21.19 -9.82 38.21
C VAL A 266 -20.63 -9.03 37.03
N ALA A 267 -20.33 -7.76 37.26
CA ALA A 267 -19.67 -6.91 36.27
C ALA A 267 -18.18 -6.84 36.62
N ILE A 268 -17.40 -7.68 35.96
CA ILE A 268 -15.96 -7.79 36.27
C ILE A 268 -15.22 -6.57 35.75
N PRO A 269 -14.35 -5.91 36.57
CA PRO A 269 -13.69 -4.66 36.18
C PRO A 269 -12.43 -4.85 35.34
N ASP A 270 -12.53 -5.67 34.28
CA ASP A 270 -11.46 -5.78 33.31
C ASP A 270 -12.10 -5.93 31.93
N PHE A 271 -11.43 -5.37 30.93
CA PHE A 271 -11.98 -5.39 29.58
C PHE A 271 -11.77 -6.71 28.86
N GLU A 272 -10.91 -7.58 29.36
CA GLU A 272 -10.65 -8.87 28.75
C GLU A 272 -11.28 -10.00 29.58
N ALA A 273 -12.45 -9.75 30.15
CA ALA A 273 -13.06 -10.66 31.11
C ALA A 273 -13.97 -11.68 30.42
N GLY A 274 -14.28 -12.75 31.16
CA GLY A 274 -15.15 -13.80 30.65
C GLY A 274 -16.62 -13.49 30.90
N ALA A 275 -17.43 -13.70 29.86
CA ALA A 275 -18.87 -13.44 29.91
C ALA A 275 -19.61 -14.75 29.63
N MET A 276 -19.63 -15.62 30.62
CA MET A 276 -20.25 -16.93 30.49
C MET A 276 -21.52 -17.04 31.31
N GLU A 277 -22.32 -18.06 30.97
CA GLU A 277 -23.63 -18.38 31.51
C GLU A 277 -23.59 -19.24 32.76
N ASN A 278 -22.56 -19.04 33.60
CA ASN A 278 -22.39 -19.76 34.87
C ASN A 278 -23.63 -19.71 35.73
N TRP A 279 -24.03 -20.88 36.23
CA TRP A 279 -25.34 -21.06 36.85
C TRP A 279 -25.33 -20.31 38.17
N GLY A 280 -26.25 -19.37 38.34
CA GLY A 280 -26.24 -18.57 39.56
C GLY A 280 -25.30 -17.38 39.54
N LEU A 281 -24.08 -17.55 39.04
CA LEU A 281 -23.06 -16.51 39.01
C LEU A 281 -22.80 -16.08 37.56
N LEU A 282 -23.79 -15.41 36.97
CA LEU A 282 -23.67 -14.95 35.59
C LEU A 282 -22.60 -13.85 35.50
N THR A 283 -21.54 -14.13 34.76
CA THR A 283 -20.43 -13.20 34.62
C THR A 283 -20.60 -12.37 33.35
N PHE A 284 -20.31 -11.08 33.47
CA PHE A 284 -20.35 -10.15 32.35
C PHE A 284 -19.11 -9.26 32.42
N ARG A 285 -18.95 -8.39 31.45
CA ARG A 285 -17.97 -7.33 31.56
C ARG A 285 -18.65 -6.09 32.10
N GLU A 286 -17.84 -5.16 32.63
CA GLU A 286 -18.39 -3.99 33.32
C GLU A 286 -19.16 -3.10 32.36
N GLU A 287 -18.58 -2.81 31.20
CA GLU A 287 -19.23 -2.01 30.17
C GLU A 287 -20.48 -2.67 29.58
N THR A 288 -20.61 -4.00 29.70
CA THR A 288 -21.76 -4.71 29.18
C THR A 288 -23.01 -4.51 30.04
N LEU A 289 -22.86 -4.13 31.31
CA LEU A 289 -24.01 -3.97 32.20
C LEU A 289 -24.26 -2.53 32.64
N LEU A 290 -23.35 -1.60 32.38
CA LEU A 290 -23.58 -0.21 32.75
C LEU A 290 -24.48 0.47 31.73
N TYR A 291 -25.53 1.10 32.23
CA TYR A 291 -26.43 1.88 31.41
C TYR A 291 -26.91 3.06 32.25
N ASP A 292 -27.16 4.18 31.59
CA ASP A 292 -27.74 5.33 32.25
C ASP A 292 -28.82 5.85 31.31
N SER A 293 -30.02 6.07 31.86
CA SER A 293 -31.19 6.41 31.06
C SER A 293 -31.10 7.80 30.42
N ASN A 294 -30.16 8.64 30.88
CA ASN A 294 -29.98 9.96 30.32
C ASN A 294 -28.76 10.06 29.39
N THR A 295 -27.70 9.27 29.59
CA THR A 295 -26.50 9.42 28.77
C THR A 295 -26.24 8.32 27.75
N SER A 296 -26.77 7.11 27.95
CA SER A 296 -26.44 6.03 27.04
C SER A 296 -27.37 6.03 25.83
N SER A 297 -26.97 5.29 24.81
CA SER A 297 -27.67 5.29 23.53
C SER A 297 -28.72 4.21 23.49
N MET A 298 -29.50 4.23 22.41
CA MET A 298 -30.46 3.15 22.16
C MET A 298 -29.74 1.85 21.86
N ALA A 299 -28.70 1.90 21.03
CA ALA A 299 -27.88 0.71 20.76
C ALA A 299 -27.12 0.27 22.02
N ASP A 300 -26.82 1.20 22.92
CA ASP A 300 -26.30 0.82 24.22
C ASP A 300 -27.35 0.15 25.09
N ARG A 301 -28.63 0.48 24.89
CA ARG A 301 -29.70 -0.17 25.64
C ARG A 301 -29.99 -1.56 25.12
N LYS A 302 -29.98 -1.73 23.79
CA LYS A 302 -30.28 -3.03 23.19
C LYS A 302 -29.24 -4.07 23.55
N LEU A 303 -27.98 -3.66 23.66
CA LEU A 303 -26.89 -4.61 23.96
C LEU A 303 -27.03 -5.18 25.36
N VAL A 304 -27.30 -4.33 26.35
CA VAL A 304 -27.51 -4.80 27.72
C VAL A 304 -28.78 -5.65 27.82
N THR A 305 -29.83 -5.25 27.11
CA THR A 305 -31.10 -5.96 27.19
C THR A 305 -31.01 -7.34 26.52
N LYS A 306 -30.15 -7.50 25.51
CA LYS A 306 -29.93 -8.78 24.86
C LYS A 306 -28.90 -9.66 25.56
N ILE A 307 -27.86 -9.08 26.17
CA ILE A 307 -26.82 -9.93 26.77
C ILE A 307 -27.35 -10.55 28.06
N ILE A 308 -28.30 -9.88 28.74
CA ILE A 308 -28.90 -10.48 29.91
C ILE A 308 -29.84 -11.61 29.51
N ALA A 309 -30.59 -11.43 28.41
CA ALA A 309 -31.56 -12.42 27.97
C ALA A 309 -30.88 -13.71 27.49
N HIS A 310 -29.77 -13.56 26.74
CA HIS A 310 -28.94 -14.69 26.32
C HIS A 310 -28.50 -15.53 27.50
N GLU A 311 -27.79 -14.90 28.45
CA GLU A 311 -27.24 -15.63 29.57
C GLU A 311 -28.32 -16.10 30.54
N LEU A 312 -29.50 -15.47 30.55
CA LEU A 312 -30.60 -15.97 31.36
C LEU A 312 -31.27 -17.20 30.73
N ALA A 313 -31.29 -17.28 29.40
CA ALA A 313 -31.90 -18.43 28.75
C ALA A 313 -31.08 -19.70 28.95
N HIS A 314 -29.77 -19.58 29.14
CA HIS A 314 -28.95 -20.76 29.39
C HIS A 314 -29.20 -21.39 30.75
N GLN A 315 -29.76 -20.65 31.72
CA GLN A 315 -30.05 -21.21 33.03
C GLN A 315 -31.11 -22.32 32.97
N TRP A 316 -31.85 -22.40 31.87
CA TRP A 316 -32.66 -23.55 31.53
C TRP A 316 -32.00 -24.35 30.42
N PHE A 317 -31.88 -23.76 29.23
CA PHE A 317 -31.41 -24.47 28.04
C PHE A 317 -29.89 -24.33 28.01
N GLY A 318 -29.19 -25.32 28.57
CA GLY A 318 -27.74 -25.28 28.48
C GLY A 318 -27.04 -25.55 29.79
N ASN A 319 -27.72 -25.27 30.90
CA ASN A 319 -27.22 -25.59 32.23
C ASN A 319 -28.08 -26.62 32.95
N LEU A 320 -29.41 -26.46 32.90
CA LEU A 320 -30.31 -27.52 33.36
C LEU A 320 -30.22 -28.74 32.47
N VAL A 321 -30.32 -28.51 31.16
CA VAL A 321 -30.18 -29.56 30.15
C VAL A 321 -28.98 -29.19 29.30
N THR A 322 -27.84 -29.84 29.57
CA THR A 322 -26.58 -29.53 28.90
C THR A 322 -26.37 -30.43 27.69
N MET A 323 -25.53 -29.95 26.77
CA MET A 323 -25.12 -30.78 25.66
C MET A 323 -23.94 -31.66 26.09
N LYS A 324 -23.84 -32.84 25.47
CA LYS A 324 -22.86 -33.83 25.91
C LYS A 324 -21.46 -33.50 25.44
N TRP A 325 -21.31 -33.01 24.21
CA TRP A 325 -20.00 -32.67 23.68
C TRP A 325 -20.08 -31.34 22.95
N TRP A 326 -18.91 -30.80 22.61
CA TRP A 326 -18.72 -29.54 21.90
C TRP A 326 -19.16 -29.57 20.44
N ASN A 327 -19.55 -30.73 19.91
CA ASN A 327 -20.18 -30.81 18.59
C ASN A 327 -21.51 -30.08 18.51
N ASP A 328 -22.17 -29.82 19.66
CA ASP A 328 -23.52 -29.29 19.68
C ASP A 328 -23.59 -27.94 20.37
N LEU A 329 -22.46 -27.23 20.48
CA LEU A 329 -22.44 -25.90 21.08
C LEU A 329 -23.19 -24.90 20.22
N TRP A 330 -23.28 -25.14 18.91
CA TRP A 330 -24.11 -24.34 18.02
C TRP A 330 -25.58 -24.38 18.42
N LEU A 331 -26.03 -25.47 19.04
CA LEU A 331 -27.45 -25.57 19.42
C LEU A 331 -27.72 -24.82 20.73
N ASN A 332 -26.81 -24.92 21.70
CA ASN A 332 -26.97 -24.21 22.97
C ASN A 332 -26.91 -22.70 22.75
N GLU A 333 -25.88 -22.24 22.08
CA GLU A 333 -25.73 -20.81 21.86
C GLU A 333 -26.65 -20.30 20.76
N GLY A 334 -27.09 -21.17 19.85
CA GLY A 334 -28.07 -20.76 18.86
C GLY A 334 -29.45 -20.60 19.44
N PHE A 335 -29.76 -21.36 20.49
CA PHE A 335 -31.08 -21.22 21.12
C PHE A 335 -31.16 -19.95 21.93
N ALA A 336 -30.05 -19.60 22.62
CA ALA A 336 -30.06 -18.39 23.42
C ALA A 336 -29.99 -17.14 22.55
N THR A 337 -29.23 -17.21 21.45
CA THR A 337 -29.25 -16.13 20.47
C THR A 337 -30.63 -15.94 19.86
N PHE A 338 -31.36 -17.04 19.69
CA PHE A 338 -32.77 -16.94 19.32
C PHE A 338 -33.61 -16.36 20.46
N MET A 339 -33.35 -16.78 21.70
CA MET A 339 -34.16 -16.33 22.83
C MET A 339 -33.90 -14.87 23.16
N GLU A 340 -32.75 -14.32 22.75
CA GLU A 340 -32.51 -12.89 22.82
C GLU A 340 -33.59 -12.13 22.09
N TYR A 341 -33.76 -12.43 20.82
CA TYR A 341 -34.68 -11.68 19.99
C TYR A 341 -36.13 -12.11 20.21
N PHE A 342 -36.34 -13.30 20.76
CA PHE A 342 -37.71 -13.75 21.02
C PHE A 342 -38.25 -13.16 22.33
N SER A 343 -37.43 -13.09 23.37
CA SER A 343 -37.90 -12.53 24.62
C SER A 343 -38.05 -11.02 24.52
N LEU A 344 -37.14 -10.38 23.79
CA LEU A 344 -37.16 -8.93 23.62
C LEU A 344 -38.10 -8.46 22.54
N GLU A 345 -38.99 -9.33 22.08
CA GLU A 345 -40.06 -8.98 21.16
CA GLU A 345 -40.06 -8.90 21.21
C GLU A 345 -41.43 -9.07 21.84
N LYS A 346 -41.55 -9.85 22.91
CA LYS A 346 -42.78 -9.98 23.67
C LYS A 346 -42.84 -9.01 24.84
N ILE A 347 -41.72 -8.78 25.52
CA ILE A 347 -41.68 -7.87 26.66
C ILE A 347 -40.80 -6.65 26.43
N PHE A 348 -40.07 -6.58 25.32
CA PHE A 348 -39.32 -5.37 24.98
C PHE A 348 -39.52 -5.00 23.51
N LYS A 349 -40.79 -5.06 23.04
CA LYS A 349 -41.14 -4.83 21.64
C LYS A 349 -40.83 -3.41 21.16
N GLU A 350 -40.69 -2.46 22.08
CA GLU A 350 -40.36 -1.07 21.74
C GLU A 350 -38.99 -0.94 21.10
N LEU A 351 -38.05 -1.83 21.44
CA LEU A 351 -36.68 -1.71 20.96
C LEU A 351 -36.53 -2.08 19.49
N SER A 352 -37.53 -2.77 18.90
CA SER A 352 -37.52 -3.22 17.51
C SER A 352 -36.31 -4.11 17.22
N SER A 353 -36.16 -5.16 18.03
CA SER A 353 -35.00 -6.05 17.95
C SER A 353 -35.01 -6.91 16.70
N TYR A 354 -36.16 -7.03 16.02
CA TYR A 354 -36.24 -7.78 14.77
C TYR A 354 -35.39 -7.17 13.68
N GLU A 355 -35.14 -5.85 13.75
CA GLU A 355 -34.23 -5.21 12.80
C GLU A 355 -32.78 -5.65 13.01
N ASP A 356 -32.42 -6.05 14.24
CA ASP A 356 -31.07 -6.51 14.53
C ASP A 356 -30.86 -7.97 14.11
N PHE A 357 -31.85 -8.82 14.41
CA PHE A 357 -31.79 -10.21 13.98
C PHE A 357 -31.78 -10.35 12.47
N LEU A 358 -32.50 -9.45 11.77
CA LEU A 358 -32.53 -9.50 10.31
C LEU A 358 -31.20 -9.09 9.71
N ASP A 359 -30.55 -8.06 10.26
CA ASP A 359 -29.21 -7.70 9.79
C ASP A 359 -28.21 -8.79 10.12
N ALA A 360 -28.32 -9.39 11.31
CA ALA A 360 -27.42 -10.47 11.71
C ALA A 360 -27.60 -11.70 10.84
N ARG A 361 -28.82 -11.94 10.35
CA ARG A 361 -29.07 -13.05 9.45
C ARG A 361 -28.66 -12.73 8.02
N PHE A 362 -28.70 -11.45 7.63
CA PHE A 362 -28.10 -11.01 6.36
C PHE A 362 -26.60 -11.28 6.34
N LYS A 363 -25.91 -10.95 7.43
CA LYS A 363 -24.46 -11.11 7.44
C LYS A 363 -24.04 -12.55 7.65
N THR A 364 -24.87 -13.33 8.35
CA THR A 364 -24.58 -14.75 8.51
C THR A 364 -24.67 -15.48 7.17
N MET A 365 -25.62 -15.07 6.33
CA MET A 365 -25.77 -15.67 5.01
C MET A 365 -24.63 -15.30 4.06
N LYS A 366 -24.01 -14.15 4.26
CA LYS A 366 -22.94 -13.79 3.32
C LYS A 366 -21.67 -14.60 3.59
N LYS A 367 -21.42 -14.94 4.84
CA LYS A 367 -20.21 -15.70 5.18
C LYS A 367 -20.46 -17.20 5.20
N ASP A 368 -21.72 -17.63 5.28
CA ASP A 368 -22.05 -19.03 5.05
C ASP A 368 -22.12 -19.39 3.58
N SER A 369 -22.22 -18.39 2.70
CA SER A 369 -22.30 -18.67 1.27
C SER A 369 -20.95 -18.98 0.67
N LEU A 370 -19.88 -18.46 1.28
CA LEU A 370 -18.50 -18.72 0.87
C LEU A 370 -18.19 -20.21 0.90
N ASN A 371 -17.31 -20.66 0.00
CA ASN A 371 -16.99 -22.09 -0.06
C ASN A 371 -16.15 -22.52 1.14
N SER A 372 -15.46 -21.59 1.79
CA SER A 372 -14.79 -21.83 3.07
C SER A 372 -15.75 -22.08 4.24
N SER A 373 -17.07 -21.93 4.07
CA SER A 373 -18.00 -22.28 5.14
C SER A 373 -18.00 -23.78 5.39
N HIS A 374 -18.55 -24.17 6.52
CA HIS A 374 -18.47 -25.54 6.97
C HIS A 374 -19.84 -25.93 7.52
N PRO A 375 -20.19 -27.22 7.47
CA PRO A 375 -21.40 -27.68 8.17
C PRO A 375 -21.27 -27.43 9.67
N ILE A 376 -22.39 -27.02 10.28
CA ILE A 376 -22.36 -26.67 11.70
C ILE A 376 -22.14 -27.91 12.55
N SER A 377 -22.80 -29.02 12.21
CA SER A 377 -22.58 -30.28 12.90
C SER A 377 -21.34 -30.94 12.31
N SER A 378 -20.27 -31.00 13.11
CA SER A 378 -19.04 -31.63 12.66
C SER A 378 -18.62 -32.69 13.68
N SER A 379 -17.46 -33.29 13.50
CA SER A 379 -16.89 -34.23 14.46
C SER A 379 -15.77 -33.54 15.20
N VAL A 380 -15.83 -33.57 16.52
CA VAL A 380 -14.87 -32.86 17.35
C VAL A 380 -14.07 -33.91 18.11
N GLN A 381 -12.90 -34.24 17.59
CA GLN A 381 -11.98 -35.20 18.20
C GLN A 381 -10.61 -34.58 18.47
N SER A 382 -10.50 -33.26 18.35
CA SER A 382 -9.28 -32.52 18.62
C SER A 382 -9.61 -31.30 19.46
N SER A 383 -8.61 -30.83 20.21
CA SER A 383 -8.83 -29.66 21.08
C SER A 383 -8.94 -28.38 20.28
N GLU A 384 -8.24 -28.29 19.14
CA GLU A 384 -8.42 -27.16 18.24
C GLU A 384 -9.83 -27.15 17.67
N GLN A 385 -10.37 -28.34 17.38
CA GLN A 385 -11.76 -28.44 16.92
C GLN A 385 -12.74 -28.01 18.00
N ILE A 386 -12.44 -28.25 19.29
CA ILE A 386 -13.24 -27.69 20.38
C ILE A 386 -13.21 -26.17 20.33
N GLU A 387 -12.01 -25.61 20.25
CA GLU A 387 -11.84 -24.16 20.30
C GLU A 387 -12.10 -23.48 18.97
N GLU A 388 -12.54 -24.23 17.95
CA GLU A 388 -13.07 -23.68 16.72
C GLU A 388 -14.56 -23.93 16.53
N MET A 389 -15.21 -24.61 17.48
CA MET A 389 -16.68 -24.58 17.57
C MET A 389 -17.20 -23.26 18.09
N PHE A 390 -16.32 -22.38 18.56
CA PHE A 390 -16.72 -21.09 19.14
C PHE A 390 -16.73 -20.04 18.04
N ASP A 391 -17.72 -20.18 17.16
CA ASP A 391 -17.91 -19.27 16.03
C ASP A 391 -19.25 -18.60 16.18
N SER A 392 -19.26 -17.26 16.11
CA SER A 392 -20.49 -16.50 16.19
C SER A 392 -21.39 -16.77 14.98
N LEU A 393 -20.80 -17.13 13.85
CA LEU A 393 -21.58 -17.50 12.66
C LEU A 393 -22.42 -18.74 12.93
N SER A 394 -21.82 -19.76 13.54
CA SER A 394 -22.54 -20.99 13.83
C SER A 394 -23.64 -20.76 14.85
N TYR A 395 -23.41 -19.82 15.76
CA TYR A 395 -24.43 -19.46 16.74
C TYR A 395 -25.59 -18.72 16.08
N PHE A 396 -25.32 -17.93 15.05
CA PHE A 396 -26.38 -17.16 14.41
C PHE A 396 -27.08 -17.95 13.31
N LYS A 397 -26.37 -18.90 12.69
CA LYS A 397 -27.04 -19.83 11.79
C LYS A 397 -27.97 -20.75 12.57
N GLY A 398 -27.57 -21.15 13.78
CA GLY A 398 -28.42 -22.01 14.60
C GLY A 398 -29.69 -21.32 15.05
N SER A 399 -29.59 -20.03 15.39
CA SER A 399 -30.80 -19.26 15.69
C SER A 399 -31.64 -19.05 14.45
N SER A 400 -31.01 -18.99 13.28
CA SER A 400 -31.74 -18.84 12.03
C SER A 400 -32.50 -20.11 11.68
N LEU A 401 -31.96 -21.28 12.04
CA LEU A 401 -32.68 -22.53 11.80
C LEU A 401 -33.83 -22.68 12.78
N LEU A 402 -33.64 -22.24 14.03
CA LEU A 402 -34.69 -22.35 15.03
C LEU A 402 -35.83 -21.37 14.78
N LEU A 403 -35.52 -20.22 14.16
CA LEU A 403 -36.57 -19.32 13.69
C LEU A 403 -37.41 -19.98 12.59
N MET A 404 -36.73 -20.68 11.67
CA MET A 404 -37.42 -21.39 10.60
C MET A 404 -38.30 -22.51 11.13
N LEU A 405 -37.88 -23.14 12.23
CA LEU A 405 -38.70 -24.17 12.86
C LEU A 405 -39.91 -23.58 13.56
N LYS A 406 -39.74 -22.45 14.25
CA LYS A 406 -40.86 -21.84 14.98
C LYS A 406 -41.91 -21.28 14.02
N THR A 407 -41.49 -20.86 12.82
CA THR A 407 -42.45 -20.32 11.86
C THR A 407 -43.14 -21.40 11.04
N TYR A 408 -42.41 -22.46 10.68
CA TYR A 408 -42.99 -23.59 9.94
C TYR A 408 -44.03 -24.31 10.79
N LEU A 409 -43.64 -24.75 11.98
CA LEU A 409 -44.58 -25.19 13.00
C LEU A 409 -45.30 -23.98 13.58
N SER A 410 -46.15 -24.17 14.58
CA SER A 410 -46.69 -23.00 15.23
C SER A 410 -45.72 -22.53 16.31
N GLU A 411 -45.94 -21.30 16.81
CA GLU A 411 -45.20 -20.81 17.96
C GLU A 411 -45.48 -21.67 19.19
N ASP A 412 -46.72 -22.14 19.33
CA ASP A 412 -47.12 -22.97 20.45
C ASP A 412 -46.58 -24.39 20.37
N VAL A 413 -46.46 -24.94 19.15
CA VAL A 413 -45.85 -26.26 18.97
C VAL A 413 -44.37 -26.22 19.34
N PHE A 414 -43.71 -25.09 19.05
CA PHE A 414 -42.32 -24.88 19.44
C PHE A 414 -42.15 -24.94 20.95
N GLN A 415 -43.00 -24.22 21.69
CA GLN A 415 -42.89 -24.17 23.15
C GLN A 415 -43.14 -25.52 23.79
N HIS A 416 -44.15 -26.26 23.28
CA HIS A 416 -44.51 -27.57 23.83
CA HIS A 416 -44.50 -27.56 23.85
C HIS A 416 -43.35 -28.56 23.71
N ALA A 417 -42.58 -28.45 22.63
CA ALA A 417 -41.41 -29.30 22.47
C ALA A 417 -40.34 -28.93 23.48
N VAL A 418 -40.09 -27.64 23.68
CA VAL A 418 -39.04 -27.20 24.60
C VAL A 418 -39.40 -27.55 26.05
N VAL A 419 -40.65 -27.30 26.46
CA VAL A 419 -41.08 -27.61 27.83
C VAL A 419 -40.97 -29.12 28.11
N LEU A 420 -41.32 -29.94 27.13
CA LEU A 420 -41.24 -31.39 27.30
C LEU A 420 -39.79 -31.87 27.26
N TYR A 421 -38.98 -31.28 26.38
CA TYR A 421 -37.55 -31.57 26.31
C TYR A 421 -36.83 -31.19 27.60
N LEU A 422 -37.13 -30.01 28.13
CA LEU A 422 -36.51 -29.58 29.39
C LEU A 422 -37.06 -30.33 30.60
N HIS A 423 -38.19 -31.03 30.45
CA HIS A 423 -38.69 -31.86 31.54
C HIS A 423 -38.12 -33.27 31.48
N ASN A 424 -38.01 -33.84 30.27
CA ASN A 424 -37.56 -35.22 30.10
C ASN A 424 -36.07 -35.34 30.42
N HIS A 425 -35.27 -34.39 29.95
CA HIS A 425 -33.83 -34.49 30.03
C HIS A 425 -33.24 -33.52 31.05
N SER A 426 -34.06 -33.11 32.03
CA SER A 426 -33.62 -32.19 33.07
C SER A 426 -32.53 -32.80 33.93
N TYR A 427 -31.57 -31.96 34.33
CA TYR A 427 -30.43 -32.32 35.19
C TYR A 427 -29.58 -33.44 34.59
N ALA A 428 -29.50 -33.49 33.26
CA ALA A 428 -28.77 -34.54 32.55
C ALA A 428 -28.21 -33.97 31.26
N SER A 429 -27.52 -34.80 30.49
CA SER A 429 -26.86 -34.38 29.27
C SER A 429 -27.43 -35.15 28.08
N ILE A 430 -27.37 -34.53 26.89
CA ILE A 430 -28.01 -35.03 25.68
C ILE A 430 -27.24 -34.63 24.43
N GLN A 431 -27.88 -34.81 23.27
CA GLN A 431 -27.36 -34.41 21.98
C GLN A 431 -28.42 -33.63 21.21
N SER A 432 -28.02 -33.12 20.04
CA SER A 432 -28.88 -32.22 19.27
C SER A 432 -30.07 -32.95 18.67
N ASP A 433 -29.93 -34.24 18.41
CA ASP A 433 -31.01 -35.00 17.81
C ASP A 433 -32.17 -35.23 18.77
N ASP A 434 -31.92 -35.13 20.08
CA ASP A 434 -32.98 -35.37 21.06
C ASP A 434 -33.96 -34.21 21.12
N LEU A 435 -33.51 -32.98 20.83
CA LEU A 435 -34.43 -31.86 20.72
C LEU A 435 -35.34 -32.03 19.50
N TRP A 436 -34.76 -32.47 18.37
CA TRP A 436 -35.56 -32.76 17.19
C TRP A 436 -36.50 -33.93 17.42
N ASP A 437 -36.11 -34.87 18.29
CA ASP A 437 -36.98 -35.97 18.68
C ASP A 437 -38.16 -35.46 19.48
N SER A 438 -37.93 -34.48 20.36
CA SER A 438 -39.02 -33.92 21.16
C SER A 438 -39.98 -33.11 20.31
N PHE A 439 -39.50 -32.49 19.23
CA PHE A 439 -40.41 -31.90 18.26
C PHE A 439 -41.25 -32.96 17.56
N ASN A 440 -40.68 -34.14 17.30
CA ASN A 440 -41.44 -35.18 16.62
C ASN A 440 -42.50 -35.80 17.51
N GLU A 441 -42.32 -35.76 18.84
CA GLU A 441 -43.36 -36.20 19.75
C GLU A 441 -44.54 -35.24 19.76
N VAL A 442 -44.28 -33.94 19.87
CA VAL A 442 -45.35 -32.95 19.94
C VAL A 442 -45.99 -32.65 18.59
N THR A 443 -45.40 -33.11 17.49
CA THR A 443 -46.08 -33.09 16.20
C THR A 443 -46.76 -34.43 15.89
N ASN A 444 -46.84 -35.33 16.87
CA ASN A 444 -47.60 -36.59 16.80
C ASN A 444 -47.14 -37.50 15.67
N GLN A 445 -45.82 -37.47 15.41
CA GLN A 445 -45.15 -38.26 14.38
C GLN A 445 -45.70 -37.99 12.97
N THR A 446 -46.19 -36.78 12.73
CA THR A 446 -46.70 -36.44 11.41
C THR A 446 -45.56 -36.15 10.45
N LEU A 447 -44.71 -35.20 10.82
CA LEU A 447 -43.54 -34.85 10.04
C LEU A 447 -42.30 -35.17 10.86
N ASP A 448 -41.18 -35.38 10.17
CA ASP A 448 -39.92 -35.76 10.81
C ASP A 448 -39.02 -34.53 10.83
N VAL A 449 -38.89 -33.92 12.00
CA VAL A 449 -38.03 -32.76 12.17
C VAL A 449 -36.56 -33.18 12.15
N LYS A 450 -36.24 -34.37 12.66
CA LYS A 450 -34.87 -34.85 12.71
C LYS A 450 -34.28 -35.09 11.32
N ARG A 451 -35.11 -35.43 10.34
CA ARG A 451 -34.64 -35.47 8.95
C ARG A 451 -34.60 -34.07 8.33
N MET A 452 -35.61 -33.25 8.61
CA MET A 452 -35.68 -31.89 8.08
C MET A 452 -34.50 -31.04 8.56
N MET A 453 -34.15 -31.13 9.85
CA MET A 453 -33.02 -30.37 10.37
C MET A 453 -31.67 -30.90 9.89
N LYS A 454 -31.54 -32.22 9.74
CA LYS A 454 -30.25 -32.80 9.35
C LYS A 454 -29.86 -32.45 7.92
N THR A 455 -30.80 -31.99 7.11
CA THR A 455 -30.47 -31.40 5.81
C THR A 455 -29.80 -30.04 5.96
N TRP A 456 -30.07 -29.33 7.06
CA TRP A 456 -29.42 -28.04 7.34
C TRP A 456 -28.20 -28.14 8.25
N THR A 457 -28.17 -29.13 9.15
CA THR A 457 -27.06 -29.24 10.09
C THR A 457 -25.87 -29.99 9.52
N LEU A 458 -26.11 -31.05 8.75
CA LEU A 458 -25.04 -31.86 8.18
C LEU A 458 -24.59 -31.39 6.81
N GLN A 459 -24.98 -30.17 6.42
CA GLN A 459 -24.70 -29.65 5.08
C GLN A 459 -24.17 -28.24 5.16
N LYS A 460 -23.38 -27.88 4.16
CA LYS A 460 -22.74 -26.57 4.07
C LYS A 460 -23.65 -25.61 3.29
N GLY A 461 -23.65 -24.35 3.73
CA GLY A 461 -24.36 -23.33 2.98
C GLY A 461 -25.86 -23.39 3.21
N PHE A 462 -26.60 -22.93 2.20
CA PHE A 462 -28.04 -22.76 2.30
C PHE A 462 -28.62 -22.75 0.89
N PRO A 463 -29.90 -23.08 0.73
CA PRO A 463 -30.45 -23.19 -0.63
C PRO A 463 -30.74 -21.86 -1.29
N LEU A 464 -30.84 -21.94 -2.62
CA LEU A 464 -31.36 -20.88 -3.48
C LEU A 464 -32.65 -21.41 -4.11
N VAL A 465 -33.77 -20.78 -3.78
CA VAL A 465 -35.08 -21.25 -4.23
C VAL A 465 -35.53 -20.38 -5.40
N THR A 466 -35.51 -20.96 -6.59
CA THR A 466 -35.92 -20.27 -7.82
C THR A 466 -37.42 -20.44 -8.03
N VAL A 467 -38.08 -19.35 -8.40
CA VAL A 467 -39.54 -19.26 -8.45
C VAL A 467 -39.97 -18.68 -9.79
N GLN A 468 -40.96 -19.32 -10.43
CA GLN A 468 -41.54 -18.81 -11.68
C GLN A 468 -43.05 -19.06 -11.67
N LYS A 469 -43.84 -17.98 -11.57
CA LYS A 469 -45.31 -18.12 -11.56
C LYS A 469 -45.82 -18.06 -13.00
N LYS A 470 -46.22 -19.20 -13.52
CA LYS A 470 -46.83 -19.27 -14.85
C LYS A 470 -48.33 -19.55 -14.65
N GLY A 471 -49.06 -18.48 -14.33
CA GLY A 471 -50.50 -18.54 -14.16
C GLY A 471 -50.93 -18.65 -12.71
N LYS A 472 -51.57 -19.77 -12.37
CA LYS A 472 -51.89 -20.12 -10.99
C LYS A 472 -51.04 -21.29 -10.50
N GLU A 473 -49.94 -21.58 -11.19
CA GLU A 473 -48.98 -22.61 -10.80
C GLU A 473 -47.63 -21.92 -10.59
N LEU A 474 -47.17 -21.91 -9.33
CA LEU A 474 -45.87 -21.35 -8.99
C LEU A 474 -44.87 -22.50 -8.97
N PHE A 475 -43.91 -22.48 -9.88
CA PHE A 475 -42.89 -23.52 -9.98
C PHE A 475 -41.71 -23.14 -9.11
N ILE A 476 -41.36 -24.02 -8.16
CA ILE A 476 -40.28 -23.79 -7.22
C ILE A 476 -39.17 -24.81 -7.50
N GLN A 477 -37.93 -24.34 -7.58
CA GLN A 477 -36.77 -25.20 -7.81
C GLN A 477 -35.71 -24.90 -6.76
N GLN A 478 -34.88 -25.90 -6.48
CA GLN A 478 -33.91 -25.87 -5.40
C GLN A 478 -32.51 -26.04 -5.95
N GLU A 479 -31.56 -25.31 -5.35
CA GLU A 479 -30.16 -25.30 -5.76
C GLU A 479 -29.38 -24.78 -4.56
N ARG A 480 -28.05 -24.99 -4.57
CA ARG A 480 -27.18 -24.36 -3.58
C ARG A 480 -26.76 -23.00 -4.10
N PHE A 481 -26.80 -21.98 -3.23
CA PHE A 481 -26.18 -20.69 -3.52
C PHE A 481 -24.68 -20.80 -3.74
N PHE A 482 -24.28 -21.29 -4.92
CA PHE A 482 -22.88 -21.38 -5.28
C PHE A 482 -22.44 -20.05 -5.87
N LEU A 483 -21.38 -19.48 -5.32
CA LEU A 483 -20.98 -18.12 -5.67
C LEU A 483 -19.90 -18.06 -6.75
N ASN A 484 -19.28 -19.19 -7.10
CA ASN A 484 -18.08 -19.17 -7.94
C ASN A 484 -18.41 -18.77 -9.38
N MET A 485 -19.68 -18.93 -9.79
CA MET A 485 -20.37 -18.39 -10.96
C MET A 485 -19.50 -18.15 -12.19
N LYS A 486 -18.80 -19.19 -12.63
CA LYS A 486 -17.82 -19.06 -13.70
C LYS A 486 -18.06 -20.07 -14.84
N THR A 494 -21.13 -34.11 -3.48
CA THR A 494 -21.78 -32.88 -3.90
C THR A 494 -22.76 -32.38 -2.84
N SER A 495 -23.42 -31.27 -3.15
CA SER A 495 -24.48 -30.80 -2.26
C SER A 495 -25.71 -31.68 -2.39
N TYR A 496 -26.57 -31.62 -1.38
CA TYR A 496 -27.78 -32.44 -1.38
C TYR A 496 -29.01 -31.54 -1.41
N LEU A 497 -30.17 -32.04 -1.04
CA LEU A 497 -31.42 -31.37 -0.72
C LEU A 497 -31.65 -31.00 0.73
N TRP A 498 -32.51 -30.02 0.84
CA TRP A 498 -32.91 -29.33 2.06
C TRP A 498 -34.41 -29.50 2.12
N HIS A 499 -34.91 -29.80 3.30
CA HIS A 499 -36.34 -29.80 3.53
C HIS A 499 -36.71 -28.36 3.87
N ILE A 500 -37.06 -27.61 2.84
CA ILE A 500 -37.19 -26.16 2.92
C ILE A 500 -38.63 -25.85 3.29
N PRO A 501 -38.89 -25.28 4.46
CA PRO A 501 -40.25 -24.83 4.77
C PRO A 501 -40.59 -23.57 3.99
N LEU A 502 -41.44 -23.69 2.98
CA LEU A 502 -41.76 -22.56 2.14
C LEU A 502 -42.94 -21.79 2.71
N SER A 503 -42.99 -20.51 2.37
CA SER A 503 -44.02 -19.59 2.82
C SER A 503 -44.22 -18.55 1.72
N TYR A 504 -45.45 -18.09 1.51
CA TYR A 504 -45.67 -17.10 0.47
C TYR A 504 -46.77 -16.13 0.88
N VAL A 505 -46.80 -15.00 0.18
CA VAL A 505 -47.77 -13.93 0.37
C VAL A 505 -48.12 -13.40 -1.01
N THR A 506 -49.42 -13.40 -1.36
CA THR A 506 -49.89 -12.98 -2.67
C THR A 506 -51.01 -11.95 -2.55
N GLU A 507 -51.23 -11.22 -3.64
CA GLU A 507 -52.39 -10.32 -3.78
C GLU A 507 -52.77 -10.00 -5.23
N TYR A 511 -57.25 -7.38 -4.81
CA TYR A 511 -56.87 -6.70 -3.57
C TYR A 511 -57.11 -7.58 -2.33
N SER A 512 -56.83 -8.88 -2.45
CA SER A 512 -57.03 -9.82 -1.35
C SER A 512 -55.73 -10.54 -1.05
N LYS A 513 -55.42 -10.68 0.24
CA LYS A 513 -54.13 -11.19 0.69
C LYS A 513 -54.22 -12.65 1.11
N TYR A 514 -53.21 -13.43 0.73
CA TYR A 514 -53.10 -14.85 1.05
C TYR A 514 -51.76 -15.10 1.76
N GLN A 515 -51.68 -16.22 2.47
CA GLN A 515 -50.53 -16.58 3.29
C GLN A 515 -50.60 -18.07 3.57
N SER A 516 -49.69 -18.85 3.00
CA SER A 516 -49.71 -20.29 3.19
C SER A 516 -48.29 -20.81 3.43
N VAL A 517 -48.22 -22.05 3.91
CA VAL A 517 -46.96 -22.72 4.27
C VAL A 517 -46.91 -24.05 3.55
N SER A 518 -45.75 -24.37 2.96
CA SER A 518 -45.54 -25.66 2.30
C SER A 518 -44.25 -26.31 2.77
N LEU A 519 -43.78 -27.32 2.04
CA LEU A 519 -42.47 -27.92 2.29
C LEU A 519 -41.94 -28.52 1.00
N LEU A 520 -40.78 -28.03 0.56
CA LEU A 520 -40.12 -28.52 -0.64
C LEU A 520 -39.03 -29.50 -0.24
N ASP A 521 -39.28 -30.79 -0.50
CA ASP A 521 -38.32 -31.85 -0.22
C ASP A 521 -37.64 -32.39 -1.48
N LYS A 522 -37.88 -31.76 -2.63
CA LYS A 522 -37.28 -32.19 -3.89
C LYS A 522 -36.51 -31.04 -4.53
N LYS A 523 -35.76 -31.37 -5.58
CA LYS A 523 -35.11 -30.35 -6.38
C LYS A 523 -36.11 -29.54 -7.19
N SER A 524 -37.25 -30.15 -7.55
CA SER A 524 -38.31 -29.48 -8.28
C SER A 524 -39.63 -29.64 -7.54
N GLY A 525 -40.45 -28.59 -7.59
CA GLY A 525 -41.76 -28.65 -6.99
C GLY A 525 -42.66 -27.63 -7.62
N VAL A 526 -43.96 -27.80 -7.42
CA VAL A 526 -44.97 -26.83 -7.83
C VAL A 526 -45.94 -26.65 -6.66
N ILE A 527 -46.24 -25.40 -6.30
CA ILE A 527 -47.31 -25.12 -5.35
C ILE A 527 -48.53 -24.65 -6.13
N ASN A 528 -49.72 -25.05 -5.68
CA ASN A 528 -50.96 -24.80 -6.40
C ASN A 528 -51.70 -23.66 -5.72
N LEU A 529 -51.87 -22.57 -6.46
CA LEU A 529 -52.46 -21.35 -5.97
C LEU A 529 -53.97 -21.40 -6.12
N THR A 530 -54.65 -20.64 -5.28
CA THR A 530 -56.10 -20.67 -5.29
C THR A 530 -56.70 -19.63 -6.22
N GLU A 531 -55.91 -18.65 -6.66
CA GLU A 531 -56.38 -17.61 -7.59
C GLU A 531 -55.30 -17.36 -8.63
N GLU A 532 -55.55 -16.38 -9.50
CA GLU A 532 -54.54 -15.78 -10.35
C GLU A 532 -54.10 -14.47 -9.71
N VAL A 533 -52.82 -14.36 -9.38
CA VAL A 533 -52.35 -13.22 -8.61
C VAL A 533 -51.35 -12.42 -9.44
N LEU A 534 -51.10 -11.20 -8.99
CA LEU A 534 -50.26 -10.27 -9.71
C LEU A 534 -48.84 -10.18 -9.18
N TRP A 535 -48.64 -10.41 -7.88
CA TRP A 535 -47.30 -10.42 -7.28
C TRP A 535 -47.26 -11.49 -6.19
N VAL A 536 -46.09 -12.09 -6.03
CA VAL A 536 -45.87 -13.17 -5.07
C VAL A 536 -44.55 -12.90 -4.36
N LYS A 537 -44.50 -13.12 -3.05
CA LYS A 537 -43.27 -13.00 -2.28
C LYS A 537 -43.08 -14.26 -1.46
N VAL A 538 -41.97 -14.97 -1.72
CA VAL A 538 -41.60 -16.18 -1.00
C VAL A 538 -40.60 -15.78 0.09
N ASN A 539 -40.53 -16.58 1.16
CA ASN A 539 -39.83 -16.31 2.42
C ASN A 539 -40.41 -15.07 3.10
N ILE A 540 -41.50 -15.27 3.84
CA ILE A 540 -42.14 -14.16 4.56
C ILE A 540 -41.25 -13.71 5.71
N ASN A 541 -40.90 -12.42 5.70
CA ASN A 541 -40.08 -11.73 6.70
C ASN A 541 -38.69 -12.33 6.85
N MET A 542 -38.24 -13.05 5.81
CA MET A 542 -37.02 -13.86 5.81
C MET A 542 -36.87 -14.74 7.05
N ASN A 543 -37.96 -15.38 7.45
CA ASN A 543 -37.89 -16.34 8.54
C ASN A 543 -37.25 -17.65 8.12
N GLY A 544 -37.13 -17.90 6.82
CA GLY A 544 -36.42 -19.06 6.31
C GLY A 544 -34.98 -18.72 5.93
N TYR A 545 -34.10 -19.70 6.13
CA TYR A 545 -32.68 -19.52 5.82
C TYR A 545 -32.40 -19.82 4.33
N TYR A 546 -33.01 -19.02 3.46
CA TYR A 546 -32.76 -19.17 2.04
C TYR A 546 -32.89 -17.82 1.32
N ILE A 547 -32.35 -17.80 0.11
CA ILE A 547 -32.48 -16.68 -0.83
C ILE A 547 -33.39 -17.12 -1.96
N VAL A 548 -34.26 -16.21 -2.41
CA VAL A 548 -35.23 -16.50 -3.47
C VAL A 548 -34.87 -15.68 -4.71
N HIS A 549 -34.68 -16.39 -5.83
CA HIS A 549 -34.50 -15.77 -7.14
C HIS A 549 -35.82 -15.92 -7.91
N TYR A 550 -36.53 -14.82 -8.07
CA TYR A 550 -37.72 -14.82 -8.89
C TYR A 550 -37.35 -14.69 -10.36
N ALA A 551 -38.29 -15.06 -11.24
CA ALA A 551 -38.07 -14.88 -12.66
C ALA A 551 -38.17 -13.41 -13.05
N ASP A 552 -37.83 -13.12 -14.31
CA ASP A 552 -37.76 -11.74 -14.82
C ASP A 552 -39.08 -11.00 -14.68
N ASP A 553 -40.19 -11.69 -14.97
CA ASP A 553 -41.51 -11.08 -14.82
C ASP A 553 -41.88 -10.97 -13.34
N ASP A 554 -41.53 -11.99 -12.54
CA ASP A 554 -41.92 -12.04 -11.14
C ASP A 554 -41.19 -11.00 -10.30
N TRP A 555 -39.91 -10.77 -10.59
CA TRP A 555 -39.17 -9.70 -9.91
C TRP A 555 -39.76 -8.34 -10.26
N GLU A 556 -40.01 -8.11 -11.55
CA GLU A 556 -40.55 -6.84 -12.05
C GLU A 556 -41.95 -6.54 -11.52
N ALA A 557 -42.73 -7.55 -11.13
CA ALA A 557 -43.99 -7.30 -10.43
C ALA A 557 -43.75 -6.71 -9.05
N LEU A 558 -42.79 -7.26 -8.32
CA LEU A 558 -42.53 -6.79 -6.97
C LEU A 558 -41.88 -5.40 -6.99
N ILE A 559 -41.03 -5.15 -7.99
CA ILE A 559 -40.46 -3.82 -8.22
C ILE A 559 -41.55 -2.79 -8.48
N HIS A 560 -42.64 -3.20 -9.13
CA HIS A 560 -43.76 -2.30 -9.40
C HIS A 560 -44.64 -2.08 -8.18
N GLN A 561 -45.01 -3.15 -7.46
CA GLN A 561 -45.83 -3.03 -6.25
C GLN A 561 -45.12 -2.28 -5.14
N LEU A 562 -43.77 -2.19 -5.18
CA LEU A 562 -43.09 -1.26 -4.30
C LEU A 562 -43.24 0.20 -4.73
N LYS A 563 -43.53 0.48 -6.01
CA LYS A 563 -43.84 1.87 -6.38
C LYS A 563 -45.26 2.26 -5.99
N ILE A 564 -46.22 1.38 -6.19
CA ILE A 564 -47.62 1.64 -5.88
C ILE A 564 -47.96 0.89 -4.59
N ASN A 565 -47.96 1.64 -3.47
CA ASN A 565 -48.12 1.14 -2.10
C ASN A 565 -47.08 0.06 -1.77
N PRO A 566 -45.90 0.45 -1.29
CA PRO A 566 -44.92 -0.55 -0.86
C PRO A 566 -45.30 -1.25 0.43
N TYR A 567 -46.22 -0.68 1.20
CA TYR A 567 -46.56 -1.15 2.53
C TYR A 567 -47.57 -2.28 2.53
N VAL A 568 -47.81 -2.91 1.38
CA VAL A 568 -48.51 -4.18 1.36
C VAL A 568 -47.62 -5.29 1.91
N LEU A 569 -46.29 -5.13 1.83
CA LEU A 569 -45.33 -6.02 2.46
C LEU A 569 -44.83 -5.42 3.77
N SER A 570 -44.22 -6.27 4.59
CA SER A 570 -43.64 -5.82 5.84
C SER A 570 -42.27 -5.19 5.59
N ASP A 571 -41.79 -4.46 6.60
CA ASP A 571 -40.44 -3.89 6.55
C ASP A 571 -39.38 -4.98 6.49
N LYS A 572 -39.64 -6.10 7.15
CA LYS A 572 -38.78 -7.28 7.06
C LYS A 572 -38.74 -7.82 5.63
N ASP A 573 -39.87 -7.82 4.94
CA ASP A 573 -39.94 -8.38 3.60
C ASP A 573 -39.33 -7.45 2.56
N ARG A 574 -39.56 -6.14 2.68
CA ARG A 574 -38.95 -5.19 1.76
C ARG A 574 -37.44 -5.13 1.93
N ALA A 575 -36.94 -5.38 3.15
CA ALA A 575 -35.50 -5.45 3.34
C ALA A 575 -34.92 -6.73 2.75
N ASN A 576 -35.67 -7.84 2.85
CA ASN A 576 -35.23 -9.11 2.29
C ASN A 576 -35.12 -9.06 0.77
N LEU A 577 -35.96 -8.25 0.13
CA LEU A 577 -35.86 -8.12 -1.33
C LEU A 577 -34.66 -7.28 -1.74
N ILE A 578 -34.35 -6.22 -0.99
CA ILE A 578 -33.19 -5.38 -1.28
C ILE A 578 -31.91 -6.18 -1.09
N ASN A 579 -31.84 -6.97 -0.02
CA ASN A 579 -30.69 -7.81 0.24
C ASN A 579 -30.52 -8.88 -0.84
N ASN A 580 -31.63 -9.52 -1.22
CA ASN A 580 -31.55 -10.62 -2.18
C ASN A 580 -31.14 -10.13 -3.57
N ILE A 581 -31.77 -9.07 -4.05
CA ILE A 581 -31.54 -8.64 -5.43
C ILE A 581 -30.15 -8.04 -5.59
N PHE A 582 -29.55 -7.55 -4.50
CA PHE A 582 -28.21 -7.01 -4.61
C PHE A 582 -27.15 -8.11 -4.52
N GLU A 583 -27.41 -9.16 -3.73
CA GLU A 583 -26.47 -10.28 -3.65
C GLU A 583 -26.56 -11.18 -4.88
N LEU A 584 -27.78 -11.35 -5.41
CA LEU A 584 -27.93 -12.07 -6.68
C LEU A 584 -27.31 -11.31 -7.85
N ALA A 585 -27.31 -9.98 -7.78
CA ALA A 585 -26.71 -9.20 -8.87
C ALA A 585 -25.19 -9.31 -8.87
N GLY A 586 -24.58 -9.47 -7.70
CA GLY A 586 -23.14 -9.61 -7.63
C GLY A 586 -22.63 -10.91 -8.21
N LEU A 587 -23.43 -11.97 -8.13
CA LEU A 587 -23.08 -13.23 -8.76
C LEU A 587 -23.39 -13.25 -10.25
N GLY A 588 -24.10 -12.24 -10.75
CA GLY A 588 -24.45 -12.16 -12.15
C GLY A 588 -25.80 -12.74 -12.52
N LYS A 589 -26.54 -13.30 -11.56
CA LYS A 589 -27.87 -13.85 -11.83
C LYS A 589 -28.90 -12.77 -12.17
N VAL A 590 -28.67 -11.53 -11.75
CA VAL A 590 -29.56 -10.40 -12.03
C VAL A 590 -28.66 -9.27 -12.52
N PRO A 591 -29.05 -8.49 -13.52
CA PRO A 591 -28.31 -7.25 -13.82
C PRO A 591 -28.48 -6.25 -12.70
N LEU A 592 -27.43 -5.44 -12.48
CA LEU A 592 -27.41 -4.53 -11.35
C LEU A 592 -28.40 -3.37 -11.51
N LYS A 593 -28.79 -3.05 -12.75
CA LYS A 593 -29.78 -1.99 -12.98
C LYS A 593 -31.17 -2.40 -12.49
N ARG A 594 -31.42 -3.67 -12.23
CA ARG A 594 -32.70 -4.10 -11.68
C ARG A 594 -32.76 -3.89 -10.17
N ALA A 595 -31.62 -4.02 -9.48
CA ALA A 595 -31.59 -3.77 -8.04
C ALA A 595 -31.79 -2.28 -7.75
N PHE A 596 -31.29 -1.41 -8.62
CA PHE A 596 -31.47 0.02 -8.43
C PHE A 596 -32.84 0.48 -8.88
N ASP A 597 -33.49 -0.28 -9.77
CA ASP A 597 -34.90 -0.06 -10.05
C ASP A 597 -35.76 -0.44 -8.85
N LEU A 598 -35.37 -1.49 -8.14
CA LEU A 598 -36.12 -1.91 -6.95
C LEU A 598 -36.05 -0.84 -5.88
N ILE A 599 -34.84 -0.34 -5.59
CA ILE A 599 -34.70 0.69 -4.57
C ILE A 599 -35.08 2.08 -5.06
N ASN A 600 -35.59 2.23 -6.29
CA ASN A 600 -36.15 3.51 -6.70
C ASN A 600 -37.48 3.82 -6.03
N TYR A 601 -38.04 2.89 -5.26
CA TYR A 601 -39.23 3.15 -4.47
C TYR A 601 -38.93 3.87 -3.17
N LEU A 602 -37.64 4.02 -2.79
CA LEU A 602 -37.26 4.41 -1.43
C LEU A 602 -37.63 5.85 -1.08
N GLY A 603 -38.11 6.65 -2.03
CA GLY A 603 -38.72 7.93 -1.71
C GLY A 603 -39.99 7.81 -0.91
N ASN A 604 -40.65 6.65 -0.96
CA ASN A 604 -41.86 6.39 -0.19
C ASN A 604 -41.61 5.36 0.92
N GLU A 605 -40.40 5.35 1.49
CA GLU A 605 -40.06 4.41 2.54
C GLU A 605 -39.83 5.15 3.85
N ASN A 606 -40.55 4.74 4.90
CA ASN A 606 -40.40 5.34 6.23
C ASN A 606 -39.84 4.40 7.29
N HIS A 607 -39.74 3.10 7.02
CA HIS A 607 -39.24 2.15 8.00
C HIS A 607 -37.73 2.02 7.92
N THR A 608 -37.14 1.66 9.06
CA THR A 608 -35.68 1.71 9.21
C THR A 608 -35.01 0.55 8.49
N ALA A 609 -35.57 -0.65 8.62
CA ALA A 609 -34.93 -1.86 8.08
C ALA A 609 -34.76 -1.90 6.56
N PRO A 610 -35.68 -1.43 5.71
CA PRO A 610 -35.33 -1.39 4.28
C PRO A 610 -34.31 -0.33 3.93
N ILE A 611 -34.25 0.78 4.68
CA ILE A 611 -33.33 1.86 4.32
C ILE A 611 -31.90 1.49 4.71
N THR A 612 -31.72 0.92 5.90
CA THR A 612 -30.37 0.58 6.38
C THR A 612 -29.72 -0.49 5.51
N GLU A 613 -30.51 -1.44 5.03
CA GLU A 613 -29.95 -2.47 4.16
C GLU A 613 -29.63 -1.93 2.77
N ALA A 614 -30.47 -1.02 2.27
CA ALA A 614 -30.17 -0.38 0.99
C ALA A 614 -28.95 0.53 1.10
N LEU A 615 -28.78 1.18 2.26
CA LEU A 615 -27.57 1.96 2.47
C LEU A 615 -26.36 1.08 2.69
N PHE A 616 -26.56 -0.14 3.19
CA PHE A 616 -25.46 -1.09 3.31
C PHE A 616 -24.94 -1.53 1.95
N GLN A 617 -25.87 -1.91 1.06
CA GLN A 617 -25.47 -2.44 -0.24
C GLN A 617 -24.83 -1.35 -1.11
N THR A 618 -25.32 -0.12 -1.01
CA THR A 618 -24.73 0.96 -1.80
C THR A 618 -23.37 1.40 -1.27
N ASP A 619 -23.14 1.28 0.05
CA ASP A 619 -21.85 1.66 0.60
C ASP A 619 -20.77 0.65 0.23
N LEU A 620 -21.12 -0.63 0.16
CA LEU A 620 -20.19 -1.64 -0.31
C LEU A 620 -19.82 -1.41 -1.77
N ILE A 621 -20.78 -0.96 -2.58
CA ILE A 621 -20.47 -0.63 -3.96
C ILE A 621 -19.63 0.63 -4.04
N TYR A 622 -19.97 1.65 -3.25
CA TYR A 622 -19.18 2.90 -3.20
C TYR A 622 -17.74 2.62 -2.83
N ASN A 623 -17.53 1.83 -1.79
CA ASN A 623 -16.18 1.66 -1.26
C ASN A 623 -15.36 0.72 -2.13
N LEU A 624 -15.97 -0.27 -2.78
CA LEU A 624 -15.22 -1.10 -3.72
C LEU A 624 -14.83 -0.30 -4.96
N LEU A 625 -15.73 0.58 -5.42
CA LEU A 625 -15.42 1.42 -6.57
C LEU A 625 -14.40 2.51 -6.23
N GLU A 626 -14.42 3.00 -4.99
CA GLU A 626 -13.49 4.04 -4.58
C GLU A 626 -12.06 3.52 -4.53
N LYS A 627 -11.88 2.29 -4.04
CA LYS A 627 -10.53 1.73 -3.96
C LYS A 627 -9.99 1.36 -5.33
N LEU A 628 -10.88 1.10 -6.29
CA LEU A 628 -10.48 0.88 -7.67
C LEU A 628 -10.09 2.15 -8.40
N GLY A 629 -10.43 3.33 -7.87
CA GLY A 629 -10.10 4.58 -8.49
C GLY A 629 -11.21 5.22 -9.30
N TYR A 630 -12.35 4.54 -9.46
CA TYR A 630 -13.50 5.10 -10.16
C TYR A 630 -14.29 5.97 -9.18
N MET A 631 -13.68 7.10 -8.82
CA MET A 631 -14.23 7.97 -7.78
C MET A 631 -15.45 8.72 -8.27
N ASP A 632 -15.44 9.14 -9.54
CA ASP A 632 -16.56 9.91 -10.10
C ASP A 632 -17.82 9.07 -10.16
N LEU A 633 -17.70 7.83 -10.65
CA LEU A 633 -18.81 6.89 -10.71
C LEU A 633 -19.34 6.55 -9.31
N ALA A 634 -18.44 6.55 -8.32
CA ALA A 634 -18.83 6.25 -6.96
C ALA A 634 -19.64 7.41 -6.35
N SER A 635 -19.29 8.64 -6.72
CA SER A 635 -20.04 9.80 -6.24
C SER A 635 -21.43 9.87 -6.87
N ARG A 636 -21.54 9.49 -8.16
CA ARG A 636 -22.83 9.48 -8.83
C ARG A 636 -23.76 8.42 -8.26
N LEU A 637 -23.18 7.39 -7.64
CA LEU A 637 -23.99 6.40 -6.95
C LEU A 637 -24.60 6.96 -5.68
N VAL A 638 -23.80 7.66 -4.87
CA VAL A 638 -24.30 8.15 -3.60
C VAL A 638 -25.11 9.43 -3.77
N THR A 639 -24.88 10.18 -4.86
CA THR A 639 -25.70 11.35 -5.16
C THR A 639 -27.04 10.96 -5.77
N ARG A 640 -27.23 9.67 -6.06
CA ARG A 640 -28.51 9.13 -6.54
C ARG A 640 -29.37 8.58 -5.40
N VAL A 641 -28.76 7.82 -4.49
CA VAL A 641 -29.45 7.33 -3.29
C VAL A 641 -29.81 8.49 -2.39
N PHE A 642 -28.98 9.55 -2.39
CA PHE A 642 -29.33 10.78 -1.69
C PHE A 642 -30.59 11.41 -2.26
N LYS A 643 -30.70 11.46 -3.60
CA LYS A 643 -31.92 12.02 -4.21
C LYS A 643 -33.12 11.12 -4.00
N LEU A 644 -32.89 9.81 -3.84
CA LEU A 644 -33.97 8.92 -3.45
C LEU A 644 -34.41 9.17 -2.01
N LEU A 645 -33.47 9.52 -1.13
CA LEU A 645 -33.74 9.65 0.30
C LEU A 645 -33.68 11.10 0.77
N GLN A 646 -33.85 12.07 -0.13
CA GLN A 646 -33.60 13.48 0.20
C GLN A 646 -34.62 14.01 1.18
N ASN A 647 -35.89 13.67 1.00
CA ASN A 647 -36.92 14.14 1.91
C ASN A 647 -36.79 13.48 3.27
N GLN A 648 -36.40 12.20 3.30
CA GLN A 648 -36.24 11.50 4.57
C GLN A 648 -35.07 12.06 5.37
N ILE A 649 -34.00 12.48 4.70
CA ILE A 649 -32.83 13.02 5.40
C ILE A 649 -33.12 14.42 5.93
N GLN A 650 -33.71 15.28 5.10
CA GLN A 650 -33.96 16.67 5.47
C GLN A 650 -35.00 16.79 6.58
N GLN A 651 -35.90 15.80 6.67
CA GLN A 651 -36.90 15.69 7.73
C GLN A 651 -36.32 15.24 9.05
N GLN A 652 -35.02 14.92 9.13
CA GLN A 652 -34.47 14.44 10.38
C GLN A 652 -34.00 15.58 11.26
N THR A 653 -34.15 15.37 12.56
CA THR A 653 -33.81 16.30 13.61
C THR A 653 -32.54 15.84 14.32
N TRP A 654 -31.70 16.79 14.73
CA TRP A 654 -30.42 16.40 15.34
C TRP A 654 -30.60 16.25 16.85
N THR A 655 -31.32 15.19 17.22
CA THR A 655 -31.77 14.97 18.59
C THR A 655 -31.75 13.48 18.93
N ASP A 656 -32.15 13.17 20.17
CA ASP A 656 -32.29 11.81 20.68
C ASP A 656 -33.74 11.44 20.93
N GLU A 657 -34.64 11.80 20.02
CA GLU A 657 -36.05 11.65 20.31
C GLU A 657 -36.74 10.87 19.19
N GLY A 658 -37.78 10.15 19.59
CA GLY A 658 -38.55 9.28 18.72
C GLY A 658 -38.59 7.87 19.25
N THR A 659 -39.23 7.00 18.46
CA THR A 659 -39.21 5.57 18.73
C THR A 659 -37.78 5.05 18.55
N PRO A 660 -37.41 3.95 19.26
CA PRO A 660 -36.04 3.40 19.10
C PRO A 660 -35.67 3.05 17.67
N SER A 661 -36.63 2.57 16.86
CA SER A 661 -36.36 2.33 15.44
C SER A 661 -36.14 3.63 14.67
N MET A 662 -36.93 4.66 14.97
CA MET A 662 -36.75 5.95 14.31
C MET A 662 -35.53 6.70 14.82
N ARG A 663 -35.06 6.37 16.02
CA ARG A 663 -33.80 6.89 16.54
C ARG A 663 -32.59 6.26 15.87
N GLU A 664 -32.76 5.18 15.13
CA GLU A 664 -31.67 4.54 14.39
C GLU A 664 -31.65 4.90 12.91
N LEU A 665 -32.82 5.18 12.32
CA LEU A 665 -32.87 5.72 10.96
C LEU A 665 -32.22 7.10 10.89
N ARG A 666 -32.35 7.88 11.96
CA ARG A 666 -31.64 9.15 12.06
C ARG A 666 -30.13 8.96 12.07
N SER A 667 -29.64 8.02 12.89
CA SER A 667 -28.20 7.78 12.95
C SER A 667 -27.66 7.22 11.65
N ALA A 668 -28.49 6.47 10.90
CA ALA A 668 -28.05 5.93 9.63
C ALA A 668 -28.05 6.99 8.53
N LEU A 669 -29.11 7.80 8.46
CA LEU A 669 -29.25 8.75 7.36
C LEU A 669 -28.32 9.94 7.53
N LEU A 670 -28.09 10.37 8.78
CA LEU A 670 -27.21 11.51 9.01
C LEU A 670 -25.75 11.13 8.84
N GLU A 671 -25.38 9.89 9.21
CA GLU A 671 -24.05 9.39 8.92
C GLU A 671 -23.81 9.28 7.42
N PHE A 672 -24.87 8.96 6.67
CA PHE A 672 -24.78 8.91 5.21
C PHE A 672 -24.48 10.28 4.61
N ALA A 673 -25.28 11.29 4.97
CA ALA A 673 -25.16 12.60 4.33
C ALA A 673 -23.89 13.32 4.74
N CYS A 674 -23.34 12.98 5.91
CA CYS A 674 -22.15 13.64 6.42
C CYS A 674 -20.86 13.03 5.92
N THR A 675 -20.83 11.69 5.78
CA THR A 675 -19.66 11.01 5.24
C THR A 675 -19.40 11.43 3.80
N HIS A 676 -20.47 11.66 3.05
CA HIS A 676 -20.36 12.04 1.65
C HIS A 676 -20.57 13.53 1.42
N ASN A 677 -20.75 14.31 2.49
CA ASN A 677 -20.88 15.78 2.46
C ASN A 677 -22.03 16.21 1.54
N LEU A 678 -23.21 15.67 1.81
CA LEU A 678 -24.38 15.84 0.97
C LEU A 678 -25.40 16.67 1.74
N GLY A 679 -25.66 17.88 1.26
CA GLY A 679 -26.63 18.74 1.91
C GLY A 679 -26.01 19.60 2.98
N ASN A 680 -26.76 19.88 4.05
CA ASN A 680 -26.25 20.77 5.09
C ASN A 680 -25.54 20.05 6.22
N CYS A 681 -25.75 18.73 6.38
CA CYS A 681 -25.24 17.85 7.45
C CYS A 681 -23.91 18.22 8.08
N SER A 682 -22.93 18.48 7.22
CA SER A 682 -21.59 18.81 7.69
C SER A 682 -21.53 20.17 8.38
N THR A 683 -22.30 21.15 7.91
CA THR A 683 -22.24 22.43 8.62
C THR A 683 -23.06 22.41 9.91
N THR A 684 -24.10 21.57 9.97
CA THR A 684 -24.88 21.43 11.19
C THR A 684 -24.10 20.65 12.24
N ALA A 685 -23.30 19.67 11.80
CA ALA A 685 -22.48 18.90 12.73
C ALA A 685 -21.29 19.72 13.23
N MET A 686 -20.70 20.54 12.35
CA MET A 686 -19.52 21.31 12.74
C MET A 686 -19.87 22.42 13.72
N LYS A 687 -21.06 23.00 13.60
CA LYS A 687 -21.53 23.94 14.61
C LYS A 687 -21.80 23.23 15.94
N LEU A 688 -22.43 22.06 15.88
CA LEU A 688 -22.66 21.27 17.08
C LEU A 688 -21.37 20.76 17.69
N PHE A 689 -20.36 20.49 16.84
CA PHE A 689 -19.04 20.13 17.34
C PHE A 689 -18.35 21.31 17.99
N ASP A 690 -18.37 22.47 17.34
CA ASP A 690 -17.62 23.62 17.83
C ASP A 690 -18.16 24.12 19.17
N ASP A 691 -19.47 24.03 19.36
CA ASP A 691 -20.06 24.36 20.65
C ASP A 691 -19.60 23.38 21.72
N TRP A 692 -19.47 22.11 21.35
CA TRP A 692 -19.07 21.06 22.31
C TRP A 692 -17.60 21.17 22.67
N MET A 693 -16.75 21.32 21.64
CA MET A 693 -15.32 21.55 21.84
C MET A 693 -15.04 22.76 22.72
N ALA A 694 -15.82 23.81 22.62
CA ALA A 694 -15.68 25.06 23.38
C ALA A 694 -16.36 25.04 24.74
N SER A 695 -17.23 24.06 24.98
CA SER A 695 -17.65 23.75 26.34
C SER A 695 -16.71 22.81 27.09
N ASN A 696 -15.57 22.47 26.48
CA ASN A 696 -14.53 21.58 27.04
C ASN A 696 -15.06 20.16 27.26
N GLY A 697 -16.07 19.78 26.47
CA GLY A 697 -16.74 18.51 26.61
C GLY A 697 -17.88 18.47 27.61
N THR A 698 -18.29 19.61 28.16
CA THR A 698 -19.35 19.62 29.16
C THR A 698 -20.73 19.79 28.55
N GLN A 699 -20.83 20.38 27.36
CA GLN A 699 -22.10 20.43 26.63
C GLN A 699 -22.53 19.03 26.22
N SER A 700 -23.83 18.79 26.30
CA SER A 700 -24.38 17.53 25.85
C SER A 700 -24.47 17.51 24.33
N LEU A 701 -24.07 16.41 23.77
CA LEU A 701 -24.41 16.10 22.41
C LEU A 701 -25.47 15.01 22.40
N PRO A 702 -26.48 15.12 21.53
CA PRO A 702 -27.44 14.01 21.40
C PRO A 702 -26.73 12.77 20.90
N THR A 703 -26.92 11.67 21.64
CA THR A 703 -26.18 10.41 21.44
C THR A 703 -26.35 9.85 20.03
N ASP A 704 -27.51 10.07 19.43
CA ASP A 704 -27.81 9.56 18.10
C ASP A 704 -27.16 10.38 16.99
N VAL A 705 -26.50 11.50 17.29
CA VAL A 705 -25.78 12.26 16.28
C VAL A 705 -24.33 12.46 16.74
N MET A 706 -23.98 11.81 17.85
CA MET A 706 -22.70 12.08 18.52
C MET A 706 -21.52 11.65 17.68
N THR A 707 -21.57 10.43 17.13
CA THR A 707 -20.46 9.96 16.32
C THR A 707 -20.38 10.72 14.99
N THR A 708 -21.52 11.08 14.43
CA THR A 708 -21.55 11.88 13.21
C THR A 708 -20.93 13.25 13.43
N VAL A 709 -21.17 13.84 14.59
CA VAL A 709 -20.62 15.16 14.91
C VAL A 709 -19.12 15.07 15.16
N PHE A 710 -18.70 14.03 15.91
CA PHE A 710 -17.29 13.80 16.21
C PHE A 710 -16.46 13.57 14.96
N LYS A 711 -17.01 12.93 13.94
CA LYS A 711 -16.23 12.62 12.74
C LYS A 711 -16.02 13.86 11.88
N VAL A 712 -17.04 14.70 11.74
CA VAL A 712 -16.93 15.93 10.94
C VAL A 712 -15.95 16.90 11.61
N GLY A 713 -15.91 16.91 12.94
CA GLY A 713 -14.95 17.74 13.65
C GLY A 713 -13.54 17.19 13.65
N ALA A 714 -13.39 15.87 13.55
CA ALA A 714 -12.06 15.24 13.55
C ALA A 714 -11.33 15.41 12.22
N LYS A 715 -11.97 16.01 11.22
CA LYS A 715 -11.35 16.33 9.94
C LYS A 715 -10.51 17.61 9.98
N THR A 716 -10.30 18.17 11.16
CA THR A 716 -9.47 19.36 11.36
C THR A 716 -8.45 19.06 12.44
N ASP A 717 -7.23 19.60 12.28
CA ASP A 717 -6.14 19.36 13.23
C ASP A 717 -6.50 19.85 14.63
N LYS A 718 -7.25 20.96 14.69
CA LYS A 718 -7.75 21.51 15.94
C LYS A 718 -8.69 20.53 16.63
N GLY A 719 -9.76 20.13 15.95
CA GLY A 719 -10.76 19.28 16.57
C GLY A 719 -10.29 17.86 16.78
N TRP A 720 -9.36 17.39 15.94
CA TRP A 720 -8.81 16.05 16.12
C TRP A 720 -7.95 15.97 17.38
N SER A 721 -7.17 17.03 17.65
CA SER A 721 -6.30 17.02 18.82
C SER A 721 -7.10 17.19 20.12
N PHE A 722 -8.26 17.83 20.04
CA PHE A 722 -9.12 17.96 21.21
C PHE A 722 -9.70 16.61 21.62
N LEU A 723 -10.17 15.85 20.63
CA LEU A 723 -10.78 14.55 20.86
C LEU A 723 -9.79 13.56 21.45
N LEU A 724 -8.52 13.70 21.08
CA LEU A 724 -7.47 12.84 21.64
C LEU A 724 -7.33 13.05 23.15
N GLY A 725 -7.41 14.30 23.60
CA GLY A 725 -7.33 14.57 25.03
C GLY A 725 -8.55 14.12 25.79
N LYS A 726 -9.71 14.12 25.14
CA LYS A 726 -10.91 13.60 25.78
C LYS A 726 -10.88 12.09 25.92
N TYR A 727 -10.22 11.39 24.99
CA TYR A 727 -10.11 9.94 25.12
C TYR A 727 -9.21 9.55 26.28
N ILE A 728 -8.08 10.23 26.45
CA ILE A 728 -7.09 9.87 27.47
C ILE A 728 -7.48 10.36 28.85
N SER A 729 -8.66 10.96 29.01
CA SER A 729 -9.07 11.55 30.28
C SER A 729 -10.44 11.07 30.73
N ILE A 730 -11.46 11.23 29.88
CA ILE A 730 -12.86 11.04 30.27
C ILE A 730 -13.16 9.57 30.53
N GLY A 731 -14.28 9.30 31.18
CA GLY A 731 -14.53 8.00 31.76
C GLY A 731 -15.37 7.02 30.97
N SER A 732 -16.28 7.51 30.13
CA SER A 732 -17.21 6.65 29.41
C SER A 732 -16.50 5.90 28.28
N GLU A 733 -16.35 4.58 28.43
CA GLU A 733 -15.75 3.69 27.42
C GLU A 733 -16.79 3.39 26.27
N ALA A 734 -17.91 4.10 26.23
CA ALA A 734 -18.82 4.15 25.08
C ALA A 734 -18.71 5.46 24.31
N GLU A 735 -18.62 6.60 25.03
CA GLU A 735 -18.35 7.87 24.37
C GLU A 735 -16.90 7.95 23.87
N LYS A 736 -15.98 7.23 24.52
CA LYS A 736 -14.60 7.17 24.01
C LYS A 736 -14.51 6.36 22.73
N ASN A 737 -15.31 5.30 22.59
CA ASN A 737 -15.26 4.52 21.37
C ASN A 737 -15.97 5.17 20.20
N LYS A 738 -16.78 6.22 20.45
CA LYS A 738 -17.20 7.08 19.35
C LYS A 738 -16.16 8.14 19.03
N ILE A 739 -15.35 8.54 20.02
CA ILE A 739 -14.21 9.42 19.77
C ILE A 739 -13.15 8.70 18.96
N LEU A 740 -12.87 7.43 19.30
CA LEU A 740 -11.84 6.64 18.64
C LEU A 740 -12.16 6.41 17.16
N GLU A 741 -13.43 6.14 16.87
CA GLU A 741 -13.86 5.96 15.48
C GLU A 741 -13.66 7.24 14.68
N ALA A 742 -13.95 8.38 15.31
CA ALA A 742 -13.80 9.67 14.65
C ALA A 742 -12.32 9.98 14.40
N LEU A 743 -11.46 9.63 15.35
CA LEU A 743 -10.03 9.88 15.21
C LEU A 743 -9.45 9.06 14.07
N ALA A 744 -9.97 7.86 13.86
CA ALA A 744 -9.55 7.01 12.77
C ALA A 744 -10.33 7.28 11.49
N SER A 745 -11.23 8.26 11.50
CA SER A 745 -11.88 8.72 10.29
C SER A 745 -11.19 9.94 9.71
N SER A 746 -10.00 10.26 10.20
CA SER A 746 -9.19 11.33 9.63
C SER A 746 -8.70 10.94 8.24
N GLU A 747 -8.24 11.96 7.51
CA GLU A 747 -7.62 11.76 6.22
C GLU A 747 -6.13 12.08 6.23
N ASP A 748 -5.58 12.45 7.38
CA ASP A 748 -4.15 12.61 7.56
C ASP A 748 -3.58 11.21 7.79
N VAL A 749 -2.81 10.72 6.81
CA VAL A 749 -2.23 9.38 6.87
C VAL A 749 -1.28 9.24 8.05
N ARG A 750 -0.58 10.32 8.38
CA ARG A 750 0.35 10.33 9.51
C ARG A 750 -0.37 10.09 10.83
N LYS A 751 -1.54 10.72 10.99
CA LYS A 751 -2.36 10.44 12.17
C LYS A 751 -2.89 9.01 12.14
N LEU A 752 -3.29 8.54 10.96
CA LEU A 752 -3.85 7.19 10.85
C LEU A 752 -2.80 6.11 11.10
N TYR A 753 -1.54 6.38 10.74
CA TYR A 753 -0.48 5.45 11.08
C TYR A 753 -0.16 5.52 12.57
N TRP A 754 -0.20 6.72 13.15
CA TRP A 754 0.18 6.88 14.56
C TRP A 754 -0.83 6.23 15.48
N LEU A 755 -2.11 6.20 15.08
CA LEU A 755 -3.13 5.52 15.85
C LEU A 755 -2.88 4.01 15.88
N MET A 756 -2.54 3.44 14.73
CA MET A 756 -2.32 1.99 14.65
C MET A 756 -1.04 1.59 15.37
N LYS A 757 0.00 2.42 15.26
CA LYS A 757 1.27 2.18 15.96
C LYS A 757 1.09 2.21 17.46
N SER A 758 0.25 3.13 17.94
CA SER A 758 0.08 3.34 19.38
C SER A 758 -0.63 2.17 20.04
N SER A 759 -1.68 1.65 19.39
CA SER A 759 -2.47 0.58 19.99
C SER A 759 -1.69 -0.72 20.07
N LEU A 760 -0.90 -1.03 19.04
CA LEU A 760 -0.05 -2.22 19.05
C LEU A 760 0.98 -2.18 20.17
N ASN A 761 1.51 -0.99 20.47
CA ASN A 761 2.48 -0.83 21.54
C ASN A 761 1.84 -0.44 22.86
N GLY A 762 0.52 -0.35 22.94
CA GLY A 762 -0.17 -0.09 24.18
C GLY A 762 -0.05 1.31 24.73
N ASP A 763 0.34 2.28 23.91
CA ASP A 763 0.46 3.67 24.32
C ASP A 763 -0.82 4.41 23.94
N ASN A 764 -1.38 5.16 24.90
CA ASN A 764 -2.62 5.95 24.81
C ASN A 764 -3.89 5.12 24.55
N PHE A 765 -3.84 4.14 23.66
CA PHE A 765 -4.96 3.25 23.37
C PHE A 765 -4.57 1.83 23.75
N ARG A 766 -5.58 0.99 24.01
CA ARG A 766 -5.30 -0.39 24.36
C ARG A 766 -5.20 -1.26 23.12
N THR A 767 -4.45 -2.35 23.25
CA THR A 767 -4.21 -3.29 22.15
C THR A 767 -5.49 -4.03 21.75
N GLN A 768 -6.48 -4.10 22.65
CA GLN A 768 -7.79 -4.65 22.32
C GLN A 768 -8.51 -3.82 21.25
N LYS A 769 -8.25 -2.52 21.20
CA LYS A 769 -8.93 -1.63 20.26
C LYS A 769 -8.24 -1.57 18.90
N LEU A 770 -7.17 -2.33 18.68
CA LEU A 770 -6.42 -2.26 17.43
C LEU A 770 -7.22 -2.82 16.26
N SER A 771 -8.02 -3.86 16.54
CA SER A 771 -8.92 -4.42 15.52
C SER A 771 -9.93 -3.39 15.04
N PHE A 772 -10.38 -2.52 15.95
CA PHE A 772 -11.29 -1.45 15.56
C PHE A 772 -10.58 -0.34 14.77
N ILE A 773 -9.30 -0.10 15.06
CA ILE A 773 -8.60 1.01 14.40
C ILE A 773 -8.24 0.64 12.96
N ILE A 774 -7.71 -0.56 12.76
CA ILE A 774 -7.29 -1.00 11.43
C ILE A 774 -8.50 -1.13 10.51
N ARG A 775 -9.63 -1.58 11.07
CA ARG A 775 -10.87 -1.70 10.31
C ARG A 775 -11.40 -0.35 9.85
N THR A 776 -11.20 0.69 10.67
CA THR A 776 -11.69 2.02 10.34
C THR A 776 -10.74 2.75 9.40
N VAL A 777 -9.42 2.57 9.59
CA VAL A 777 -8.43 3.19 8.72
C VAL A 777 -8.53 2.63 7.30
N GLY A 778 -8.76 1.32 7.18
CA GLY A 778 -8.74 0.67 5.88
C GLY A 778 -10.00 0.77 5.06
N ARG A 779 -11.12 1.18 5.66
CA ARG A 779 -12.35 1.27 4.90
C ARG A 779 -12.49 2.58 4.14
N HIS A 780 -11.59 3.53 4.36
CA HIS A 780 -11.62 4.79 3.64
C HIS A 780 -10.38 4.90 2.77
N PHE A 781 -10.46 5.76 1.76
CA PHE A 781 -9.38 5.91 0.78
C PHE A 781 -8.03 6.37 1.36
N PRO A 782 -7.91 7.32 2.29
CA PRO A 782 -6.54 7.73 2.69
C PRO A 782 -5.78 6.68 3.48
N GLY A 783 -6.46 5.73 4.14
CA GLY A 783 -5.79 4.69 4.88
C GLY A 783 -5.99 3.29 4.36
N HIS A 784 -6.48 3.15 3.12
CA HIS A 784 -6.82 1.84 2.57
C HIS A 784 -5.58 0.96 2.40
N LEU A 785 -4.57 1.49 1.70
CA LEU A 785 -3.32 0.76 1.57
C LEU A 785 -2.52 0.80 2.86
N LEU A 786 -2.72 1.83 3.68
CA LEU A 786 -1.96 1.99 4.91
C LEU A 786 -2.31 0.92 5.94
N ALA A 787 -3.57 0.48 5.95
CA ALA A 787 -3.99 -0.52 6.93
C ALA A 787 -3.41 -1.89 6.58
N TRP A 788 -3.48 -2.29 5.31
CA TRP A 788 -2.98 -3.59 4.91
C TRP A 788 -1.46 -3.65 5.01
N ASP A 789 -0.78 -2.53 4.76
CA ASP A 789 0.66 -2.47 4.95
C ASP A 789 1.04 -2.62 6.42
N PHE A 790 0.22 -2.06 7.32
CA PHE A 790 0.47 -2.20 8.75
C PHE A 790 0.30 -3.65 9.20
N VAL A 791 -0.67 -4.35 8.61
CA VAL A 791 -0.88 -5.75 8.96
C VAL A 791 0.29 -6.60 8.47
N LYS A 792 0.80 -6.29 7.28
CA LYS A 792 1.92 -7.05 6.72
C LYS A 792 3.20 -6.81 7.50
N GLU A 793 3.51 -5.54 7.79
CA GLU A 793 4.79 -5.21 8.40
C GLU A 793 4.82 -5.38 9.91
N ASN A 794 3.68 -5.70 10.52
CA ASN A 794 3.64 -5.92 11.96
C ASN A 794 3.00 -7.26 12.28
N TRP A 795 3.12 -8.21 11.36
CA TRP A 795 2.37 -9.47 11.45
C TRP A 795 2.85 -10.32 12.60
N ASN A 796 4.16 -10.50 12.74
CA ASN A 796 4.74 -11.35 13.78
C ASN A 796 4.39 -10.84 15.17
N LYS A 797 4.40 -9.52 15.38
CA LYS A 797 4.01 -8.94 16.65
C LYS A 797 2.50 -9.07 16.86
N LEU A 798 1.72 -9.02 15.78
CA LEU A 798 0.27 -9.27 15.88
C LEU A 798 -0.03 -10.72 16.28
N VAL A 799 0.69 -11.69 15.70
CA VAL A 799 0.44 -13.07 16.09
C VAL A 799 0.99 -13.40 17.48
N GLN A 800 1.90 -12.58 18.02
CA GLN A 800 2.23 -12.70 19.43
C GLN A 800 1.09 -12.19 20.31
N LYS A 801 0.64 -10.96 20.05
CA LYS A 801 -0.38 -10.33 20.90
C LYS A 801 -1.77 -10.92 20.68
N PHE A 802 -2.01 -11.57 19.54
CA PHE A 802 -3.25 -12.30 19.30
C PHE A 802 -2.91 -13.59 18.58
N PRO A 803 -3.20 -14.76 19.15
CA PRO A 803 -2.81 -16.03 18.51
C PRO A 803 -3.54 -16.27 17.19
N LEU A 804 -2.95 -17.10 16.33
CA LEU A 804 -3.57 -17.43 15.05
C LEU A 804 -4.85 -18.22 15.27
N GLY A 805 -5.82 -18.01 14.40
CA GLY A 805 -7.14 -18.54 14.62
C GLY A 805 -7.96 -17.83 15.68
N SER A 806 -7.47 -16.72 16.25
CA SER A 806 -8.34 -15.91 17.09
C SER A 806 -9.31 -15.11 16.22
N TYR A 807 -10.38 -14.64 16.85
CA TYR A 807 -11.33 -13.76 16.17
C TYR A 807 -10.68 -12.43 15.80
N THR A 808 -9.72 -11.96 16.60
CA THR A 808 -9.06 -10.70 16.34
C THR A 808 -8.21 -10.78 15.08
N ILE A 809 -7.45 -11.88 14.92
CA ILE A 809 -6.62 -12.05 13.73
C ILE A 809 -7.48 -12.31 12.49
N GLN A 810 -8.69 -12.85 12.66
CA GLN A 810 -9.60 -13.01 11.52
C GLN A 810 -10.23 -11.67 11.14
N ASN A 811 -10.59 -10.86 12.13
CA ASN A 811 -11.19 -9.56 11.87
C ASN A 811 -10.18 -8.59 11.28
N ILE A 812 -8.92 -8.69 11.72
CA ILE A 812 -7.87 -7.81 11.22
C ILE A 812 -7.59 -8.11 9.75
N VAL A 813 -7.48 -9.40 9.42
CA VAL A 813 -7.18 -9.80 8.04
C VAL A 813 -8.34 -9.45 7.12
N ALA A 814 -9.58 -9.73 7.54
CA ALA A 814 -10.73 -9.40 6.70
C ALA A 814 -10.94 -7.89 6.59
N GLY A 815 -10.69 -7.15 7.67
CA GLY A 815 -10.91 -5.71 7.65
C GLY A 815 -9.89 -4.93 6.84
N SER A 816 -8.76 -5.53 6.50
CA SER A 816 -7.73 -4.87 5.71
C SER A 816 -7.67 -5.38 4.27
N THR A 817 -8.60 -6.27 3.88
CA THR A 817 -8.51 -6.99 2.62
C THR A 817 -9.83 -7.07 1.86
N TYR A 818 -10.98 -6.96 2.52
CA TYR A 818 -12.30 -7.18 1.91
C TYR A 818 -12.67 -6.16 0.83
N LEU A 819 -11.89 -5.10 0.64
CA LEU A 819 -12.18 -4.10 -0.38
C LEU A 819 -11.20 -4.14 -1.56
N PHE A 820 -10.27 -5.09 -1.60
CA PHE A 820 -9.43 -5.26 -2.77
C PHE A 820 -10.22 -5.95 -3.87
N SER A 821 -10.04 -5.48 -5.11
CA SER A 821 -10.83 -6.00 -6.23
C SER A 821 -10.00 -6.17 -7.50
N THR A 822 -8.70 -6.40 -7.36
CA THR A 822 -7.82 -6.61 -8.51
C THR A 822 -7.08 -7.92 -8.38
N LYS A 823 -6.76 -8.52 -9.53
CA LYS A 823 -5.94 -9.73 -9.57
C LYS A 823 -4.53 -9.46 -9.04
N THR A 824 -4.04 -8.23 -9.21
CA THR A 824 -2.76 -7.83 -8.63
C THR A 824 -2.79 -7.90 -7.10
N HIS A 825 -3.90 -7.47 -6.50
CA HIS A 825 -4.01 -7.54 -5.05
C HIS A 825 -4.22 -8.97 -4.58
N LEU A 826 -4.95 -9.77 -5.38
CA LEU A 826 -5.20 -11.16 -5.02
C LEU A 826 -3.92 -11.96 -5.00
N SER A 827 -3.01 -11.69 -5.95
CA SER A 827 -1.71 -12.35 -5.94
C SER A 827 -0.83 -11.82 -4.81
N GLU A 828 -0.98 -10.55 -4.46
CA GLU A 828 -0.16 -9.95 -3.40
C GLU A 828 -0.52 -10.53 -2.04
N VAL A 829 -1.82 -10.63 -1.74
CA VAL A 829 -2.26 -11.17 -0.45
C VAL A 829 -1.95 -12.66 -0.36
N GLN A 830 -2.10 -13.38 -1.48
CA GLN A 830 -1.75 -14.80 -1.52
C GLN A 830 -0.26 -15.01 -1.28
N ALA A 831 0.60 -14.27 -2.00
CA ALA A 831 2.03 -14.41 -1.85
C ALA A 831 2.54 -13.96 -0.49
N PHE A 832 1.78 -13.12 0.23
CA PHE A 832 2.19 -12.78 1.60
C PHE A 832 2.07 -14.00 2.51
N PHE A 833 0.89 -14.61 2.57
CA PHE A 833 0.65 -15.68 3.53
C PHE A 833 1.36 -16.99 3.15
N GLU A 834 1.58 -17.22 1.85
CA GLU A 834 2.39 -18.36 1.41
C GLU A 834 3.84 -18.23 1.86
N ASN A 835 4.39 -17.01 1.81
CA ASN A 835 5.75 -16.76 2.26
C ASN A 835 5.79 -16.45 3.77
N GLN A 836 4.83 -16.99 4.52
CA GLN A 836 4.89 -17.00 5.98
C GLN A 836 4.88 -18.44 6.48
N SER A 837 3.77 -19.15 6.36
CA SER A 837 3.68 -20.55 6.74
C SER A 837 2.59 -21.20 5.90
N GLU A 838 2.77 -22.50 5.60
CA GLU A 838 1.67 -23.28 5.04
C GLU A 838 0.51 -23.38 6.02
N ALA A 839 0.82 -23.41 7.32
CA ALA A 839 -0.19 -23.26 8.36
C ALA A 839 -0.97 -21.96 8.20
N THR A 840 -0.26 -20.85 8.07
CA THR A 840 -0.90 -19.54 7.94
C THR A 840 -1.71 -19.44 6.64
N PHE A 841 -1.23 -20.06 5.55
CA PHE A 841 -1.97 -20.07 4.29
C PHE A 841 -3.22 -20.95 4.33
N ARG A 842 -3.33 -21.87 5.28
CA ARG A 842 -4.51 -22.73 5.33
C ARG A 842 -5.51 -22.31 6.40
N LEU A 843 -5.25 -21.20 7.10
CA LEU A 843 -6.25 -20.63 7.99
C LEU A 843 -7.47 -20.14 7.20
N ARG A 844 -8.65 -20.32 7.82
CA ARG A 844 -9.90 -19.90 7.20
C ARG A 844 -9.99 -18.39 7.06
N CYS A 845 -9.25 -17.63 7.87
CA CYS A 845 -9.22 -16.18 7.70
C CYS A 845 -8.57 -15.79 6.38
N VAL A 846 -7.51 -16.49 5.96
CA VAL A 846 -6.85 -16.11 4.72
C VAL A 846 -7.44 -16.81 3.49
N GLN A 847 -8.18 -17.91 3.66
CA GLN A 847 -8.77 -18.56 2.50
C GLN A 847 -10.07 -17.88 2.10
N GLU A 848 -10.88 -17.51 3.09
CA GLU A 848 -12.08 -16.73 2.82
C GLU A 848 -11.73 -15.31 2.36
N ALA A 849 -10.58 -14.77 2.80
CA ALA A 849 -10.16 -13.44 2.33
C ALA A 849 -9.77 -13.47 0.86
N LEU A 850 -8.98 -14.47 0.45
CA LEU A 850 -8.66 -14.61 -0.97
C LEU A 850 -9.88 -14.98 -1.80
N GLU A 851 -10.90 -15.54 -1.17
CA GLU A 851 -12.16 -15.81 -1.86
C GLU A 851 -12.99 -14.54 -2.05
N VAL A 852 -12.98 -13.61 -1.09
CA VAL A 852 -13.81 -12.41 -1.27
C VAL A 852 -13.16 -11.44 -2.25
N ILE A 853 -11.83 -11.46 -2.39
CA ILE A 853 -11.17 -10.66 -3.43
C ILE A 853 -11.57 -11.15 -4.82
N GLN A 854 -11.72 -12.48 -4.98
CA GLN A 854 -12.19 -13.04 -6.25
C GLN A 854 -13.64 -12.67 -6.54
N LEU A 855 -14.49 -12.65 -5.51
CA LEU A 855 -15.87 -12.24 -5.74
C LEU A 855 -15.98 -10.74 -6.00
N ASN A 856 -15.02 -9.97 -5.50
CA ASN A 856 -14.94 -8.54 -5.84
C ASN A 856 -14.38 -8.35 -7.24
N ILE A 857 -13.43 -9.21 -7.64
CA ILE A 857 -12.88 -9.16 -8.99
C ILE A 857 -13.96 -9.49 -10.01
N GLN A 858 -14.80 -10.46 -9.70
CA GLN A 858 -15.83 -10.84 -10.65
C GLN A 858 -17.05 -9.92 -10.59
N TRP A 859 -17.29 -9.26 -9.45
CA TRP A 859 -18.42 -8.33 -9.35
C TRP A 859 -18.23 -7.18 -10.34
N MET A 860 -16.98 -6.73 -10.46
CA MET A 860 -16.61 -5.78 -11.50
C MET A 860 -16.74 -6.38 -12.89
N GLU A 861 -16.27 -7.63 -13.09
CA GLU A 861 -16.39 -8.28 -14.39
C GLU A 861 -17.84 -8.48 -14.85
N LYS A 862 -18.79 -8.57 -13.90
CA LYS A 862 -20.21 -8.74 -14.22
C LYS A 862 -21.01 -7.45 -14.15
N ASN A 863 -20.48 -6.38 -13.53
CA ASN A 863 -21.30 -5.18 -13.31
C ASN A 863 -20.59 -3.84 -13.46
N LEU A 864 -19.28 -3.78 -13.73
CA LEU A 864 -18.59 -2.48 -13.73
C LEU A 864 -18.92 -1.66 -14.97
N LYS A 865 -18.61 -2.19 -16.16
CA LYS A 865 -18.74 -1.43 -17.40
C LYS A 865 -20.19 -1.11 -17.71
N SER A 866 -21.12 -1.92 -17.20
CA SER A 866 -22.53 -1.58 -17.28
C SER A 866 -22.87 -0.39 -16.40
N LEU A 867 -22.23 -0.28 -15.21
CA LEU A 867 -22.48 0.86 -14.32
C LEU A 867 -22.03 2.17 -14.92
N THR A 868 -20.93 2.15 -15.69
CA THR A 868 -20.46 3.33 -16.42
C THR A 868 -21.48 3.81 -17.47
N TRP A 869 -22.39 2.93 -17.88
CA TRP A 869 -23.42 3.33 -18.83
C TRP A 869 -24.62 4.04 -18.17
N TRP A 870 -25.35 3.37 -17.27
CA TRP A 870 -26.59 3.99 -16.79
C TRP A 870 -26.32 5.15 -15.84
N LEU A 871 -25.33 5.02 -14.97
CA LEU A 871 -24.77 6.21 -14.32
C LEU A 871 -23.99 7.01 -15.35
N ARG A 872 -23.96 8.33 -15.13
CA ARG A 872 -23.54 9.34 -16.11
C ARG A 872 -24.30 9.23 -17.44
N THR A 873 -25.59 8.92 -17.36
CA THR A 873 -26.55 9.03 -18.48
C THR A 873 -27.98 9.08 -17.94
N LYS B 5 14.17 -15.23 -52.33
CA LYS B 5 14.72 -16.45 -51.75
C LYS B 5 15.26 -16.20 -50.35
N LEU B 6 16.58 -16.11 -50.25
CA LEU B 6 17.26 -15.79 -49.00
C LEU B 6 18.07 -14.52 -49.20
N PHE B 7 17.97 -13.61 -48.24
CA PHE B 7 18.75 -12.37 -48.21
C PHE B 7 20.23 -12.70 -48.25
N PRO B 8 21.01 -12.08 -49.14
CA PRO B 8 22.40 -12.51 -49.35
C PRO B 8 23.32 -12.25 -48.18
N TRP B 9 22.99 -11.31 -47.30
CA TRP B 9 23.77 -11.01 -46.12
C TRP B 9 23.00 -11.48 -44.88
N ALA B 10 23.71 -12.06 -43.92
CA ALA B 10 23.05 -12.61 -42.74
C ALA B 10 23.73 -12.12 -41.47
N GLN B 11 23.98 -10.81 -41.39
CA GLN B 11 24.56 -10.20 -40.20
C GLN B 11 23.94 -8.82 -40.00
N ILE B 12 24.20 -8.24 -38.83
CA ILE B 12 23.68 -6.91 -38.53
C ILE B 12 24.58 -5.83 -39.13
N ARG B 13 25.89 -6.06 -39.16
CA ARG B 13 26.81 -5.08 -39.70
C ARG B 13 26.83 -5.17 -41.22
N LEU B 14 26.88 -3.99 -41.85
CA LEU B 14 26.87 -3.86 -43.30
C LEU B 14 28.15 -4.44 -43.89
N PRO B 15 28.13 -4.84 -45.18
CA PRO B 15 29.34 -5.39 -45.79
C PRO B 15 30.44 -4.36 -45.93
N THR B 16 31.67 -4.84 -45.81
CA THR B 16 32.85 -4.00 -45.96
C THR B 16 33.19 -3.72 -47.41
N ALA B 17 32.36 -4.17 -48.36
CA ALA B 17 32.57 -3.96 -49.79
C ALA B 17 32.15 -2.56 -50.20
N VAL B 18 30.90 -2.40 -50.65
CA VAL B 18 30.46 -1.17 -51.30
C VAL B 18 30.45 -0.01 -50.31
N VAL B 19 30.93 1.15 -50.76
CA VAL B 19 31.12 2.30 -49.90
C VAL B 19 30.48 3.51 -50.57
N PRO B 20 29.69 4.30 -49.86
CA PRO B 20 29.08 5.49 -50.46
C PRO B 20 30.08 6.64 -50.58
N LEU B 21 29.76 7.57 -51.49
CA LEU B 21 30.61 8.74 -51.70
C LEU B 21 29.82 10.02 -51.60
N ARG B 22 28.66 10.09 -52.25
CA ARG B 22 27.84 11.29 -52.15
C ARG B 22 26.37 10.92 -52.28
N TYR B 23 25.53 11.70 -51.59
CA TYR B 23 24.09 11.51 -51.55
C TYR B 23 23.42 12.77 -52.11
N GLU B 24 22.47 12.57 -53.02
CA GLU B 24 21.63 13.66 -53.52
C GLU B 24 20.18 13.27 -53.27
N LEU B 25 19.56 13.91 -52.27
CA LEU B 25 18.22 13.56 -51.81
C LEU B 25 17.30 14.76 -51.96
N SER B 26 16.30 14.64 -52.83
CA SER B 26 15.21 15.61 -52.94
C SER B 26 13.98 15.00 -52.29
N LEU B 27 13.19 15.84 -51.58
CA LEU B 27 12.05 15.34 -50.83
C LEU B 27 10.89 16.32 -50.88
N HIS B 28 9.72 15.84 -51.29
CA HIS B 28 8.47 16.55 -51.07
C HIS B 28 7.82 15.96 -49.83
N PRO B 29 7.66 16.73 -48.75
CA PRO B 29 6.98 16.20 -47.56
C PRO B 29 5.48 16.08 -47.77
N ASN B 30 4.72 16.96 -47.08
CA ASN B 30 3.28 17.12 -46.83
C ASN B 30 2.99 16.82 -45.36
N LEU B 31 2.98 17.87 -44.57
CA LEU B 31 2.75 17.77 -43.13
C LEU B 31 1.26 17.59 -42.86
N THR B 32 0.44 18.24 -43.70
CA THR B 32 -1.01 18.16 -43.61
C THR B 32 -1.51 16.73 -43.79
N SER B 33 -0.83 15.94 -44.62
CA SER B 33 -1.14 14.52 -44.79
C SER B 33 -0.28 13.61 -43.92
N MET B 34 0.86 14.09 -43.41
CA MET B 34 1.88 13.29 -42.69
C MET B 34 2.40 12.12 -43.51
N THR B 35 2.42 12.29 -44.83
CA THR B 35 3.08 11.39 -45.76
C THR B 35 4.15 12.21 -46.48
N PHE B 36 5.20 11.54 -46.97
CA PHE B 36 6.25 12.27 -47.67
C PHE B 36 6.78 11.47 -48.85
N ARG B 37 7.31 12.20 -49.83
CA ARG B 37 7.78 11.61 -51.07
C ARG B 37 9.16 12.15 -51.41
N GLY B 38 10.03 11.27 -51.87
CA GLY B 38 11.35 11.70 -52.25
C GLY B 38 12.17 10.55 -52.78
N SER B 39 13.32 10.91 -53.32
CA SER B 39 14.22 9.95 -53.95
C SER B 39 15.67 10.40 -53.73
N VAL B 40 16.55 9.41 -53.60
CA VAL B 40 17.96 9.66 -53.31
C VAL B 40 18.80 9.05 -54.43
N THR B 41 19.86 9.75 -54.82
CA THR B 41 20.87 9.26 -55.75
C THR B 41 22.17 9.09 -54.98
N ILE B 42 22.61 7.85 -54.85
CA ILE B 42 23.78 7.52 -54.04
C ILE B 42 24.92 7.09 -54.97
N SER B 43 25.96 7.92 -55.04
CA SER B 43 27.13 7.54 -55.83
C SER B 43 27.99 6.64 -54.94
N VAL B 44 28.03 5.37 -55.28
CA VAL B 44 28.74 4.39 -54.49
C VAL B 44 30.09 4.10 -55.15
N GLN B 45 30.96 3.48 -54.37
CA GLN B 45 32.24 3.00 -54.85
C GLN B 45 32.38 1.55 -54.38
N ALA B 46 32.88 0.69 -55.26
CA ALA B 46 32.76 -0.74 -55.06
C ALA B 46 33.68 -1.25 -53.95
N LEU B 47 34.93 -0.77 -53.93
CA LEU B 47 36.01 -1.15 -53.00
C LEU B 47 36.42 -2.63 -53.07
N GLN B 48 35.45 -3.56 -53.06
CA GLN B 48 35.71 -5.00 -53.15
C GLN B 48 34.73 -5.62 -54.14
N VAL B 49 34.85 -6.93 -54.32
CA VAL B 49 34.03 -7.65 -55.29
C VAL B 49 32.68 -7.97 -54.64
N THR B 50 31.60 -7.58 -55.29
CA THR B 50 30.28 -7.82 -54.73
C THR B 50 29.29 -8.24 -55.81
N TRP B 51 28.43 -9.19 -55.44
CA TRP B 51 27.37 -9.70 -56.30
C TRP B 51 25.99 -9.31 -55.77
N ASN B 52 25.96 -8.37 -54.83
CA ASN B 52 24.76 -7.74 -54.27
C ASN B 52 25.21 -6.52 -53.48
N ILE B 53 24.35 -5.51 -53.42
CA ILE B 53 24.59 -4.31 -52.63
C ILE B 53 23.64 -4.31 -51.44
N ILE B 54 24.19 -4.37 -50.24
CA ILE B 54 23.40 -4.41 -49.01
C ILE B 54 23.40 -3.01 -48.41
N LEU B 55 22.21 -2.48 -48.12
CA LEU B 55 22.05 -1.19 -47.48
C LEU B 55 20.86 -1.29 -46.53
N HIS B 56 20.58 -0.19 -45.82
CA HIS B 56 19.53 -0.10 -44.82
C HIS B 56 18.33 0.68 -45.34
N SER B 57 17.12 0.22 -44.99
CA SER B 57 15.86 0.90 -45.31
C SER B 57 14.72 0.30 -44.49
N THR B 58 13.89 1.16 -43.90
CA THR B 58 12.70 0.77 -43.15
C THR B 58 11.55 1.71 -43.47
N GLY B 59 10.35 1.13 -43.63
CA GLY B 59 9.16 1.94 -43.85
C GLY B 59 9.11 2.62 -45.20
N HIS B 60 9.75 2.03 -46.21
CA HIS B 60 9.88 2.63 -47.52
C HIS B 60 9.08 1.83 -48.54
N ASN B 61 8.28 2.53 -49.33
CA ASN B 61 7.46 1.93 -50.36
C ASN B 61 8.18 2.12 -51.68
N ILE B 62 8.81 1.07 -52.19
CA ILE B 62 9.69 1.14 -53.36
C ILE B 62 8.92 1.61 -54.59
N SER B 63 9.27 2.79 -55.09
CA SER B 63 8.66 3.32 -56.30
C SER B 63 9.51 3.02 -57.54
N ARG B 64 10.80 3.37 -57.50
CA ARG B 64 11.75 3.03 -58.55
C ARG B 64 13.08 2.64 -57.92
N VAL B 65 13.77 1.70 -58.56
CA VAL B 65 15.06 1.19 -58.12
C VAL B 65 16.00 1.00 -59.32
N THR B 66 16.62 2.09 -59.76
CA THR B 66 17.26 2.16 -61.07
C THR B 66 18.77 2.37 -60.92
N PHE B 67 19.52 1.30 -61.14
CA PHE B 67 20.98 1.38 -61.33
C PHE B 67 21.26 2.18 -62.61
N MET B 68 22.08 3.23 -62.47
CA MET B 68 22.27 4.18 -63.57
C MET B 68 23.74 4.32 -63.97
N SER B 69 24.57 3.32 -63.71
CA SER B 69 25.95 3.37 -64.16
C SER B 69 26.34 2.09 -64.91
N GLU B 75 20.37 3.53 -68.11
CA GLU B 75 20.17 3.02 -66.76
C GLU B 75 19.47 1.66 -66.79
N LYS B 76 19.60 0.89 -65.71
CA LYS B 76 19.06 -0.48 -65.66
C LYS B 76 18.42 -0.72 -64.30
N GLN B 77 17.08 -0.75 -64.28
CA GLN B 77 16.33 -1.00 -63.05
C GLN B 77 16.58 -2.43 -62.55
N ALA B 78 16.65 -2.57 -61.24
CA ALA B 78 17.11 -3.80 -60.63
C ALA B 78 16.12 -4.29 -59.58
N GLU B 79 16.41 -5.47 -59.04
CA GLU B 79 15.51 -6.16 -58.12
C GLU B 79 15.95 -5.89 -56.69
N ILE B 80 15.04 -5.36 -55.87
CA ILE B 80 15.26 -5.18 -54.45
C ILE B 80 14.70 -6.36 -53.65
N LEU B 81 15.32 -6.60 -52.50
CA LEU B 81 14.95 -7.63 -51.52
C LEU B 81 14.94 -7.00 -50.14
N GLU B 82 14.55 -7.78 -49.13
CA GLU B 82 14.33 -7.20 -47.81
C GLU B 82 14.65 -8.20 -46.69
N TYR B 83 15.34 -7.70 -45.67
CA TYR B 83 15.42 -8.31 -44.35
C TYR B 83 14.94 -7.26 -43.34
N ALA B 84 14.31 -7.72 -42.25
CA ALA B 84 13.69 -6.78 -41.32
C ALA B 84 14.36 -6.72 -39.95
N TYR B 85 14.93 -7.83 -39.47
CA TYR B 85 15.59 -7.89 -38.17
C TYR B 85 16.82 -6.99 -38.10
N HIS B 86 17.42 -6.66 -39.23
CA HIS B 86 18.52 -5.72 -39.30
C HIS B 86 18.18 -4.48 -40.10
N GLY B 87 16.95 -4.37 -40.60
CA GLY B 87 16.58 -3.27 -41.47
C GLY B 87 17.26 -3.27 -42.83
N GLN B 88 17.88 -4.38 -43.20
CA GLN B 88 18.75 -4.42 -44.37
C GLN B 88 17.96 -4.73 -45.63
N ILE B 89 18.22 -3.98 -46.70
CA ILE B 89 17.71 -4.31 -48.01
C ILE B 89 18.88 -4.63 -48.94
N ALA B 90 18.58 -5.39 -49.98
CA ALA B 90 19.58 -5.90 -50.92
C ALA B 90 19.16 -5.59 -52.34
N ILE B 91 20.04 -4.98 -53.09
CA ILE B 91 19.94 -4.95 -54.55
C ILE B 91 20.88 -6.02 -55.06
N VAL B 92 20.30 -7.12 -55.57
CA VAL B 92 21.05 -8.13 -56.30
C VAL B 92 21.74 -7.44 -57.46
N ALA B 93 23.07 -7.49 -57.46
CA ALA B 93 23.87 -6.73 -58.41
C ALA B 93 23.60 -7.24 -59.82
N PRO B 94 23.06 -6.40 -60.70
CA PRO B 94 23.09 -6.75 -62.12
C PRO B 94 24.54 -6.86 -62.57
N GLU B 95 24.79 -7.86 -63.43
CA GLU B 95 26.11 -8.30 -63.85
C GLU B 95 26.89 -8.75 -62.62
N ALA B 96 27.73 -7.86 -62.08
CA ALA B 96 28.65 -8.00 -60.96
C ALA B 96 29.39 -6.67 -60.86
N LEU B 97 30.01 -6.43 -59.71
CA LEU B 97 30.78 -5.21 -59.50
C LEU B 97 32.23 -5.56 -59.23
N LEU B 98 33.13 -4.71 -59.71
CA LEU B 98 34.56 -4.92 -59.62
C LEU B 98 35.19 -3.76 -58.86
N ALA B 99 36.30 -4.05 -58.17
CA ALA B 99 36.97 -3.09 -57.30
C ALA B 99 37.49 -1.88 -58.09
N GLY B 100 37.42 -0.71 -57.45
CA GLY B 100 37.80 0.56 -58.05
C GLY B 100 36.73 1.22 -58.90
N HIS B 101 35.59 0.55 -59.13
CA HIS B 101 34.56 1.08 -60.02
C HIS B 101 33.52 1.83 -59.21
N ASN B 102 33.32 3.10 -59.54
CA ASN B 102 32.15 3.85 -59.09
C ASN B 102 30.89 3.35 -59.77
N TYR B 103 29.77 3.53 -59.07
CA TYR B 103 28.45 3.26 -59.61
C TYR B 103 27.48 4.31 -59.08
N THR B 104 26.29 4.36 -59.66
CA THR B 104 25.23 5.25 -59.20
C THR B 104 23.93 4.47 -59.00
N LEU B 105 23.24 4.77 -57.92
CA LEU B 105 21.98 4.11 -57.57
C LEU B 105 20.93 5.15 -57.20
N LYS B 106 19.80 5.11 -57.86
CA LYS B 106 18.67 6.01 -57.60
C LYS B 106 17.50 5.19 -57.10
N ILE B 107 17.11 5.41 -55.85
CA ILE B 107 15.96 4.75 -55.24
C ILE B 107 14.85 5.79 -55.06
N GLU B 108 13.68 5.50 -55.63
CA GLU B 108 12.52 6.35 -55.46
C GLU B 108 11.52 5.65 -54.54
N TYR B 109 10.83 6.43 -53.71
CA TYR B 109 10.00 5.80 -52.68
C TYR B 109 8.88 6.73 -52.24
N SER B 110 7.97 6.15 -51.46
CA SER B 110 6.88 6.83 -50.76
C SER B 110 6.90 6.39 -49.31
N ALA B 111 6.62 7.32 -48.38
CA ALA B 111 6.64 6.97 -46.96
C ALA B 111 5.85 7.98 -46.14
N ASN B 112 5.49 7.55 -44.92
CA ASN B 112 4.80 8.41 -43.97
C ASN B 112 5.79 9.15 -43.08
N ILE B 113 5.48 10.42 -42.79
CA ILE B 113 6.15 11.16 -41.73
C ILE B 113 5.81 10.52 -40.39
N SER B 114 6.81 10.36 -39.53
CA SER B 114 6.63 9.61 -38.30
C SER B 114 5.91 10.45 -37.25
N SER B 115 5.36 9.77 -36.26
CA SER B 115 4.70 10.39 -35.13
C SER B 115 5.37 10.09 -33.80
N SER B 116 6.28 9.11 -33.75
CA SER B 116 6.94 8.69 -32.52
C SER B 116 8.13 9.56 -32.14
N TYR B 117 8.27 10.74 -32.78
CA TYR B 117 9.36 11.70 -32.56
C TYR B 117 10.72 11.06 -32.81
N TYR B 118 10.78 10.27 -33.89
CA TYR B 118 11.95 9.48 -34.24
C TYR B 118 11.99 9.35 -35.76
N GLY B 119 13.03 9.91 -36.36
CA GLY B 119 13.10 10.02 -37.80
C GLY B 119 12.51 11.33 -38.29
N PHE B 120 12.07 11.33 -39.54
CA PHE B 120 11.26 12.44 -40.06
C PHE B 120 9.96 12.47 -39.27
N TYR B 121 9.91 13.26 -38.19
CA TYR B 121 8.72 13.32 -37.35
C TYR B 121 7.95 14.60 -37.63
N GLY B 122 6.73 14.65 -37.13
CA GLY B 122 5.89 15.83 -37.30
C GLY B 122 4.92 16.00 -36.16
N PHE B 123 4.60 17.26 -35.85
CA PHE B 123 3.73 17.55 -34.71
C PHE B 123 2.88 18.77 -35.04
N SER B 124 1.76 18.88 -34.34
CA SER B 124 0.84 19.99 -34.46
C SER B 124 1.00 20.89 -33.25
N TYR B 125 1.20 22.18 -33.47
CA TYR B 125 1.39 23.12 -32.39
C TYR B 125 0.41 24.29 -32.53
N THR B 126 -0.16 24.70 -31.41
CA THR B 126 -0.98 25.90 -31.39
C THR B 126 -0.12 27.14 -31.21
N ASP B 127 -0.36 28.15 -32.05
CA ASP B 127 0.30 29.44 -31.92
C ASP B 127 -0.34 30.21 -30.75
N GLU B 128 0.17 31.41 -30.46
CA GLU B 128 -0.42 32.30 -29.48
C GLU B 128 -1.81 32.80 -29.91
N SER B 129 -2.16 32.69 -31.18
CA SER B 129 -3.47 33.10 -31.69
C SER B 129 -4.40 31.90 -31.92
N ASN B 130 -4.23 30.82 -31.14
CA ASN B 130 -5.06 29.60 -31.19
C ASN B 130 -5.05 28.95 -32.58
N GLU B 131 -3.95 29.12 -33.32
CA GLU B 131 -3.83 28.57 -34.66
C GLU B 131 -3.48 27.09 -34.58
N LYS B 132 -3.26 26.48 -35.75
CA LYS B 132 -2.78 25.11 -35.85
C LYS B 132 -1.61 25.09 -36.83
N LYS B 133 -0.53 25.76 -36.47
CA LYS B 133 0.65 25.74 -37.31
C LYS B 133 1.39 24.41 -37.12
N TYR B 134 1.96 23.91 -38.21
CA TYR B 134 2.58 22.59 -38.21
C TYR B 134 4.10 22.75 -38.33
N PHE B 135 4.81 21.66 -38.03
CA PHE B 135 6.26 21.68 -38.02
C PHE B 135 6.73 20.22 -38.07
N ALA B 136 7.74 19.97 -38.90
CA ALA B 136 8.42 18.67 -38.99
C ALA B 136 9.92 18.83 -38.84
N ALA B 137 10.57 17.78 -38.35
CA ALA B 137 12.01 17.79 -38.12
C ALA B 137 12.51 16.34 -38.13
N THR B 138 13.83 16.19 -37.94
CA THR B 138 14.48 14.88 -37.91
C THR B 138 15.08 14.59 -36.55
N GLN B 139 14.93 13.35 -36.12
CA GLN B 139 15.67 12.77 -35.01
C GLN B 139 16.27 11.46 -35.55
N PHE B 140 17.43 11.60 -36.19
CA PHE B 140 18.24 10.45 -36.60
C PHE B 140 19.40 10.40 -35.61
N GLU B 141 19.38 9.42 -34.69
CA GLU B 141 20.67 9.03 -34.12
C GLU B 141 20.70 7.55 -33.73
N PRO B 142 19.79 6.98 -32.88
CA PRO B 142 20.06 5.62 -32.34
C PRO B 142 20.24 4.53 -33.42
N LEU B 143 19.23 4.37 -34.26
CA LEU B 143 19.37 3.75 -35.58
C LEU B 143 18.30 4.26 -36.56
N ALA B 144 17.98 5.56 -36.59
CA ALA B 144 16.97 6.04 -37.53
C ALA B 144 17.57 6.26 -38.91
N ALA B 145 17.08 7.24 -39.67
CA ALA B 145 17.53 7.61 -41.03
C ALA B 145 17.39 6.53 -42.09
N ARG B 146 17.54 5.23 -41.75
CA ARG B 146 16.89 4.14 -42.48
C ARG B 146 15.38 4.33 -42.68
N SER B 147 14.70 5.11 -41.83
CA SER B 147 13.28 5.40 -42.00
C SER B 147 12.98 6.47 -43.05
N ALA B 148 13.94 7.36 -43.33
CA ALA B 148 13.68 8.51 -44.18
C ALA B 148 14.30 8.45 -45.56
N PHE B 149 15.53 7.95 -45.68
CA PHE B 149 16.15 7.75 -47.00
C PHE B 149 16.91 6.43 -46.90
N PRO B 150 16.68 5.50 -47.83
CA PRO B 150 17.45 4.24 -47.84
C PRO B 150 18.93 4.49 -48.05
N CYS B 151 19.74 4.02 -47.11
CA CYS B 151 21.11 4.49 -47.01
C CYS B 151 21.97 3.47 -46.26
N PHE B 152 23.15 3.92 -45.85
CA PHE B 152 24.16 3.15 -45.14
C PHE B 152 24.27 3.72 -43.73
N ASP B 153 23.39 3.27 -42.85
CA ASP B 153 23.23 3.76 -41.48
C ASP B 153 24.17 3.14 -40.46
N GLU B 154 25.30 3.01 -40.81
CA GLU B 154 26.40 2.81 -39.90
C GLU B 154 27.19 4.10 -39.80
N PRO B 155 27.81 4.37 -38.65
CA PRO B 155 28.42 5.69 -38.45
C PRO B 155 29.66 5.93 -39.31
N ALA B 156 30.39 4.88 -39.66
CA ALA B 156 31.65 5.05 -40.37
C ALA B 156 31.48 5.15 -41.89
N PHE B 157 30.36 4.67 -42.43
CA PHE B 157 30.06 4.84 -43.85
C PHE B 157 29.65 6.28 -44.16
N LYS B 158 30.57 7.21 -43.97
CA LYS B 158 30.33 8.62 -44.23
C LYS B 158 30.31 8.90 -45.72
N ALA B 159 29.76 10.06 -46.07
CA ALA B 159 29.71 10.58 -47.43
C ALA B 159 29.36 12.06 -47.36
N THR B 160 29.17 12.67 -48.51
CA THR B 160 28.63 14.02 -48.59
C THR B 160 27.15 13.94 -48.96
N PHE B 161 26.41 14.98 -48.59
CA PHE B 161 24.96 14.99 -48.73
C PHE B 161 24.52 16.30 -49.38
N ILE B 162 23.67 16.19 -50.41
CA ILE B 162 23.01 17.33 -51.02
C ILE B 162 21.52 17.18 -50.72
N ILE B 163 20.99 18.08 -49.91
CA ILE B 163 19.61 17.98 -49.43
C ILE B 163 18.75 18.98 -50.18
N LYS B 164 17.67 18.49 -50.78
CA LYS B 164 16.68 19.33 -51.46
C LYS B 164 15.31 19.02 -50.88
N ILE B 165 14.53 20.06 -50.54
CA ILE B 165 13.20 19.87 -49.95
C ILE B 165 12.24 20.84 -50.63
N ILE B 166 11.03 20.36 -50.90
CA ILE B 166 9.95 21.19 -51.45
C ILE B 166 9.18 21.81 -50.29
N ARG B 167 9.18 23.14 -50.20
CA ARG B 167 8.49 23.77 -49.08
C ARG B 167 7.44 24.73 -49.60
N ASP B 168 6.49 25.06 -48.74
CA ASP B 168 5.68 26.23 -49.03
C ASP B 168 6.32 27.45 -48.37
N GLU B 169 6.12 28.61 -49.02
CA GLU B 169 6.68 29.87 -48.53
C GLU B 169 6.11 30.27 -47.18
N GLN B 170 4.93 29.76 -46.83
CA GLN B 170 4.46 29.62 -45.46
C GLN B 170 5.56 29.18 -44.50
N TYR B 171 6.27 28.11 -44.82
CA TYR B 171 7.27 27.52 -43.95
C TYR B 171 8.68 28.06 -44.23
N THR B 172 9.61 27.70 -43.34
CA THR B 172 11.04 27.96 -43.52
C THR B 172 11.77 26.64 -43.34
N ALA B 173 12.55 26.25 -44.34
CA ALA B 173 13.28 24.99 -44.32
C ALA B 173 14.76 25.23 -44.09
N LEU B 174 15.36 24.41 -43.22
CA LEU B 174 16.78 24.47 -42.92
C LEU B 174 17.36 23.07 -42.93
N SER B 175 18.66 23.00 -43.22
CA SER B 175 19.38 21.74 -43.17
C SER B 175 20.77 21.99 -42.61
N ASN B 176 21.67 21.04 -42.87
CA ASN B 176 23.00 21.07 -42.27
C ASN B 176 23.83 22.23 -42.81
N MET B 177 23.86 22.37 -44.13
CA MET B 177 24.69 23.32 -44.83
C MET B 177 23.89 24.58 -45.12
N PRO B 178 24.55 25.70 -45.49
CA PRO B 178 23.79 26.87 -45.96
C PRO B 178 23.02 26.58 -47.23
N LYS B 179 22.03 27.44 -47.49
CA LYS B 179 21.08 27.25 -48.58
C LYS B 179 21.51 28.09 -49.78
N LYS B 180 21.53 27.47 -50.96
CA LYS B 180 21.84 28.19 -52.19
C LYS B 180 20.61 28.23 -53.12
N SER B 181 20.32 27.11 -53.77
CA SER B 181 19.25 27.06 -54.76
C SER B 181 17.89 27.14 -54.07
N SER B 182 17.07 28.10 -54.51
CA SER B 182 15.74 28.35 -53.95
C SER B 182 14.79 28.58 -55.13
N VAL B 183 14.52 27.51 -55.87
CA VAL B 183 13.67 27.54 -57.06
C VAL B 183 12.24 27.90 -56.68
N VAL B 184 11.77 29.06 -57.14
CA VAL B 184 10.42 29.52 -56.81
C VAL B 184 9.40 28.82 -57.71
N LEU B 185 9.23 27.52 -57.50
CA LEU B 185 8.38 26.66 -58.33
C LEU B 185 6.91 27.06 -58.21
N ASP B 186 6.12 26.71 -59.21
CA ASP B 186 4.69 26.98 -59.16
C ASP B 186 3.99 26.02 -58.21
N ASP B 187 2.72 26.36 -57.92
CA ASP B 187 1.77 25.77 -56.95
C ASP B 187 2.17 26.04 -55.49
N GLY B 188 2.72 27.21 -55.22
CA GLY B 188 3.11 27.61 -53.87
C GLY B 188 4.19 26.75 -53.27
N LEU B 189 5.19 26.37 -54.06
CA LEU B 189 6.20 25.43 -53.62
C LEU B 189 7.58 26.00 -53.97
N VAL B 190 8.50 26.01 -53.02
CA VAL B 190 9.80 26.62 -53.30
C VAL B 190 10.91 25.61 -53.04
N GLN B 191 11.12 24.66 -53.99
CA GLN B 191 12.03 23.53 -53.79
C GLN B 191 13.46 24.00 -53.52
N ASP B 192 13.77 24.09 -52.23
CA ASP B 192 15.05 24.62 -51.79
C ASP B 192 16.11 23.56 -51.93
N GLU B 193 17.36 23.99 -52.06
CA GLU B 193 18.49 23.08 -52.04
C GLU B 193 19.59 23.67 -51.16
N PHE B 194 20.33 22.78 -50.52
CA PHE B 194 21.38 23.16 -49.61
C PHE B 194 22.71 22.69 -50.19
N SER B 195 23.77 23.38 -49.79
CA SER B 195 25.11 23.12 -50.31
C SER B 195 25.54 21.69 -49.97
N GLU B 196 26.42 21.14 -50.80
CA GLU B 196 26.87 19.76 -50.58
C GLU B 196 27.64 19.68 -49.28
N SER B 197 27.32 18.68 -48.48
CA SER B 197 27.86 18.60 -47.14
C SER B 197 29.33 18.25 -47.18
N VAL B 198 29.98 18.40 -46.03
CA VAL B 198 31.29 17.83 -45.80
C VAL B 198 31.07 16.34 -45.52
N LYS B 199 32.15 15.60 -45.29
CA LYS B 199 31.99 14.18 -45.01
C LYS B 199 31.42 14.03 -43.61
N MET B 200 30.15 13.66 -43.55
CA MET B 200 29.44 13.49 -42.28
C MET B 200 28.77 12.12 -42.28
N SER B 201 28.44 11.66 -41.08
CA SER B 201 27.72 10.42 -40.94
C SER B 201 26.23 10.67 -41.13
N THR B 202 25.50 9.58 -41.30
CA THR B 202 24.07 9.66 -41.60
C THR B 202 23.24 10.03 -40.37
N TYR B 203 23.77 9.85 -39.16
CA TYR B 203 23.06 10.24 -37.95
C TYR B 203 23.16 11.74 -37.65
N LEU B 204 23.77 12.51 -38.53
CA LEU B 204 23.85 13.95 -38.31
C LEU B 204 23.15 14.73 -39.41
N VAL B 205 22.58 14.05 -40.39
CA VAL B 205 21.77 14.71 -41.40
C VAL B 205 20.46 15.16 -40.77
N ALA B 206 20.08 16.40 -41.02
CA ALA B 206 18.91 16.96 -40.34
C ALA B 206 18.24 18.01 -41.22
N PHE B 207 16.97 17.79 -41.56
CA PHE B 207 16.18 18.73 -42.36
C PHE B 207 14.90 19.07 -41.60
N ILE B 208 14.75 20.34 -41.26
CA ILE B 208 13.57 20.81 -40.55
C ILE B 208 12.73 21.66 -41.49
N VAL B 209 11.44 21.75 -41.18
CA VAL B 209 10.53 22.60 -41.96
C VAL B 209 9.42 23.15 -41.06
N GLY B 210 9.43 24.47 -40.86
CA GLY B 210 8.45 25.09 -39.99
C GLY B 210 8.47 26.60 -40.12
N GLU B 211 7.41 27.21 -39.61
CA GLU B 211 7.26 28.66 -39.60
C GLU B 211 8.09 29.23 -38.45
N MET B 212 9.15 29.96 -38.77
CA MET B 212 10.11 30.42 -37.76
C MET B 212 10.58 31.83 -38.07
N LYS B 213 11.37 32.36 -37.13
CA LYS B 213 12.09 33.62 -37.28
C LYS B 213 13.54 33.38 -36.90
N ASN B 214 14.35 34.43 -36.87
CA ASN B 214 15.77 34.27 -36.58
C ASN B 214 16.31 35.48 -35.84
N LEU B 215 17.18 35.21 -34.88
CA LEU B 215 18.05 36.22 -34.27
C LEU B 215 19.48 35.78 -34.56
N SER B 216 20.14 36.46 -35.49
CA SER B 216 21.44 36.06 -35.99
C SER B 216 22.50 37.07 -35.61
N GLN B 217 23.75 36.65 -35.75
CA GLN B 217 24.92 37.50 -35.61
C GLN B 217 26.02 36.87 -36.44
N ASP B 218 26.94 37.67 -36.96
CA ASP B 218 28.10 37.15 -37.66
C ASP B 218 29.32 37.31 -36.78
N VAL B 219 30.20 36.30 -36.79
CA VAL B 219 31.50 36.35 -36.14
C VAL B 219 32.56 35.84 -37.12
N ASN B 220 33.33 36.76 -37.70
CA ASN B 220 34.45 36.52 -38.62
C ASN B 220 34.00 35.67 -39.83
N GLY B 221 33.03 36.22 -40.56
CA GLY B 221 32.46 35.55 -41.74
C GLY B 221 31.42 34.46 -41.51
N THR B 222 31.56 33.69 -40.44
CA THR B 222 30.63 32.61 -40.14
C THR B 222 29.38 33.16 -39.46
N LEU B 223 28.22 32.72 -39.95
CA LEU B 223 26.94 33.28 -39.53
C LEU B 223 26.28 32.33 -38.53
N VAL B 224 26.29 32.71 -37.26
CA VAL B 224 25.59 31.97 -36.22
C VAL B 224 24.20 32.56 -36.03
N SER B 225 23.19 31.70 -36.03
CA SER B 225 21.81 32.14 -36.03
C SER B 225 21.00 31.18 -35.17
N ILE B 226 20.00 31.69 -34.48
CA ILE B 226 19.09 30.84 -33.72
C ILE B 226 17.68 31.04 -34.25
N TYR B 227 17.04 29.93 -34.57
CA TYR B 227 15.70 29.91 -35.13
C TYR B 227 14.72 29.42 -34.07
N ALA B 228 13.59 30.09 -33.99
CA ALA B 228 12.55 29.70 -33.05
C ALA B 228 11.21 30.07 -33.65
N VAL B 229 10.16 29.63 -32.96
CA VAL B 229 8.76 29.94 -33.24
C VAL B 229 8.57 31.46 -33.18
N PRO B 230 7.61 32.05 -33.99
CA PRO B 230 7.46 33.51 -34.08
C PRO B 230 7.40 34.30 -32.78
N GLU B 231 6.61 33.83 -31.81
CA GLU B 231 6.35 34.60 -30.60
C GLU B 231 7.46 34.50 -29.55
N LYS B 232 8.43 33.61 -29.73
CA LYS B 232 9.41 33.34 -28.68
C LYS B 232 10.81 33.80 -29.03
N ILE B 233 10.95 34.76 -29.94
CA ILE B 233 12.28 35.18 -30.37
C ILE B 233 12.94 36.13 -29.37
N GLY B 234 12.15 36.74 -28.47
CA GLY B 234 12.73 37.64 -27.48
C GLY B 234 13.47 36.94 -26.36
N GLN B 235 13.27 35.63 -26.20
CA GLN B 235 13.84 34.85 -25.12
C GLN B 235 15.01 34.00 -25.60
N VAL B 236 15.75 34.52 -26.58
CA VAL B 236 16.67 33.74 -27.40
C VAL B 236 18.01 34.45 -27.32
N HIS B 237 17.98 35.70 -26.83
CA HIS B 237 19.14 36.59 -26.83
C HIS B 237 20.25 36.06 -25.94
N TYR B 238 19.91 35.38 -24.85
CA TYR B 238 20.95 34.75 -24.03
C TYR B 238 21.60 33.58 -24.73
N ALA B 239 20.83 32.81 -25.50
CA ALA B 239 21.42 31.68 -26.21
C ALA B 239 22.42 32.15 -27.26
N LEU B 240 22.13 33.28 -27.93
CA LEU B 240 23.04 33.79 -28.95
C LEU B 240 24.33 34.34 -28.35
N GLU B 241 24.22 35.08 -27.25
CA GLU B 241 25.40 35.60 -26.55
C GLU B 241 26.29 34.49 -26.02
N THR B 242 25.69 33.34 -25.65
CA THR B 242 26.48 32.24 -25.11
C THR B 242 27.01 31.32 -26.21
N THR B 243 26.27 31.17 -27.32
CA THR B 243 26.77 30.36 -28.44
C THR B 243 28.04 30.94 -29.04
N VAL B 244 28.10 32.26 -29.20
CA VAL B 244 29.28 32.87 -29.81
C VAL B 244 30.46 32.83 -28.85
N LYS B 245 30.21 32.85 -27.54
CA LYS B 245 31.30 32.92 -26.59
C LYS B 245 31.94 31.55 -26.38
N LEU B 246 31.15 30.48 -26.52
CA LEU B 246 31.67 29.12 -26.50
C LEU B 246 32.19 28.65 -27.85
N LEU B 247 31.67 29.19 -28.96
CA LEU B 247 32.23 28.85 -30.27
C LEU B 247 33.67 29.33 -30.38
N GLU B 248 33.98 30.49 -29.79
CA GLU B 248 35.34 31.00 -29.75
C GLU B 248 36.28 30.08 -28.99
N PHE B 249 35.89 29.73 -27.77
CA PHE B 249 36.63 28.82 -26.88
C PHE B 249 36.98 27.52 -27.57
N PHE B 250 35.95 26.80 -28.01
CA PHE B 250 36.13 25.49 -28.62
C PHE B 250 36.97 25.57 -29.88
N GLN B 251 36.80 26.65 -30.66
CA GLN B 251 37.66 26.88 -31.83
C GLN B 251 39.12 27.08 -31.42
N ASN B 252 39.36 27.90 -30.39
CA ASN B 252 40.72 28.13 -29.94
C ASN B 252 41.26 26.96 -29.14
N TYR B 253 40.39 26.26 -28.40
CA TYR B 253 40.86 25.12 -27.61
C TYR B 253 41.20 23.93 -28.50
N PHE B 254 40.37 23.65 -29.51
CA PHE B 254 40.62 22.52 -30.40
C PHE B 254 41.58 22.87 -31.54
N GLU B 255 41.86 24.16 -31.74
CA GLU B 255 42.75 24.68 -32.80
C GLU B 255 42.33 24.23 -34.21
N ILE B 256 41.04 24.01 -34.41
CA ILE B 256 40.45 23.79 -35.72
C ILE B 256 39.29 24.75 -35.84
N GLN B 257 39.21 25.44 -36.97
CA GLN B 257 38.11 26.36 -37.23
C GLN B 257 36.81 25.57 -37.38
N TYR B 258 35.68 26.22 -37.07
CA TYR B 258 34.34 25.68 -37.24
C TYR B 258 34.16 25.17 -38.68
N PRO B 259 33.86 23.87 -38.87
CA PRO B 259 33.98 23.25 -40.21
C PRO B 259 33.03 23.79 -41.26
N LEU B 260 31.95 24.45 -40.86
CA LEU B 260 30.94 24.96 -41.76
C LEU B 260 30.99 26.48 -41.81
N LYS B 261 30.14 27.05 -42.66
CA LYS B 261 30.02 28.50 -42.77
C LYS B 261 28.86 29.07 -41.97
N LYS B 262 27.91 28.23 -41.58
CA LYS B 262 26.78 28.67 -40.77
C LYS B 262 26.59 27.71 -39.61
N LEU B 263 25.97 28.22 -38.55
CA LEU B 263 25.66 27.45 -37.36
C LEU B 263 24.27 27.83 -36.89
N ASP B 264 23.29 26.95 -37.10
CA ASP B 264 21.90 27.20 -36.73
C ASP B 264 21.53 26.39 -35.51
N LEU B 265 20.84 27.03 -34.58
CA LEU B 265 20.26 26.37 -33.42
C LEU B 265 18.76 26.56 -33.52
N VAL B 266 18.00 25.48 -33.49
CA VAL B 266 16.56 25.56 -33.67
C VAL B 266 15.87 25.03 -32.42
N ALA B 267 14.94 25.83 -31.89
CA ALA B 267 14.10 25.43 -30.76
C ALA B 267 12.80 24.87 -31.32
N ILE B 268 12.71 23.55 -31.38
CA ILE B 268 11.50 22.87 -31.85
C ILE B 268 10.38 23.05 -30.83
N PRO B 269 9.19 23.56 -31.24
CA PRO B 269 8.11 23.87 -30.31
C PRO B 269 7.26 22.69 -29.85
N ASP B 270 7.93 21.60 -29.47
CA ASP B 270 7.30 20.45 -28.85
C ASP B 270 8.19 19.98 -27.70
N PHE B 271 7.59 19.29 -26.74
CA PHE B 271 8.33 18.83 -25.57
C PHE B 271 8.87 17.41 -25.73
N GLU B 272 8.28 16.58 -26.59
CA GLU B 272 8.87 15.29 -26.94
C GLU B 272 9.93 15.41 -28.04
N ALA B 273 10.50 16.60 -28.22
CA ALA B 273 11.46 16.88 -29.28
C ALA B 273 12.82 16.25 -28.97
N GLY B 274 13.76 16.45 -29.90
CA GLY B 274 15.07 15.85 -29.83
C GLY B 274 16.14 16.92 -29.71
N ALA B 275 16.98 16.78 -28.70
CA ALA B 275 18.14 17.63 -28.48
C ALA B 275 19.35 16.92 -29.09
N MET B 276 19.74 17.34 -30.29
CA MET B 276 20.78 16.66 -31.05
C MET B 276 21.83 17.65 -31.52
N GLU B 277 23.05 17.13 -31.65
CA GLU B 277 24.25 17.81 -32.12
C GLU B 277 24.39 17.85 -33.63
N ASN B 278 23.31 17.59 -34.38
CA ASN B 278 23.24 17.61 -35.85
C ASN B 278 23.99 18.79 -36.43
N TRP B 279 24.94 18.47 -37.30
CA TRP B 279 25.97 19.41 -37.75
C TRP B 279 25.33 20.57 -38.50
N GLY B 280 25.51 21.77 -37.99
CA GLY B 280 24.90 22.92 -38.62
C GLY B 280 23.52 23.22 -38.09
N LEU B 281 22.69 22.19 -37.90
CA LEU B 281 21.31 22.35 -37.44
C LEU B 281 21.16 21.75 -36.04
N LEU B 282 21.64 22.48 -35.05
CA LEU B 282 21.52 22.06 -33.66
C LEU B 282 20.06 22.13 -33.21
N THR B 283 19.53 21.00 -32.78
CA THR B 283 18.13 20.88 -32.40
C THR B 283 17.98 20.88 -30.88
N PHE B 284 16.96 21.59 -30.40
CA PHE B 284 16.69 21.70 -28.98
C PHE B 284 15.19 21.73 -28.76
N ARG B 285 14.75 21.26 -27.60
CA ARG B 285 13.40 21.58 -27.16
C ARG B 285 13.34 23.07 -26.82
N GLU B 286 12.14 23.63 -26.93
CA GLU B 286 11.99 25.08 -26.89
C GLU B 286 12.35 25.66 -25.52
N GLU B 287 11.89 25.02 -24.45
CA GLU B 287 12.16 25.53 -23.10
C GLU B 287 13.61 25.39 -22.68
N THR B 288 14.40 24.55 -23.36
CA THR B 288 15.82 24.43 -23.05
C THR B 288 16.61 25.69 -23.42
N LEU B 289 16.11 26.50 -24.36
CA LEU B 289 16.80 27.72 -24.77
C LEU B 289 16.08 29.00 -24.37
N LEU B 290 14.80 28.92 -24.02
CA LEU B 290 14.04 30.10 -23.65
C LEU B 290 14.49 30.62 -22.29
N TYR B 291 15.03 31.84 -22.27
CA TYR B 291 15.57 32.41 -21.05
C TYR B 291 15.27 33.91 -21.01
N ASP B 292 15.00 34.40 -19.81
CA ASP B 292 14.88 35.83 -19.54
C ASP B 292 15.73 36.16 -18.32
N SER B 293 16.43 37.30 -18.35
CA SER B 293 17.40 37.59 -17.28
C SER B 293 16.74 38.01 -15.97
N ASN B 294 15.44 38.26 -15.97
CA ASN B 294 14.70 38.55 -14.76
C ASN B 294 13.68 37.48 -14.41
N THR B 295 12.95 36.97 -15.41
CA THR B 295 11.89 36.01 -15.14
C THR B 295 12.45 34.64 -14.81
N SER B 296 13.45 34.18 -15.54
CA SER B 296 13.97 32.83 -15.34
C SER B 296 14.86 32.77 -14.10
N SER B 297 15.25 31.55 -13.74
CA SER B 297 16.00 31.28 -12.54
C SER B 297 17.49 31.18 -12.85
N MET B 298 18.28 30.87 -11.82
CA MET B 298 19.70 30.56 -12.03
C MET B 298 19.88 29.16 -12.59
N ALA B 299 19.06 28.21 -12.14
CA ALA B 299 19.14 26.86 -12.70
C ALA B 299 18.60 26.80 -14.11
N ASP B 300 17.67 27.71 -14.45
CA ASP B 300 17.29 27.88 -15.84
C ASP B 300 18.43 28.48 -16.66
N ARG B 301 19.26 29.32 -16.03
CA ARG B 301 20.44 29.87 -16.71
C ARG B 301 21.51 28.81 -16.89
N LYS B 302 21.71 27.96 -15.87
CA LYS B 302 22.76 26.95 -15.92
C LYS B 302 22.48 25.92 -17.01
N LEU B 303 21.20 25.59 -17.23
CA LEU B 303 20.84 24.55 -18.20
C LEU B 303 21.10 25.01 -19.63
N VAL B 304 20.67 26.23 -19.98
CA VAL B 304 20.80 26.70 -21.36
C VAL B 304 22.28 26.95 -21.71
N THR B 305 23.08 27.39 -20.72
CA THR B 305 24.51 27.54 -20.95
C THR B 305 25.19 26.18 -21.08
N LYS B 306 24.68 25.16 -20.38
CA LYS B 306 25.27 23.83 -20.43
C LYS B 306 24.83 23.04 -21.67
N ILE B 307 23.60 23.22 -22.12
CA ILE B 307 23.15 22.43 -23.27
C ILE B 307 23.79 22.97 -24.56
N ILE B 308 24.15 24.26 -24.60
CA ILE B 308 24.86 24.79 -25.75
C ILE B 308 26.30 24.27 -25.79
N ALA B 309 26.96 24.20 -24.63
CA ALA B 309 28.34 23.77 -24.56
C ALA B 309 28.48 22.29 -24.90
N HIS B 310 27.54 21.46 -24.43
CA HIS B 310 27.57 20.03 -24.77
C HIS B 310 27.31 19.82 -26.26
N GLU B 311 26.37 20.56 -26.84
CA GLU B 311 26.05 20.34 -28.26
C GLU B 311 27.16 20.86 -29.18
N LEU B 312 27.71 22.05 -28.87
CA LEU B 312 28.74 22.66 -29.72
C LEU B 312 30.05 21.87 -29.70
N ALA B 313 30.34 21.18 -28.61
CA ALA B 313 31.57 20.39 -28.53
C ALA B 313 31.51 19.16 -29.42
N HIS B 314 30.32 18.70 -29.82
CA HIS B 314 30.31 17.61 -30.77
C HIS B 314 30.56 18.05 -32.21
N GLN B 315 30.47 19.34 -32.53
CA GLN B 315 30.82 19.80 -33.87
C GLN B 315 32.30 19.59 -34.21
N TRP B 316 33.12 19.27 -33.21
CA TRP B 316 34.49 18.79 -33.37
C TRP B 316 34.63 17.32 -33.01
N PHE B 317 34.27 16.95 -31.78
CA PHE B 317 34.41 15.58 -31.29
C PHE B 317 33.10 14.85 -31.55
N GLY B 318 33.03 14.02 -32.57
CA GLY B 318 31.80 13.29 -32.81
C GLY B 318 31.27 13.49 -34.21
N ASN B 319 31.40 14.71 -34.73
CA ASN B 319 31.00 15.02 -36.11
C ASN B 319 32.20 15.21 -37.02
N LEU B 320 33.22 15.96 -36.60
CA LEU B 320 34.46 16.01 -37.35
C LEU B 320 35.24 14.70 -37.18
N VAL B 321 35.34 14.19 -35.96
CA VAL B 321 35.94 12.89 -35.69
C VAL B 321 34.87 12.02 -35.04
N THR B 322 34.25 11.16 -35.83
CA THR B 322 33.11 10.36 -35.41
C THR B 322 33.61 9.02 -34.84
N MET B 323 32.85 8.45 -33.90
CA MET B 323 33.15 7.10 -33.46
C MET B 323 32.64 6.08 -34.47
N LYS B 324 33.33 4.95 -34.54
CA LYS B 324 33.06 3.97 -35.59
C LYS B 324 31.74 3.25 -35.36
N TRP B 325 31.54 2.72 -34.16
CA TRP B 325 30.32 2.01 -33.83
C TRP B 325 29.70 2.62 -32.57
N TRP B 326 28.51 2.14 -32.22
CA TRP B 326 27.78 2.61 -31.05
C TRP B 326 28.29 2.00 -29.74
N ASN B 327 29.44 1.31 -29.77
CA ASN B 327 30.12 0.87 -28.56
C ASN B 327 30.79 2.01 -27.81
N ASP B 328 31.03 3.12 -28.48
CA ASP B 328 31.88 4.18 -27.96
C ASP B 328 31.14 5.52 -27.91
N LEU B 329 29.81 5.45 -27.82
CA LEU B 329 29.00 6.65 -27.60
C LEU B 329 29.28 7.26 -26.23
N TRP B 330 29.72 6.44 -25.27
CA TRP B 330 30.13 6.93 -23.95
C TRP B 330 31.28 7.93 -24.04
N LEU B 331 32.15 7.81 -25.05
CA LEU B 331 33.29 8.71 -25.15
C LEU B 331 32.89 10.04 -25.80
N ASN B 332 32.11 9.96 -26.87
CA ASN B 332 31.57 11.14 -27.54
C ASN B 332 30.74 12.00 -26.58
N GLU B 333 29.78 11.38 -25.89
CA GLU B 333 28.92 12.13 -24.99
C GLU B 333 29.63 12.46 -23.68
N GLY B 334 30.64 11.67 -23.31
CA GLY B 334 31.40 11.98 -22.12
C GLY B 334 32.38 13.12 -22.32
N PHE B 335 32.89 13.27 -23.54
CA PHE B 335 33.81 14.36 -23.85
C PHE B 335 33.09 15.70 -23.83
N ALA B 336 31.93 15.74 -24.47
CA ALA B 336 31.16 16.98 -24.49
C ALA B 336 30.61 17.32 -23.11
N THR B 337 30.34 16.30 -22.29
CA THR B 337 29.95 16.52 -20.89
C THR B 337 31.11 17.07 -20.08
N PHE B 338 32.33 16.59 -20.33
CA PHE B 338 33.50 17.20 -19.72
C PHE B 338 33.67 18.63 -20.19
N MET B 339 33.58 18.84 -21.50
CA MET B 339 33.62 20.19 -22.08
C MET B 339 32.45 21.05 -21.63
N GLU B 340 31.33 20.43 -21.27
CA GLU B 340 30.19 21.16 -20.73
C GLU B 340 30.52 21.83 -19.41
N TYR B 341 31.35 21.18 -18.58
CA TYR B 341 31.79 21.78 -17.33
C TYR B 341 33.17 22.40 -17.41
N PHE B 342 34.01 21.95 -18.35
CA PHE B 342 35.35 22.52 -18.50
C PHE B 342 35.31 23.88 -19.16
N SER B 343 34.46 24.06 -20.18
CA SER B 343 34.36 25.36 -20.83
C SER B 343 33.70 26.38 -19.91
N LEU B 344 32.69 25.95 -19.15
CA LEU B 344 32.06 26.88 -18.22
C LEU B 344 32.86 27.08 -16.95
N GLU B 345 33.97 26.37 -16.77
CA GLU B 345 34.87 26.74 -15.68
C GLU B 345 35.79 27.88 -16.10
N LYS B 346 36.13 27.97 -17.38
CA LYS B 346 37.05 29.00 -17.84
C LYS B 346 36.33 30.29 -18.23
N ILE B 347 35.24 30.19 -18.98
CA ILE B 347 34.53 31.38 -19.43
C ILE B 347 33.48 31.82 -18.41
N PHE B 348 32.73 30.88 -17.86
CA PHE B 348 31.59 31.21 -17.02
C PHE B 348 31.82 30.79 -15.58
N LYS B 349 32.97 31.14 -14.99
CA LYS B 349 33.33 30.72 -13.64
C LYS B 349 32.41 31.29 -12.57
N GLU B 350 31.62 32.31 -12.92
CA GLU B 350 30.55 32.86 -12.08
C GLU B 350 29.52 31.80 -11.66
N LEU B 351 29.15 30.91 -12.59
CA LEU B 351 27.99 30.04 -12.37
C LEU B 351 28.26 28.91 -11.38
N SER B 352 29.53 28.64 -11.05
CA SER B 352 29.95 27.58 -10.14
C SER B 352 29.44 26.22 -10.59
N SER B 353 29.69 25.93 -11.88
CA SER B 353 29.15 24.73 -12.51
C SER B 353 29.80 23.46 -11.98
N TYR B 354 30.94 23.58 -11.29
CA TYR B 354 31.58 22.44 -10.64
C TYR B 354 30.70 21.82 -9.56
N GLU B 355 29.84 22.62 -8.93
CA GLU B 355 28.92 22.11 -7.93
C GLU B 355 27.89 21.15 -8.52
N ASP B 356 27.49 21.37 -9.78
CA ASP B 356 26.58 20.46 -10.46
C ASP B 356 27.29 19.19 -10.94
N PHE B 357 28.51 19.35 -11.45
CA PHE B 357 29.31 18.20 -11.89
C PHE B 357 29.70 17.32 -10.71
N LEU B 358 29.89 17.92 -9.53
CA LEU B 358 30.21 17.16 -8.33
C LEU B 358 29.04 16.29 -7.90
N ASP B 359 27.83 16.84 -7.93
CA ASP B 359 26.65 16.05 -7.61
C ASP B 359 26.43 14.94 -8.63
N ALA B 360 26.62 15.25 -9.92
CA ALA B 360 26.46 14.26 -10.98
C ALA B 360 27.49 13.14 -10.86
N ARG B 361 28.65 13.42 -10.26
CA ARG B 361 29.64 12.39 -10.01
C ARG B 361 29.38 11.63 -8.73
N PHE B 362 28.79 12.28 -7.71
CA PHE B 362 28.23 11.56 -6.57
C PHE B 362 27.15 10.58 -7.01
N LYS B 363 26.28 11.01 -7.94
CA LYS B 363 25.14 10.19 -8.32
C LYS B 363 25.55 9.06 -9.27
N THR B 364 26.57 9.30 -10.09
CA THR B 364 27.04 8.28 -11.02
C THR B 364 27.68 7.12 -10.27
N MET B 365 28.32 7.40 -9.13
CA MET B 365 29.02 6.36 -8.41
C MET B 365 28.06 5.46 -7.65
N LYS B 366 26.99 6.04 -7.07
CA LYS B 366 26.03 5.27 -6.28
C LYS B 366 25.34 4.20 -7.11
N LYS B 367 25.18 4.42 -8.41
CA LYS B 367 24.67 3.41 -9.31
C LYS B 367 25.74 2.59 -10.02
N ASP B 368 26.95 3.13 -10.18
CA ASP B 368 28.06 2.29 -10.65
C ASP B 368 28.57 1.35 -9.56
N SER B 369 28.28 1.65 -8.29
CA SER B 369 28.61 0.75 -7.19
C SER B 369 27.74 -0.49 -7.15
N LEU B 370 26.57 -0.44 -7.79
CA LEU B 370 25.67 -1.59 -7.80
C LEU B 370 26.23 -2.71 -8.65
N ASN B 371 25.93 -3.95 -8.27
CA ASN B 371 26.36 -5.12 -9.04
C ASN B 371 25.54 -5.28 -10.34
N SER B 372 24.47 -4.49 -10.49
CA SER B 372 23.75 -4.32 -11.75
C SER B 372 24.43 -3.35 -12.71
N SER B 373 25.59 -2.80 -12.35
CA SER B 373 26.33 -1.97 -13.30
C SER B 373 26.98 -2.85 -14.37
N HIS B 374 27.59 -2.19 -15.34
CA HIS B 374 28.23 -2.87 -16.45
C HIS B 374 29.47 -2.08 -16.82
N PRO B 375 30.50 -2.73 -17.39
CA PRO B 375 31.65 -1.98 -17.88
C PRO B 375 31.24 -1.06 -19.02
N ILE B 376 31.92 0.10 -19.10
CA ILE B 376 31.47 1.16 -20.00
C ILE B 376 31.75 0.80 -21.46
N SER B 377 32.68 -0.13 -21.71
CA SER B 377 32.94 -0.66 -23.04
C SER B 377 32.30 -2.04 -23.13
N SER B 378 31.26 -2.14 -23.95
CA SER B 378 30.51 -3.38 -24.13
C SER B 378 30.55 -3.79 -25.60
N SER B 379 30.08 -5.00 -25.86
CA SER B 379 29.94 -5.52 -27.22
C SER B 379 28.50 -5.27 -27.67
N VAL B 380 28.33 -4.41 -28.65
CA VAL B 380 27.01 -4.09 -29.17
C VAL B 380 26.89 -4.80 -30.52
N GLN B 381 26.34 -6.00 -30.47
CA GLN B 381 26.10 -6.80 -31.67
C GLN B 381 24.61 -6.95 -31.97
N SER B 382 23.77 -6.15 -31.32
CA SER B 382 22.32 -6.22 -31.50
C SER B 382 21.75 -4.82 -31.47
N SER B 383 20.58 -4.65 -32.09
CA SER B 383 19.93 -3.35 -32.15
C SER B 383 19.42 -2.91 -30.78
N GLU B 384 19.05 -3.88 -29.92
CA GLU B 384 18.63 -3.55 -28.56
C GLU B 384 19.80 -2.98 -27.76
N GLN B 385 21.00 -3.50 -27.99
CA GLN B 385 22.18 -3.04 -27.27
C GLN B 385 22.59 -1.64 -27.72
N ILE B 386 22.41 -1.34 -29.01
CA ILE B 386 22.69 -0.01 -29.57
C ILE B 386 21.83 1.04 -28.87
N GLU B 387 20.58 0.70 -28.55
CA GLU B 387 19.70 1.58 -27.78
C GLU B 387 19.87 1.42 -26.28
N GLU B 388 20.46 0.30 -25.83
CA GLU B 388 20.88 0.18 -24.43
C GLU B 388 22.02 1.14 -24.11
N MET B 389 22.84 1.49 -25.12
CA MET B 389 23.97 2.38 -24.96
C MET B 389 23.59 3.82 -24.61
N PHE B 390 22.33 4.21 -24.76
CA PHE B 390 21.91 5.58 -24.48
C PHE B 390 21.50 5.70 -23.02
N ASP B 391 22.50 5.55 -22.15
CA ASP B 391 22.35 5.69 -20.71
C ASP B 391 23.06 6.95 -20.28
N SER B 392 22.33 7.86 -19.63
CA SER B 392 22.91 9.09 -19.10
C SER B 392 23.95 8.84 -18.02
N LEU B 393 23.90 7.68 -17.36
CA LEU B 393 24.95 7.31 -16.42
C LEU B 393 26.27 7.03 -17.12
N SER B 394 26.23 6.22 -18.19
CA SER B 394 27.44 5.83 -18.90
C SER B 394 28.12 7.04 -19.55
N TYR B 395 27.35 8.06 -19.89
CA TYR B 395 27.92 9.31 -20.39
C TYR B 395 28.69 10.04 -19.31
N PHE B 396 28.15 10.06 -18.07
CA PHE B 396 28.73 10.86 -17.01
C PHE B 396 30.00 10.23 -16.44
N LYS B 397 30.05 8.90 -16.38
CA LYS B 397 31.28 8.21 -15.98
C LYS B 397 32.40 8.46 -16.98
N GLY B 398 32.06 8.57 -18.26
CA GLY B 398 33.04 8.95 -19.26
C GLY B 398 33.65 10.32 -19.03
N SER B 399 32.82 11.29 -18.62
CA SER B 399 33.35 12.60 -18.24
C SER B 399 34.14 12.52 -16.95
N SER B 400 33.78 11.58 -16.06
CA SER B 400 34.50 11.41 -14.82
C SER B 400 35.89 10.82 -15.05
N LEU B 401 36.00 9.93 -16.04
CA LEU B 401 37.30 9.37 -16.39
C LEU B 401 38.17 10.40 -17.10
N LEU B 402 37.56 11.25 -17.92
CA LEU B 402 38.31 12.30 -18.63
C LEU B 402 38.76 13.41 -17.68
N LEU B 403 37.98 13.69 -16.64
CA LEU B 403 38.42 14.62 -15.61
C LEU B 403 39.63 14.08 -14.86
N MET B 404 39.62 12.76 -14.60
CA MET B 404 40.72 12.11 -13.90
C MET B 404 42.01 12.14 -14.72
N LEU B 405 41.90 11.97 -16.03
CA LEU B 405 43.07 12.01 -16.90
C LEU B 405 43.61 13.42 -17.02
N LYS B 406 42.73 14.42 -17.11
CA LYS B 406 43.15 15.81 -17.26
C LYS B 406 43.78 16.36 -15.98
N THR B 407 43.52 15.74 -14.84
CA THR B 407 44.18 16.13 -13.59
C THR B 407 45.44 15.33 -13.32
N TYR B 408 45.45 14.03 -13.67
CA TYR B 408 46.68 13.23 -13.55
C TYR B 408 47.75 13.77 -14.50
N LEU B 409 47.43 13.82 -15.78
CA LEU B 409 48.25 14.55 -16.74
C LEU B 409 48.02 16.05 -16.55
N SER B 410 48.74 16.86 -17.30
CA SER B 410 48.52 18.29 -17.12
C SER B 410 47.32 18.75 -17.96
N GLU B 411 46.85 19.97 -17.67
CA GLU B 411 45.81 20.58 -18.48
C GLU B 411 46.30 20.82 -19.90
N ASP B 412 47.56 21.22 -20.05
CA ASP B 412 48.11 21.54 -21.36
C ASP B 412 48.39 20.31 -22.19
N VAL B 413 48.69 19.17 -21.55
CA VAL B 413 48.92 17.91 -22.28
C VAL B 413 47.62 17.45 -22.94
N PHE B 414 46.50 17.61 -22.22
CA PHE B 414 45.17 17.25 -22.71
C PHE B 414 44.81 17.98 -23.99
N GLN B 415 45.05 19.29 -24.03
CA GLN B 415 44.77 20.09 -25.23
C GLN B 415 45.58 19.58 -26.41
N HIS B 416 46.90 19.46 -26.22
CA HIS B 416 47.80 18.84 -27.21
C HIS B 416 47.35 17.44 -27.63
N ALA B 417 46.83 16.65 -26.69
CA ALA B 417 46.31 15.33 -27.03
C ALA B 417 45.03 15.43 -27.84
N VAL B 418 44.13 16.36 -27.48
CA VAL B 418 42.87 16.48 -28.22
C VAL B 418 43.09 17.17 -29.56
N VAL B 419 43.92 18.22 -29.61
CA VAL B 419 44.18 18.86 -30.90
C VAL B 419 45.02 17.99 -31.84
N LEU B 420 45.68 16.95 -31.32
CA LEU B 420 46.33 15.97 -32.18
C LEU B 420 45.31 15.00 -32.77
N TYR B 421 44.46 14.45 -31.88
CA TYR B 421 43.40 13.49 -32.23
C TYR B 421 42.47 14.04 -33.31
N LEU B 422 42.10 15.31 -33.20
CA LEU B 422 41.17 15.91 -34.15
C LEU B 422 41.83 16.15 -35.51
N HIS B 423 43.10 16.56 -35.51
CA HIS B 423 43.78 16.80 -36.78
C HIS B 423 44.10 15.50 -37.51
N ASN B 424 44.43 14.45 -36.76
CA ASN B 424 44.85 13.20 -37.39
C ASN B 424 43.66 12.46 -37.99
N HIS B 425 42.49 12.57 -37.35
CA HIS B 425 41.33 11.79 -37.76
C HIS B 425 40.18 12.69 -38.18
N SER B 426 40.48 13.89 -38.71
CA SER B 426 39.45 14.81 -39.16
C SER B 426 38.71 14.24 -40.36
N TYR B 427 37.38 14.44 -40.34
CA TYR B 427 36.44 13.98 -41.38
C TYR B 427 36.54 12.47 -41.59
N ALA B 428 36.75 11.73 -40.49
CA ALA B 428 36.96 10.29 -40.53
C ALA B 428 36.35 9.68 -39.27
N SER B 429 36.44 8.34 -39.18
CA SER B 429 35.87 7.60 -38.06
C SER B 429 36.96 6.81 -37.35
N ILE B 430 36.74 6.54 -36.06
CA ILE B 430 37.81 6.02 -35.21
C ILE B 430 37.22 5.37 -33.95
N GLN B 431 38.05 4.61 -33.22
CA GLN B 431 37.65 3.92 -31.99
C GLN B 431 38.18 4.65 -30.77
N SER B 432 37.76 4.18 -29.59
CA SER B 432 38.11 4.82 -28.33
C SER B 432 39.59 4.68 -27.99
N ASP B 433 40.23 3.61 -28.48
CA ASP B 433 41.62 3.38 -28.16
C ASP B 433 42.55 4.35 -28.87
N ASP B 434 42.10 4.96 -29.96
CA ASP B 434 42.92 5.91 -30.68
C ASP B 434 42.92 7.30 -30.06
N LEU B 435 41.95 7.62 -29.19
CA LEU B 435 42.13 8.77 -28.33
C LEU B 435 43.24 8.51 -27.33
N TRP B 436 43.26 7.29 -26.75
CA TRP B 436 44.33 6.92 -25.82
C TRP B 436 45.66 6.74 -26.54
N ASP B 437 45.63 6.32 -27.81
CA ASP B 437 46.85 6.27 -28.61
C ASP B 437 47.37 7.67 -28.91
N SER B 438 46.47 8.58 -29.29
CA SER B 438 46.83 9.98 -29.51
C SER B 438 47.23 10.69 -28.22
N PHE B 439 46.90 10.13 -27.06
CA PHE B 439 47.43 10.64 -25.79
C PHE B 439 48.87 10.23 -25.56
N ASN B 440 49.29 9.05 -26.05
CA ASN B 440 50.65 8.57 -25.78
C ASN B 440 51.69 9.24 -26.68
N GLU B 441 51.36 9.51 -27.94
CA GLU B 441 52.31 10.22 -28.82
C GLU B 441 52.43 11.71 -28.50
N VAL B 442 51.76 12.19 -27.44
CA VAL B 442 52.01 13.52 -26.91
C VAL B 442 52.47 13.46 -25.44
N THR B 443 52.68 12.25 -24.90
CA THR B 443 53.37 12.08 -23.61
C THR B 443 54.88 12.16 -23.84
N ASN B 444 55.30 13.30 -24.38
CA ASN B 444 56.57 13.57 -25.05
C ASN B 444 56.95 12.44 -26.01
N GLN B 445 57.30 11.26 -25.46
CA GLN B 445 57.46 10.01 -26.19
C GLN B 445 57.16 8.80 -25.29
N THR B 446 55.88 8.62 -24.97
CA THR B 446 55.35 7.41 -24.28
C THR B 446 56.07 7.16 -22.96
N LEU B 447 56.07 8.17 -22.08
CA LEU B 447 56.58 7.99 -20.73
C LEU B 447 55.68 7.05 -19.94
N ASP B 448 54.37 7.16 -20.16
CA ASP B 448 53.38 6.28 -19.56
C ASP B 448 52.49 5.76 -20.68
N VAL B 449 51.87 4.61 -20.44
CA VAL B 449 50.86 4.09 -21.35
C VAL B 449 49.51 4.65 -20.90
N LYS B 450 48.97 5.59 -21.70
CA LYS B 450 47.67 6.19 -21.38
C LYS B 450 46.53 5.20 -21.54
N ARG B 451 46.77 4.07 -22.23
CA ARG B 451 45.86 2.92 -22.28
C ARG B 451 45.86 2.10 -20.98
N MET B 452 46.29 2.69 -19.86
CA MET B 452 45.82 2.33 -18.53
C MET B 452 44.32 2.54 -18.35
N MET B 453 43.68 3.35 -19.21
CA MET B 453 42.22 3.55 -19.18
C MET B 453 41.45 2.24 -19.35
N LYS B 454 42.01 1.26 -20.03
CA LYS B 454 41.34 -0.03 -20.23
C LYS B 454 41.08 -0.81 -18.94
N THR B 455 41.72 -0.45 -17.81
CA THR B 455 41.29 -0.96 -16.51
C THR B 455 40.04 -0.26 -16.00
N TRP B 456 39.70 0.92 -16.54
CA TRP B 456 38.48 1.62 -16.16
C TRP B 456 37.35 1.35 -17.14
N THR B 457 37.68 1.12 -18.41
CA THR B 457 36.67 0.90 -19.44
C THR B 457 36.22 -0.54 -19.56
N LEU B 458 37.04 -1.50 -19.13
CA LEU B 458 36.70 -2.91 -19.27
C LEU B 458 36.40 -3.57 -17.93
N GLN B 459 36.14 -2.77 -16.89
CA GLN B 459 35.87 -3.30 -15.56
C GLN B 459 34.67 -2.56 -14.98
N LYS B 460 33.74 -3.33 -14.42
CA LYS B 460 32.54 -2.75 -13.82
C LYS B 460 32.88 -2.02 -12.52
N GLY B 461 32.26 -0.86 -12.33
CA GLY B 461 32.39 -0.18 -11.07
C GLY B 461 33.65 0.67 -10.98
N PHE B 462 34.11 0.84 -9.74
CA PHE B 462 35.18 1.80 -9.44
C PHE B 462 35.90 1.31 -8.19
N PRO B 463 37.17 1.67 -8.01
CA PRO B 463 37.91 1.11 -6.88
C PRO B 463 37.57 1.78 -5.57
N LEU B 464 37.82 1.04 -4.50
CA LEU B 464 37.85 1.55 -3.15
C LEU B 464 39.31 1.55 -2.72
N VAL B 465 39.83 2.72 -2.37
CA VAL B 465 41.19 2.82 -1.86
C VAL B 465 41.13 3.02 -0.35
N THR B 466 41.93 2.23 0.36
CA THR B 466 42.01 2.28 1.82
C THR B 466 43.34 2.91 2.21
N VAL B 467 43.33 3.75 3.24
CA VAL B 467 44.48 4.58 3.60
C VAL B 467 44.80 4.39 5.09
N GLN B 468 46.08 4.13 5.38
CA GLN B 468 46.59 4.13 6.75
C GLN B 468 47.83 5.01 6.80
N LYS B 469 47.85 5.95 7.73
CA LYS B 469 49.02 6.78 7.95
C LYS B 469 49.74 6.29 9.20
N LYS B 470 50.99 5.85 9.02
CA LYS B 470 51.83 5.33 10.10
C LYS B 470 53.13 6.14 10.09
N GLY B 471 53.06 7.35 10.62
CA GLY B 471 54.23 8.24 10.68
C GLY B 471 54.37 9.07 9.40
N LYS B 472 55.41 8.77 8.63
CA LYS B 472 55.65 9.43 7.35
C LYS B 472 55.48 8.49 6.17
N GLU B 473 54.82 7.35 6.40
CA GLU B 473 54.50 6.40 5.34
C GLU B 473 52.99 6.32 5.21
N LEU B 474 52.48 6.50 3.99
CA LEU B 474 51.05 6.42 3.70
C LEU B 474 50.77 5.14 2.93
N PHE B 475 50.04 4.23 3.55
CA PHE B 475 49.79 2.90 3.00
C PHE B 475 48.44 2.87 2.30
N ILE B 476 48.45 2.43 1.03
CA ILE B 476 47.25 2.45 0.19
C ILE B 476 46.97 1.04 -0.32
N GLN B 477 45.68 0.69 -0.45
CA GLN B 477 45.24 -0.63 -0.92
C GLN B 477 44.01 -0.49 -1.81
N GLN B 478 43.95 -1.26 -2.90
CA GLN B 478 42.83 -1.26 -3.83
C GLN B 478 41.84 -2.38 -3.55
N GLU B 479 40.58 -2.14 -3.92
CA GLU B 479 39.49 -3.11 -3.81
C GLU B 479 38.31 -2.59 -4.61
N ARG B 480 37.58 -3.51 -5.27
CA ARG B 480 36.27 -3.20 -5.83
C ARG B 480 35.33 -2.70 -4.74
N PHE B 481 34.66 -1.57 -4.97
CA PHE B 481 33.66 -1.12 -4.02
C PHE B 481 32.42 -1.99 -4.16
N PHE B 482 32.42 -3.16 -3.52
CA PHE B 482 31.25 -4.03 -3.53
C PHE B 482 30.35 -3.69 -2.35
N LEU B 483 29.06 -3.89 -2.53
CA LEU B 483 28.08 -3.49 -1.51
C LEU B 483 27.61 -4.70 -0.72
N ASN B 484 28.58 -5.37 -0.10
CA ASN B 484 28.45 -6.68 0.55
C ASN B 484 27.79 -7.65 -0.40
N MET B 485 26.47 -7.80 -0.26
CA MET B 485 25.57 -8.61 -1.09
C MET B 485 26.00 -10.07 -1.19
N THR B 494 37.55 -12.86 -6.57
CA THR B 494 38.25 -12.21 -7.67
C THR B 494 38.91 -10.90 -7.22
N SER B 495 40.18 -10.72 -7.56
CA SER B 495 40.93 -9.52 -7.22
C SER B 495 41.00 -8.62 -8.45
N TYR B 496 40.38 -7.45 -8.36
CA TYR B 496 40.29 -6.51 -9.47
C TYR B 496 41.29 -5.38 -9.24
N LEU B 497 42.00 -5.02 -10.30
CA LEU B 497 43.09 -4.06 -10.19
C LEU B 497 42.85 -2.88 -11.13
N TRP B 498 42.93 -1.68 -10.57
CA TRP B 498 42.87 -0.43 -11.33
C TRP B 498 44.21 0.29 -11.25
N HIS B 499 44.56 0.99 -12.34
CA HIS B 499 45.69 1.92 -12.37
C HIS B 499 45.20 3.28 -11.90
N ILE B 500 44.90 3.34 -10.60
CA ILE B 500 44.24 4.49 -9.99
C ILE B 500 45.25 5.63 -9.86
N PRO B 501 45.03 6.76 -10.52
CA PRO B 501 45.89 7.93 -10.30
C PRO B 501 45.59 8.53 -8.94
N LEU B 502 46.64 8.77 -8.15
CA LEU B 502 46.47 9.15 -6.76
C LEU B 502 46.91 10.59 -6.55
N SER B 503 46.24 11.25 -5.61
CA SER B 503 46.56 12.62 -5.26
C SER B 503 46.21 12.83 -3.80
N TYR B 504 46.96 13.71 -3.13
CA TYR B 504 46.71 13.96 -1.72
C TYR B 504 47.15 15.37 -1.33
N VAL B 505 46.64 15.80 -0.18
CA VAL B 505 46.98 17.08 0.43
C VAL B 505 47.15 16.82 1.93
N THR B 506 48.00 17.62 2.56
CA THR B 506 48.25 17.43 3.99
C THR B 506 48.64 18.76 4.62
N GLU B 507 49.05 18.68 5.90
CA GLU B 507 49.54 19.78 6.72
C GLU B 507 50.16 19.23 8.01
N ARG B 509 54.20 21.24 10.16
CA ARG B 509 53.96 22.10 11.32
C ARG B 509 53.70 23.53 10.84
N ASN B 510 52.96 24.28 11.66
CA ASN B 510 52.44 25.64 11.41
C ASN B 510 51.53 25.72 10.19
N TYR B 511 52.00 25.26 9.04
CA TYR B 511 51.23 25.12 7.81
C TYR B 511 51.70 23.83 7.12
N SER B 512 52.75 23.91 6.29
CA SER B 512 53.39 22.79 5.61
C SER B 512 52.39 22.01 4.75
N LYS B 513 51.69 22.73 3.90
CA LYS B 513 50.68 22.13 3.04
C LYS B 513 51.34 21.61 1.77
N TYR B 514 51.29 20.29 1.59
CA TYR B 514 51.92 19.59 0.48
C TYR B 514 50.84 19.02 -0.44
N GLN B 515 51.08 19.08 -1.75
CA GLN B 515 50.18 18.54 -2.77
C GLN B 515 51.00 17.75 -3.78
N SER B 516 50.61 16.50 -4.07
CA SER B 516 51.41 15.65 -4.94
C SER B 516 50.54 14.67 -5.72
N VAL B 517 51.18 13.93 -6.63
CA VAL B 517 50.51 13.03 -7.55
C VAL B 517 51.33 11.74 -7.66
N SER B 518 50.63 10.59 -7.68
CA SER B 518 51.26 9.29 -7.84
C SER B 518 50.45 8.42 -8.79
N LEU B 519 50.61 7.09 -8.68
CA LEU B 519 49.85 6.11 -9.45
C LEU B 519 49.97 4.71 -8.86
N LEU B 520 48.85 4.13 -8.44
CA LEU B 520 48.84 2.77 -7.91
C LEU B 520 48.57 1.80 -9.06
N ASP B 521 49.64 1.48 -9.79
CA ASP B 521 49.56 0.47 -10.85
C ASP B 521 49.41 -0.94 -10.32
N LYS B 522 49.63 -1.15 -9.02
CA LYS B 522 49.45 -2.45 -8.39
C LYS B 522 48.44 -2.32 -7.25
N LYS B 523 48.28 -3.36 -6.44
CA LYS B 523 47.23 -3.32 -5.43
C LYS B 523 47.69 -2.54 -4.21
N SER B 524 48.42 -3.18 -3.31
CA SER B 524 48.95 -2.49 -2.14
C SER B 524 50.08 -1.56 -2.54
N GLY B 525 50.22 -0.46 -1.79
CA GLY B 525 51.18 0.56 -2.12
C GLY B 525 51.60 1.35 -0.91
N VAL B 526 52.59 2.22 -1.11
CA VAL B 526 53.12 3.07 -0.06
C VAL B 526 53.59 4.39 -0.68
N ILE B 527 53.15 5.50 -0.12
CA ILE B 527 53.57 6.85 -0.54
C ILE B 527 54.42 7.43 0.56
N ASN B 528 55.64 7.87 0.22
CA ASN B 528 56.58 8.40 1.19
C ASN B 528 56.28 9.88 1.43
N LEU B 529 55.86 10.20 2.66
CA LEU B 529 55.63 11.57 3.05
C LEU B 529 56.93 12.19 3.55
N THR B 530 57.14 13.46 3.22
CA THR B 530 58.38 14.12 3.59
C THR B 530 58.40 14.55 5.05
N GLU B 531 57.24 14.62 5.71
CA GLU B 531 57.11 15.15 7.05
C GLU B 531 56.20 14.24 7.87
N GLU B 532 55.99 14.61 9.13
CA GLU B 532 54.89 14.05 9.92
C GLU B 532 53.61 14.82 9.61
N VAL B 533 52.49 14.12 9.71
CA VAL B 533 51.24 14.58 9.12
C VAL B 533 50.14 14.56 10.18
N LEU B 534 49.45 15.69 10.32
CA LEU B 534 48.35 15.81 11.27
C LEU B 534 47.02 15.39 10.66
N TRP B 535 46.86 15.57 9.35
CA TRP B 535 45.70 15.12 8.61
C TRP B 535 46.12 14.88 7.16
N VAL B 536 45.45 13.94 6.50
CA VAL B 536 45.72 13.65 5.09
C VAL B 536 44.39 13.42 4.39
N LYS B 537 44.20 14.09 3.25
CA LYS B 537 42.99 13.94 2.44
C LYS B 537 43.41 13.45 1.06
N VAL B 538 42.91 12.28 0.68
CA VAL B 538 43.23 11.66 -0.59
C VAL B 538 42.10 12.00 -1.55
N ASN B 539 42.38 11.88 -2.87
CA ASN B 539 41.54 12.27 -4.00
C ASN B 539 41.22 13.76 -3.91
N ILE B 540 42.10 14.58 -4.50
CA ILE B 540 41.95 16.03 -4.46
C ILE B 540 40.72 16.43 -5.27
N ASN B 541 39.77 17.11 -4.62
CA ASN B 541 38.61 17.76 -5.21
C ASN B 541 37.65 16.77 -5.88
N MET B 542 37.74 15.50 -5.47
CA MET B 542 37.16 14.34 -6.15
C MET B 542 37.44 14.37 -7.66
N ASN B 543 38.68 14.68 -8.04
CA ASN B 543 39.02 14.64 -9.44
C ASN B 543 39.23 13.22 -9.94
N GLY B 544 39.45 12.28 -9.03
CA GLY B 544 39.52 10.87 -9.35
C GLY B 544 38.21 10.15 -9.05
N TYR B 545 37.96 9.08 -9.83
CA TYR B 545 36.70 8.34 -9.78
C TYR B 545 36.81 7.16 -8.82
N TYR B 546 36.90 7.48 -7.52
CA TYR B 546 37.01 6.46 -6.49
C TYR B 546 36.65 7.04 -5.11
N ILE B 547 36.42 6.10 -4.16
CA ILE B 547 36.12 6.38 -2.75
C ILE B 547 37.37 6.11 -1.93
N VAL B 548 37.62 6.96 -0.93
CA VAL B 548 38.71 6.78 0.00
C VAL B 548 38.11 6.39 1.35
N HIS B 549 38.55 5.26 1.89
CA HIS B 549 38.25 4.84 3.25
C HIS B 549 39.50 4.97 4.09
N TYR B 550 39.41 5.69 5.20
CA TYR B 550 40.56 5.87 6.10
C TYR B 550 40.48 4.91 7.27
N ALA B 551 41.63 4.70 7.92
CA ALA B 551 41.66 4.01 9.20
C ALA B 551 41.07 4.91 10.30
N ASP B 552 40.96 4.34 11.51
CA ASP B 552 40.23 4.98 12.60
C ASP B 552 40.86 6.30 13.03
N ASP B 553 42.19 6.33 13.11
CA ASP B 553 42.89 7.55 13.53
C ASP B 553 42.85 8.61 12.43
N ASP B 554 42.95 8.19 11.17
CA ASP B 554 43.05 9.14 10.07
C ASP B 554 41.71 9.76 9.72
N TRP B 555 40.60 9.07 9.98
CA TRP B 555 39.29 9.72 9.90
C TRP B 555 39.17 10.79 10.97
N GLU B 556 39.44 10.42 12.23
CA GLU B 556 39.40 11.34 13.36
C GLU B 556 40.35 12.54 13.18
N ALA B 557 41.44 12.35 12.43
CA ALA B 557 42.29 13.48 12.05
C ALA B 557 41.56 14.49 11.16
N LEU B 558 40.91 14.00 10.10
CA LEU B 558 40.16 14.89 9.22
C LEU B 558 38.91 15.44 9.90
N ILE B 559 38.20 14.59 10.66
CA ILE B 559 37.03 15.02 11.43
C ILE B 559 37.41 16.09 12.45
N HIS B 560 38.65 16.06 12.97
CA HIS B 560 39.12 17.11 13.89
C HIS B 560 39.44 18.40 13.17
N GLN B 561 40.15 18.31 12.03
CA GLN B 561 40.58 19.51 11.31
C GLN B 561 39.39 20.27 10.73
N LEU B 562 38.31 19.56 10.39
CA LEU B 562 37.08 20.23 9.96
C LEU B 562 36.45 21.05 11.08
N LYS B 563 36.69 20.71 12.35
CA LYS B 563 36.10 21.52 13.43
C LYS B 563 36.89 22.80 13.66
N ILE B 564 38.22 22.73 13.66
CA ILE B 564 39.02 23.91 14.03
C ILE B 564 39.02 24.93 12.88
N ASN B 565 39.51 24.56 11.71
CA ASN B 565 39.40 25.38 10.52
C ASN B 565 39.02 24.51 9.34
N PRO B 566 37.77 24.59 8.86
CA PRO B 566 37.37 23.76 7.72
C PRO B 566 37.97 24.20 6.40
N TYR B 567 38.47 25.44 6.32
CA TYR B 567 38.84 26.05 5.06
C TYR B 567 40.29 25.81 4.68
N VAL B 568 40.95 24.83 5.31
CA VAL B 568 42.21 24.31 4.81
C VAL B 568 42.00 23.32 3.68
N LEU B 569 40.75 22.91 3.45
CA LEU B 569 40.35 22.03 2.36
C LEU B 569 39.39 22.78 1.45
N SER B 570 39.19 22.25 0.25
CA SER B 570 38.26 22.86 -0.69
C SER B 570 36.85 22.33 -0.46
N ASP B 571 35.87 23.05 -1.01
CA ASP B 571 34.48 22.65 -0.88
C ASP B 571 34.19 21.30 -1.52
N LYS B 572 34.84 21.05 -2.66
CA LYS B 572 34.79 19.73 -3.30
C LYS B 572 35.40 18.67 -2.40
N ASP B 573 36.50 19.00 -1.71
CA ASP B 573 37.13 18.05 -0.80
C ASP B 573 36.28 17.84 0.45
N ARG B 574 35.69 18.91 0.99
CA ARG B 574 34.78 18.75 2.13
C ARG B 574 33.51 17.99 1.74
N ALA B 575 33.01 18.19 0.52
CA ALA B 575 31.82 17.47 0.08
C ALA B 575 32.15 16.01 -0.23
N ASN B 576 33.36 15.75 -0.76
CA ASN B 576 33.80 14.37 -1.05
C ASN B 576 33.90 13.57 0.24
N LEU B 577 34.30 14.20 1.34
CA LEU B 577 34.36 13.49 2.62
C LEU B 577 32.97 13.21 3.16
N ILE B 578 32.04 14.17 3.04
CA ILE B 578 30.67 13.99 3.51
C ILE B 578 29.98 12.89 2.72
N ASN B 579 30.20 12.85 1.40
CA ASN B 579 29.65 11.78 0.59
C ASN B 579 30.26 10.43 0.96
N ASN B 580 31.60 10.38 1.09
CA ASN B 580 32.31 9.12 1.27
C ASN B 580 31.97 8.48 2.61
N ILE B 581 31.94 9.27 3.69
CA ILE B 581 31.75 8.70 5.02
C ILE B 581 30.31 8.25 5.19
N PHE B 582 29.35 8.92 4.52
CA PHE B 582 27.96 8.49 4.59
C PHE B 582 27.73 7.21 3.78
N GLU B 583 28.46 7.04 2.66
CA GLU B 583 28.29 5.84 1.86
C GLU B 583 29.02 4.65 2.47
N LEU B 584 30.20 4.88 3.06
CA LEU B 584 30.90 3.82 3.77
C LEU B 584 30.14 3.41 5.02
N ALA B 585 29.46 4.35 5.68
CA ALA B 585 28.66 4.00 6.85
C ALA B 585 27.40 3.24 6.46
N GLY B 586 26.90 3.50 5.25
CA GLY B 586 25.79 2.69 4.75
C GLY B 586 26.20 1.25 4.52
N LEU B 587 27.44 1.04 4.08
CA LEU B 587 27.97 -0.30 3.91
C LEU B 587 28.39 -0.94 5.22
N GLY B 588 28.36 -0.19 6.33
CA GLY B 588 28.86 -0.69 7.60
C GLY B 588 30.35 -0.62 7.78
N LYS B 589 31.08 -0.11 6.78
CA LYS B 589 32.53 0.08 6.88
C LYS B 589 32.91 1.06 7.98
N VAL B 590 32.01 1.98 8.31
CA VAL B 590 32.21 3.03 9.29
C VAL B 590 30.93 3.09 10.11
N PRO B 591 30.98 3.32 11.42
CA PRO B 591 29.74 3.56 12.16
C PRO B 591 29.11 4.87 11.69
N LEU B 592 27.78 4.87 11.57
CA LEU B 592 27.07 6.04 11.05
C LEU B 592 27.22 7.26 11.96
N LYS B 593 27.56 7.03 13.22
CA LYS B 593 27.78 8.11 14.17
C LYS B 593 28.97 8.96 13.75
N ARG B 594 29.98 8.31 13.17
CA ARG B 594 31.19 8.99 12.68
C ARG B 594 30.87 9.95 11.54
N ALA B 595 29.92 9.59 10.69
CA ALA B 595 29.49 10.50 9.62
C ALA B 595 28.76 11.70 10.20
N PHE B 596 27.87 11.48 11.16
CA PHE B 596 27.20 12.57 11.86
C PHE B 596 28.14 13.35 12.76
N ASP B 597 29.26 12.74 13.19
CA ASP B 597 30.32 13.48 13.87
C ASP B 597 31.02 14.44 12.92
N LEU B 598 31.33 13.96 11.70
CA LEU B 598 32.05 14.78 10.72
C LEU B 598 31.25 16.02 10.35
N ILE B 599 29.94 15.87 10.23
CA ILE B 599 29.05 16.96 9.84
C ILE B 599 28.65 17.84 11.02
N ASN B 600 29.27 17.64 12.19
CA ASN B 600 29.06 18.61 13.26
C ASN B 600 29.82 19.93 13.05
N TYR B 601 30.64 20.06 12.00
CA TYR B 601 31.28 21.33 11.70
C TYR B 601 30.38 22.29 10.93
N LEU B 602 29.20 21.83 10.47
CA LEU B 602 28.39 22.56 9.49
C LEU B 602 27.86 23.90 9.97
N GLY B 603 27.98 24.21 11.27
CA GLY B 603 27.77 25.58 11.73
C GLY B 603 28.83 26.55 11.26
N ASN B 604 29.99 26.06 10.80
CA ASN B 604 31.08 26.89 10.33
C ASN B 604 31.22 26.82 8.80
N GLU B 605 30.22 26.32 8.10
CA GLU B 605 30.25 26.20 6.66
C GLU B 605 29.44 27.30 5.99
N ASN B 606 30.01 27.88 4.93
CA ASN B 606 29.32 28.88 4.14
C ASN B 606 29.31 28.55 2.64
N HIS B 607 29.88 27.42 2.24
CA HIS B 607 29.90 27.02 0.83
C HIS B 607 28.76 26.06 0.55
N THR B 608 28.24 26.12 -0.68
CA THR B 608 26.99 25.44 -1.01
C THR B 608 27.18 23.93 -1.10
N ALA B 609 28.21 23.48 -1.82
CA ALA B 609 28.41 22.05 -2.11
C ALA B 609 28.67 21.15 -0.89
N PRO B 610 29.40 21.55 0.16
CA PRO B 610 29.37 20.72 1.38
C PRO B 610 28.04 20.72 2.11
N ILE B 611 27.22 21.76 1.97
CA ILE B 611 25.94 21.80 2.68
C ILE B 611 24.90 20.95 1.96
N THR B 612 24.81 21.06 0.63
CA THR B 612 23.79 20.35 -0.13
C THR B 612 23.97 18.84 -0.07
N GLU B 613 25.21 18.37 -0.08
CA GLU B 613 25.46 16.94 0.04
C GLU B 613 25.14 16.45 1.44
N ALA B 614 25.38 17.29 2.46
CA ALA B 614 24.92 16.96 3.81
C ALA B 614 23.39 16.95 3.88
N LEU B 615 22.74 17.91 3.24
CA LEU B 615 21.28 17.92 3.20
C LEU B 615 20.73 16.76 2.38
N PHE B 616 21.47 16.31 1.36
CA PHE B 616 21.02 15.15 0.58
C PHE B 616 21.07 13.87 1.40
N GLN B 617 22.20 13.62 2.06
CA GLN B 617 22.36 12.37 2.80
C GLN B 617 21.43 12.31 4.00
N THR B 618 21.11 13.46 4.61
CA THR B 618 20.13 13.47 5.70
C THR B 618 18.71 13.26 5.20
N ASP B 619 18.39 13.82 4.03
CA ASP B 619 17.04 13.70 3.48
C ASP B 619 16.72 12.26 3.09
N LEU B 620 17.72 11.54 2.60
CA LEU B 620 17.53 10.12 2.29
C LEU B 620 17.32 9.31 3.56
N ILE B 621 18.06 9.63 4.63
CA ILE B 621 17.89 8.92 5.90
C ILE B 621 16.54 9.24 6.54
N TYR B 622 16.13 10.51 6.52
CA TYR B 622 14.81 10.92 7.00
C TYR B 622 13.69 10.19 6.28
N ASN B 623 13.74 10.18 4.94
CA ASN B 623 12.66 9.59 4.18
C ASN B 623 12.66 8.07 4.31
N LEU B 624 13.83 7.45 4.45
CA LEU B 624 13.86 6.00 4.67
C LEU B 624 13.34 5.63 6.06
N LEU B 625 13.55 6.49 7.05
CA LEU B 625 13.03 6.24 8.39
C LEU B 625 11.54 6.54 8.47
N GLU B 626 11.09 7.57 7.75
CA GLU B 626 9.68 7.95 7.76
C GLU B 626 8.79 6.86 7.18
N LYS B 627 9.24 6.21 6.10
CA LYS B 627 8.45 5.17 5.49
C LYS B 627 8.47 3.89 6.32
N LEU B 628 9.47 3.74 7.19
CA LEU B 628 9.53 2.59 8.09
C LEU B 628 8.65 2.78 9.31
N GLY B 629 8.25 4.01 9.60
CA GLY B 629 7.40 4.30 10.74
C GLY B 629 8.11 5.00 11.88
N TYR B 630 9.43 5.12 11.84
CA TYR B 630 10.19 5.78 12.90
C TYR B 630 10.13 7.29 12.67
N MET B 631 8.94 7.84 12.90
CA MET B 631 8.68 9.25 12.63
C MET B 631 9.39 10.16 13.61
N ASP B 632 9.36 9.79 14.90
CA ASP B 632 9.98 10.60 15.94
C ASP B 632 11.49 10.68 15.75
N LEU B 633 12.12 9.51 15.53
CA LEU B 633 13.56 9.44 15.26
C LEU B 633 13.95 10.23 14.01
N ALA B 634 13.12 10.16 12.97
CA ALA B 634 13.39 10.92 11.74
C ALA B 634 13.23 12.42 11.97
N SER B 635 12.24 12.82 12.78
CA SER B 635 12.06 14.22 13.13
C SER B 635 13.15 14.76 14.05
N ARG B 636 13.80 13.89 14.84
CA ARG B 636 14.92 14.33 15.67
C ARG B 636 16.20 14.52 14.86
N LEU B 637 16.36 13.78 13.75
CA LEU B 637 17.52 13.96 12.89
C LEU B 637 17.51 15.33 12.23
N VAL B 638 16.42 15.66 11.53
CA VAL B 638 16.32 16.96 10.86
C VAL B 638 16.24 18.11 11.85
N THR B 639 15.90 17.84 13.11
CA THR B 639 16.00 18.85 14.14
C THR B 639 17.45 19.24 14.39
N ARG B 640 18.35 18.24 14.47
CA ARG B 640 19.78 18.49 14.65
C ARG B 640 20.40 19.20 13.43
N VAL B 641 20.01 18.79 12.21
CA VAL B 641 20.48 19.46 11.00
C VAL B 641 19.97 20.89 10.95
N PHE B 642 18.80 21.16 11.53
CA PHE B 642 18.39 22.53 11.76
C PHE B 642 19.28 23.22 12.79
N LYS B 643 19.61 22.54 13.89
CA LYS B 643 20.45 23.14 14.94
C LYS B 643 21.85 23.47 14.43
N LEU B 644 22.39 22.61 13.56
CA LEU B 644 23.72 22.85 13.00
C LEU B 644 23.69 24.03 12.03
N LEU B 645 22.63 24.16 11.23
CA LEU B 645 22.59 25.17 10.18
C LEU B 645 21.64 26.31 10.50
N GLN B 646 21.29 26.51 11.78
CA GLN B 646 20.26 27.49 12.18
C GLN B 646 20.65 28.91 11.83
N ASN B 647 21.94 29.25 12.02
CA ASN B 647 22.40 30.60 11.71
C ASN B 647 22.30 30.89 10.23
N GLN B 648 22.79 29.97 9.38
CA GLN B 648 22.74 30.14 7.94
C GLN B 648 21.30 30.23 7.43
N ILE B 649 20.39 29.46 8.03
CA ILE B 649 18.97 29.55 7.68
C ILE B 649 18.38 30.88 8.14
N GLN B 650 18.68 31.29 9.38
CA GLN B 650 18.16 32.56 9.88
C GLN B 650 18.82 33.76 9.20
N GLN B 651 20.00 33.59 8.62
CA GLN B 651 20.68 34.63 7.85
C GLN B 651 20.24 34.67 6.39
N GLN B 652 19.25 33.85 6.00
CA GLN B 652 18.78 33.84 4.62
C GLN B 652 17.76 34.95 4.40
N THR B 653 17.87 35.61 3.27
CA THR B 653 16.88 36.56 2.77
C THR B 653 16.03 35.88 1.71
N TRP B 654 14.81 36.36 1.54
CA TRP B 654 13.88 35.76 0.58
C TRP B 654 13.85 36.56 -0.73
N THR B 655 14.99 36.60 -1.41
CA THR B 655 15.17 37.40 -2.62
C THR B 655 15.96 36.61 -3.65
N ASP B 656 16.28 37.25 -4.78
CA ASP B 656 17.15 36.67 -5.81
C ASP B 656 18.49 37.37 -5.88
N GLU B 657 19.04 37.78 -4.74
CA GLU B 657 20.29 38.52 -4.73
C GLU B 657 21.47 37.60 -4.42
N GLY B 658 22.65 38.03 -4.84
CA GLY B 658 23.88 37.31 -4.54
C GLY B 658 24.43 36.57 -5.74
N THR B 659 25.56 35.93 -5.50
CA THR B 659 26.20 35.08 -6.50
C THR B 659 25.34 33.84 -6.77
N PRO B 660 25.53 33.18 -7.94
CA PRO B 660 24.76 31.96 -8.26
C PRO B 660 24.81 30.86 -7.21
N SER B 661 25.98 30.60 -6.64
CA SER B 661 26.09 29.55 -5.63
C SER B 661 25.44 29.96 -4.31
N MET B 662 25.48 31.26 -3.98
CA MET B 662 24.78 31.73 -2.78
C MET B 662 23.27 31.74 -2.98
N ARG B 663 22.81 31.94 -4.22
CA ARG B 663 21.39 31.83 -4.52
C ARG B 663 20.90 30.39 -4.39
N GLU B 664 21.74 29.43 -4.79
CA GLU B 664 21.35 28.02 -4.65
C GLU B 664 21.31 27.58 -3.20
N LEU B 665 22.19 28.14 -2.36
CA LEU B 665 22.17 27.84 -0.93
C LEU B 665 20.91 28.37 -0.27
N ARG B 666 20.35 29.45 -0.80
CA ARG B 666 19.08 29.97 -0.31
C ARG B 666 17.95 28.98 -0.52
N SER B 667 17.76 28.53 -1.77
CA SER B 667 16.68 27.61 -2.11
C SER B 667 16.79 26.29 -1.37
N ALA B 668 18.02 25.77 -1.24
CA ALA B 668 18.21 24.48 -0.57
C ALA B 668 18.00 24.60 0.94
N LEU B 669 18.36 25.73 1.55
CA LEU B 669 18.14 25.89 2.98
C LEU B 669 16.71 26.32 3.30
N LEU B 670 16.13 27.22 2.51
CA LEU B 670 14.76 27.64 2.74
C LEU B 670 13.74 26.55 2.46
N GLU B 671 14.10 25.53 1.67
CA GLU B 671 13.18 24.40 1.50
C GLU B 671 13.41 23.29 2.51
N PHE B 672 14.58 23.25 3.16
CA PHE B 672 14.78 22.29 4.25
C PHE B 672 13.91 22.64 5.44
N ALA B 673 13.75 23.93 5.72
CA ALA B 673 12.97 24.37 6.87
C ALA B 673 11.48 24.14 6.63
N CYS B 674 10.96 24.61 5.49
CA CYS B 674 9.52 24.60 5.22
C CYS B 674 8.95 23.19 5.06
N THR B 675 9.71 22.30 4.41
CA THR B 675 9.29 20.92 4.26
C THR B 675 9.20 20.22 5.62
N HIS B 676 10.13 20.54 6.52
CA HIS B 676 10.14 19.96 7.85
C HIS B 676 9.52 20.88 8.90
N ASN B 677 8.96 22.03 8.48
CA ASN B 677 8.25 22.98 9.33
C ASN B 677 9.10 23.48 10.50
N LEU B 678 10.37 23.78 10.20
CA LEU B 678 11.34 24.19 11.20
C LEU B 678 11.51 25.69 11.14
N GLY B 679 11.47 26.34 12.29
CA GLY B 679 11.55 27.78 12.31
C GLY B 679 10.25 28.43 11.84
N ASN B 680 10.40 29.64 11.30
CA ASN B 680 9.26 30.45 10.89
C ASN B 680 9.05 30.45 9.40
N CYS B 681 9.76 29.56 8.67
CA CYS B 681 9.75 29.49 7.20
C CYS B 681 8.35 29.50 6.59
N SER B 682 7.50 28.62 7.12
CA SER B 682 6.14 28.46 6.61
C SER B 682 5.34 29.76 6.71
N THR B 683 5.51 30.49 7.82
CA THR B 683 4.84 31.78 7.99
C THR B 683 5.35 32.82 6.99
N THR B 684 6.69 32.94 6.88
CA THR B 684 7.30 33.85 5.92
C THR B 684 7.01 33.43 4.47
N ALA B 685 6.74 32.14 4.21
CA ALA B 685 6.28 31.67 2.91
C ALA B 685 4.76 31.78 2.75
N MET B 686 3.98 31.49 3.80
CA MET B 686 2.52 31.65 3.70
C MET B 686 2.13 33.10 3.54
N LYS B 687 2.91 34.02 4.11
CA LYS B 687 2.75 35.44 3.84
C LYS B 687 2.86 35.73 2.34
N LEU B 688 3.92 35.21 1.71
CA LEU B 688 4.19 35.49 0.30
C LEU B 688 3.16 34.83 -0.60
N PHE B 689 2.71 33.61 -0.27
CA PHE B 689 1.69 32.93 -1.07
C PHE B 689 0.35 33.64 -0.99
N ASP B 690 -0.11 33.96 0.23
CA ASP B 690 -1.40 34.62 0.42
C ASP B 690 -1.44 35.99 -0.23
N ASP B 691 -0.29 36.69 -0.27
CA ASP B 691 -0.11 37.91 -1.04
C ASP B 691 -0.24 37.65 -2.53
N TRP B 692 0.64 36.78 -3.05
CA TRP B 692 0.67 36.37 -4.46
C TRP B 692 -0.67 35.88 -4.97
N MET B 693 -1.41 35.16 -4.13
CA MET B 693 -2.73 34.67 -4.51
C MET B 693 -3.74 35.81 -4.66
N ALA B 694 -3.64 36.84 -3.82
CA ALA B 694 -4.57 37.97 -3.90
C ALA B 694 -4.36 38.79 -5.15
N SER B 695 -3.14 38.83 -5.66
CA SER B 695 -2.85 39.53 -6.91
C SER B 695 -3.22 38.73 -8.15
N ASN B 696 -3.76 37.51 -8.00
CA ASN B 696 -4.02 36.57 -9.09
C ASN B 696 -2.71 36.23 -9.83
N GLY B 697 -1.61 36.13 -9.08
CA GLY B 697 -0.30 35.88 -9.66
C GLY B 697 0.43 37.09 -10.20
N THR B 698 -0.15 38.30 -10.13
CA THR B 698 0.48 39.48 -10.71
C THR B 698 1.73 39.90 -9.95
N GLN B 699 1.72 39.69 -8.63
CA GLN B 699 2.91 39.96 -7.82
C GLN B 699 4.05 39.02 -8.21
N SER B 700 5.25 39.58 -8.25
CA SER B 700 6.42 38.80 -8.59
C SER B 700 6.91 38.03 -7.37
N LEU B 701 7.16 36.75 -7.56
CA LEU B 701 7.81 35.98 -6.51
C LEU B 701 9.28 35.79 -6.87
N PRO B 702 10.19 35.89 -5.91
CA PRO B 702 11.60 35.57 -6.20
C PRO B 702 11.75 34.10 -6.60
N THR B 703 12.52 33.88 -7.66
CA THR B 703 12.61 32.55 -8.27
C THR B 703 13.31 31.56 -7.35
N ASP B 704 14.23 32.04 -6.52
CA ASP B 704 14.93 31.20 -5.57
C ASP B 704 14.02 30.68 -4.46
N VAL B 705 12.90 31.35 -4.20
CA VAL B 705 11.97 30.92 -3.16
C VAL B 705 10.62 30.52 -3.72
N MET B 706 10.48 30.49 -5.05
CA MET B 706 9.17 30.35 -5.68
C MET B 706 8.57 28.96 -5.45
N THR B 707 9.39 27.91 -5.51
CA THR B 707 8.86 26.58 -5.26
C THR B 707 8.52 26.38 -3.78
N THR B 708 9.34 26.92 -2.88
CA THR B 708 9.11 26.74 -1.45
C THR B 708 7.83 27.44 -0.99
N VAL B 709 7.54 28.60 -1.58
CA VAL B 709 6.27 29.28 -1.32
C VAL B 709 5.10 28.48 -1.90
N PHE B 710 5.28 27.92 -3.10
CA PHE B 710 4.21 27.16 -3.74
C PHE B 710 3.84 25.90 -2.96
N LYS B 711 4.84 25.20 -2.41
CA LYS B 711 4.59 23.96 -1.68
C LYS B 711 3.93 24.21 -0.34
N VAL B 712 4.16 25.37 0.28
CA VAL B 712 3.49 25.70 1.54
C VAL B 712 2.06 26.16 1.28
N GLY B 713 1.84 26.90 0.19
CA GLY B 713 0.49 27.31 -0.15
C GLY B 713 -0.40 26.18 -0.61
N ALA B 714 0.20 25.12 -1.16
CA ALA B 714 -0.55 23.97 -1.66
C ALA B 714 -1.01 23.03 -0.55
N LYS B 715 -0.66 23.28 0.71
CA LYS B 715 -1.13 22.46 1.82
C LYS B 715 -2.53 22.83 2.29
N THR B 716 -3.21 23.73 1.58
CA THR B 716 -4.58 24.10 1.88
C THR B 716 -5.42 23.89 0.62
N ASP B 717 -6.70 23.55 0.82
CA ASP B 717 -7.64 23.33 -0.29
C ASP B 717 -7.75 24.56 -1.17
N LYS B 718 -7.73 25.74 -0.55
CA LYS B 718 -7.82 27.01 -1.26
C LYS B 718 -6.60 27.24 -2.14
N GLY B 719 -5.41 27.13 -1.55
CA GLY B 719 -4.20 27.40 -2.29
C GLY B 719 -3.85 26.31 -3.30
N TRP B 720 -4.30 25.09 -3.05
CA TRP B 720 -4.13 24.02 -4.03
C TRP B 720 -5.01 24.24 -5.25
N SER B 721 -6.27 24.65 -5.03
CA SER B 721 -7.20 24.84 -6.14
C SER B 721 -6.83 26.06 -6.97
N PHE B 722 -6.22 27.06 -6.35
CA PHE B 722 -5.74 28.23 -7.09
C PHE B 722 -4.57 27.86 -7.99
N LEU B 723 -3.63 27.09 -7.44
CA LEU B 723 -2.41 26.73 -8.17
C LEU B 723 -2.71 25.84 -9.36
N LEU B 724 -3.73 24.98 -9.25
CA LEU B 724 -4.16 24.14 -10.36
C LEU B 724 -4.66 24.96 -11.53
N GLY B 725 -5.51 25.97 -11.24
CA GLY B 725 -6.04 26.82 -12.29
C GLY B 725 -4.98 27.58 -13.07
N LYS B 726 -3.87 27.94 -12.42
CA LYS B 726 -2.76 28.60 -13.12
C LYS B 726 -2.01 27.65 -14.04
N TYR B 727 -1.88 26.37 -13.65
CA TYR B 727 -1.24 25.37 -14.51
C TYR B 727 -2.06 25.16 -15.78
N ILE B 728 -3.38 25.11 -15.66
CA ILE B 728 -4.24 25.04 -16.84
C ILE B 728 -4.64 26.44 -17.31
N SER B 729 -3.70 27.39 -17.23
CA SER B 729 -3.88 28.72 -17.81
C SER B 729 -2.61 29.27 -18.45
N ILE B 730 -1.77 29.91 -17.63
CA ILE B 730 -0.65 30.74 -18.07
C ILE B 730 0.43 29.85 -18.68
N GLY B 731 1.32 30.44 -19.46
CA GLY B 731 2.50 29.76 -19.93
C GLY B 731 3.74 30.24 -19.18
N SER B 732 4.67 29.30 -18.95
CA SER B 732 6.05 29.52 -18.55
C SER B 732 6.80 28.22 -18.72
N GLU B 733 6.14 27.13 -18.28
CA GLU B 733 6.58 25.73 -18.25
C GLU B 733 7.72 25.46 -17.27
N ALA B 734 8.53 26.47 -16.94
CA ALA B 734 9.42 26.42 -15.81
C ALA B 734 8.68 26.73 -14.51
N GLU B 735 7.80 27.73 -14.53
CA GLU B 735 6.94 27.99 -13.38
C GLU B 735 5.86 26.93 -13.24
N LYS B 736 5.34 26.45 -14.37
CA LYS B 736 4.32 25.40 -14.37
C LYS B 736 4.84 24.12 -13.71
N ASN B 737 6.09 23.77 -13.96
CA ASN B 737 6.67 22.60 -13.32
C ASN B 737 6.96 22.85 -11.84
N LYS B 738 7.13 24.10 -11.43
CA LYS B 738 7.19 24.40 -10.00
C LYS B 738 5.82 24.36 -9.37
N ILE B 739 4.78 24.66 -10.15
CA ILE B 739 3.41 24.52 -9.66
C ILE B 739 3.06 23.05 -9.47
N LEU B 740 3.43 22.20 -10.44
CA LEU B 740 3.09 20.78 -10.39
C LEU B 740 3.79 20.05 -9.24
N GLU B 741 5.03 20.44 -8.93
CA GLU B 741 5.74 19.86 -7.80
C GLU B 741 5.04 20.19 -6.49
N ALA B 742 4.50 21.40 -6.38
CA ALA B 742 3.74 21.80 -5.22
C ALA B 742 2.41 21.05 -5.14
N LEU B 743 1.76 20.84 -6.29
CA LEU B 743 0.47 20.14 -6.32
C LEU B 743 0.62 18.69 -5.90
N ALA B 744 1.70 18.04 -6.36
CA ALA B 744 1.99 16.67 -5.95
C ALA B 744 2.68 16.60 -4.60
N SER B 745 2.94 17.72 -3.95
CA SER B 745 3.42 17.75 -2.57
C SER B 745 2.29 17.88 -1.56
N SER B 746 1.04 17.74 -2.02
CA SER B 746 -0.10 17.79 -1.13
C SER B 746 -0.15 16.53 -0.26
N GLU B 747 -0.98 16.59 0.76
CA GLU B 747 -1.15 15.47 1.68
C GLU B 747 -2.53 14.84 1.56
N ASP B 748 -3.38 15.39 0.69
CA ASP B 748 -4.68 14.79 0.40
C ASP B 748 -4.43 13.68 -0.61
N VAL B 749 -4.66 12.43 -0.17
CA VAL B 749 -4.43 11.25 -1.00
C VAL B 749 -5.34 11.23 -2.21
N ARG B 750 -6.56 11.78 -2.07
CA ARG B 750 -7.50 11.87 -3.18
C ARG B 750 -6.98 12.80 -4.27
N LYS B 751 -6.35 13.90 -3.87
CA LYS B 751 -5.74 14.81 -4.84
C LYS B 751 -4.53 14.16 -5.51
N LEU B 752 -3.73 13.43 -4.74
CA LEU B 752 -2.51 12.84 -5.28
C LEU B 752 -2.84 11.69 -6.23
N TYR B 753 -3.92 10.96 -5.96
CA TYR B 753 -4.37 9.95 -6.91
C TYR B 753 -4.92 10.61 -8.18
N TRP B 754 -5.61 11.74 -8.03
CA TRP B 754 -6.20 12.39 -9.20
C TRP B 754 -5.12 12.96 -10.10
N LEU B 755 -4.02 13.42 -9.51
CA LEU B 755 -2.90 13.96 -10.29
C LEU B 755 -2.25 12.88 -11.14
N MET B 756 -2.03 11.70 -10.55
CA MET B 756 -1.40 10.60 -11.27
C MET B 756 -2.34 10.03 -12.31
N LYS B 757 -3.62 9.88 -11.99
CA LYS B 757 -4.58 9.27 -12.91
C LYS B 757 -4.87 10.18 -14.10
N SER B 758 -4.94 11.49 -13.85
CA SER B 758 -5.23 12.43 -14.93
C SER B 758 -4.09 12.51 -15.94
N SER B 759 -2.85 12.39 -15.47
CA SER B 759 -1.69 12.49 -16.34
C SER B 759 -1.59 11.30 -17.29
N LEU B 760 -1.90 10.10 -16.79
CA LEU B 760 -1.86 8.90 -17.62
C LEU B 760 -2.91 8.92 -18.74
N ASN B 761 -4.02 9.63 -18.53
CA ASN B 761 -5.06 9.73 -19.54
C ASN B 761 -4.98 11.02 -20.34
N GLY B 762 -4.00 11.89 -20.07
CA GLY B 762 -3.77 13.12 -20.79
C GLY B 762 -4.76 14.24 -20.52
N ASP B 763 -5.51 14.16 -19.43
CA ASP B 763 -6.50 15.18 -19.07
C ASP B 763 -5.88 16.11 -18.05
N ASN B 764 -5.77 17.40 -18.41
CA ASN B 764 -5.20 18.51 -17.64
C ASN B 764 -3.69 18.44 -17.39
N PHE B 765 -3.11 17.24 -17.40
CA PHE B 765 -1.66 17.05 -17.25
C PHE B 765 -1.19 16.12 -18.36
N ARG B 766 0.01 16.40 -18.87
CA ARG B 766 0.52 15.64 -19.99
C ARG B 766 1.19 14.37 -19.49
N THR B 767 1.09 13.31 -20.29
CA THR B 767 1.58 11.98 -19.92
C THR B 767 3.10 11.95 -19.77
N GLN B 768 3.80 12.92 -20.34
CA GLN B 768 5.24 13.04 -20.21
C GLN B 768 5.64 13.55 -18.84
N LYS B 769 4.74 14.23 -18.14
CA LYS B 769 4.98 14.69 -16.78
C LYS B 769 4.55 13.68 -15.73
N LEU B 770 4.11 12.48 -16.15
CA LEU B 770 3.65 11.46 -15.22
C LEU B 770 4.80 10.92 -14.36
N SER B 771 5.97 10.73 -14.97
CA SER B 771 7.16 10.30 -14.23
C SER B 771 7.58 11.30 -13.17
N PHE B 772 7.35 12.59 -13.44
CA PHE B 772 7.60 13.61 -12.44
C PHE B 772 6.55 13.61 -11.34
N ILE B 773 5.31 13.27 -11.67
CA ILE B 773 4.24 13.29 -10.67
C ILE B 773 4.38 12.10 -9.72
N ILE B 774 4.61 10.89 -10.28
CA ILE B 774 4.71 9.67 -9.46
C ILE B 774 5.93 9.73 -8.54
N ARG B 775 7.03 10.31 -9.03
CA ARG B 775 8.23 10.47 -8.22
C ARG B 775 8.01 11.46 -7.08
N THR B 776 7.17 12.48 -7.29
CA THR B 776 6.91 13.46 -6.24
C THR B 776 5.88 12.94 -5.23
N VAL B 777 4.84 12.23 -5.71
CA VAL B 777 3.82 11.67 -4.82
C VAL B 777 4.41 10.61 -3.91
N GLY B 778 5.33 9.79 -4.44
CA GLY B 778 5.85 8.66 -3.70
C GLY B 778 7.02 8.89 -2.77
N ARG B 779 7.62 10.07 -2.79
CA ARG B 779 8.73 10.34 -1.88
C ARG B 779 8.27 10.88 -0.53
N HIS B 780 7.00 11.24 -0.41
CA HIS B 780 6.44 11.69 0.86
C HIS B 780 5.51 10.62 1.41
N PHE B 781 5.30 10.68 2.72
CA PHE B 781 4.51 9.66 3.43
C PHE B 781 3.06 9.49 2.99
N PRO B 782 2.26 10.53 2.69
CA PRO B 782 0.84 10.24 2.34
C PRO B 782 0.68 9.50 1.02
N GLY B 783 1.56 9.71 0.05
CA GLY B 783 1.43 9.05 -1.23
C GLY B 783 2.46 7.99 -1.50
N HIS B 784 3.15 7.52 -0.46
CA HIS B 784 4.27 6.57 -0.64
C HIS B 784 3.78 5.23 -1.16
N LEU B 785 2.83 4.62 -0.45
CA LEU B 785 2.21 3.39 -0.94
C LEU B 785 1.32 3.67 -2.14
N LEU B 786 0.79 4.90 -2.23
CA LEU B 786 -0.15 5.25 -3.29
C LEU B 786 0.53 5.28 -4.65
N ALA B 787 1.80 5.72 -4.69
CA ALA B 787 2.49 5.78 -5.97
C ALA B 787 2.83 4.39 -6.48
N TRP B 788 3.36 3.52 -5.61
CA TRP B 788 3.71 2.17 -6.02
C TRP B 788 2.48 1.34 -6.38
N ASP B 789 1.34 1.58 -5.73
CA ASP B 789 0.10 0.92 -6.11
C ASP B 789 -0.38 1.40 -7.48
N PHE B 790 -0.13 2.67 -7.79
CA PHE B 790 -0.49 3.20 -9.11
C PHE B 790 0.35 2.56 -10.21
N VAL B 791 1.65 2.32 -9.93
CA VAL B 791 2.53 1.70 -10.91
C VAL B 791 2.13 0.24 -11.14
N LYS B 792 1.68 -0.45 -10.10
CA LYS B 792 1.31 -1.85 -10.25
C LYS B 792 -0.03 -2.00 -10.97
N GLU B 793 -1.01 -1.17 -10.63
CA GLU B 793 -2.34 -1.36 -11.20
C GLU B 793 -2.49 -0.78 -12.58
N ASN B 794 -1.51 0.00 -13.06
CA ASN B 794 -1.57 0.58 -14.39
C ASN B 794 -0.33 0.20 -15.20
N TRP B 795 0.23 -0.98 -14.95
CA TRP B 795 1.48 -1.38 -15.59
C TRP B 795 1.28 -1.66 -17.08
N ASN B 796 0.12 -2.23 -17.44
CA ASN B 796 -0.18 -2.49 -18.85
C ASN B 796 -0.32 -1.20 -19.64
N LYS B 797 -0.95 -0.19 -19.03
CA LYS B 797 -1.11 1.09 -19.70
C LYS B 797 0.20 1.88 -19.70
N LEU B 798 1.05 1.69 -18.69
CA LEU B 798 2.35 2.38 -18.66
C LEU B 798 3.29 1.87 -19.74
N VAL B 799 3.35 0.54 -19.93
CA VAL B 799 4.24 -0.02 -20.95
C VAL B 799 3.72 0.25 -22.36
N GLN B 800 2.42 0.53 -22.50
CA GLN B 800 1.89 0.93 -23.80
C GLN B 800 2.30 2.35 -24.14
N LYS B 801 2.22 3.25 -23.16
CA LYS B 801 2.58 4.65 -23.38
C LYS B 801 4.09 4.85 -23.42
N PHE B 802 4.85 4.01 -22.70
CA PHE B 802 6.30 4.13 -22.64
C PHE B 802 6.86 2.72 -22.82
N PRO B 803 7.63 2.44 -23.88
CA PRO B 803 8.11 1.07 -24.12
C PRO B 803 9.04 0.57 -23.02
N LEU B 804 9.19 -0.77 -22.95
CA LEU B 804 9.58 -1.49 -21.73
C LEU B 804 10.93 -1.04 -21.18
N GLY B 805 11.86 -0.69 -22.05
CA GLY B 805 13.16 -0.29 -21.60
C GLY B 805 13.44 1.20 -21.66
N SER B 806 12.40 2.02 -21.54
CA SER B 806 12.57 3.46 -21.65
C SER B 806 13.25 4.03 -20.42
N TYR B 807 13.71 5.27 -20.56
CA TYR B 807 14.15 6.03 -19.39
C TYR B 807 12.99 6.31 -18.46
N THR B 808 11.78 6.49 -19.03
CA THR B 808 10.61 6.84 -18.22
C THR B 808 10.21 5.68 -17.31
N ILE B 809 10.11 4.47 -17.87
CA ILE B 809 9.73 3.30 -17.08
C ILE B 809 10.78 3.00 -16.03
N GLN B 810 12.07 3.16 -16.38
CA GLN B 810 13.15 3.03 -15.41
C GLN B 810 13.06 4.10 -14.33
N ASN B 811 12.71 5.32 -14.72
CA ASN B 811 12.52 6.40 -13.74
C ASN B 811 11.30 6.14 -12.86
N ILE B 812 10.27 5.50 -13.41
CA ILE B 812 9.03 5.27 -12.66
C ILE B 812 9.23 4.16 -11.63
N VAL B 813 9.85 3.04 -12.05
CA VAL B 813 10.09 1.91 -11.15
C VAL B 813 11.04 2.27 -10.02
N ALA B 814 12.01 3.15 -10.29
CA ALA B 814 12.94 3.58 -9.25
C ALA B 814 12.25 4.51 -8.25
N GLY B 815 11.59 5.56 -8.74
CA GLY B 815 10.95 6.59 -7.93
C GLY B 815 9.83 6.11 -7.02
N SER B 816 9.26 4.93 -7.30
CA SER B 816 8.25 4.33 -6.43
C SER B 816 8.84 3.34 -5.42
N THR B 817 9.96 2.68 -5.75
CA THR B 817 10.47 1.56 -4.97
C THR B 817 11.78 1.85 -4.24
N TYR B 818 12.33 3.06 -4.35
CA TYR B 818 13.66 3.30 -3.79
C TYR B 818 13.63 3.66 -2.31
N LEU B 819 12.46 3.69 -1.68
CA LEU B 819 12.36 3.97 -0.25
C LEU B 819 11.82 2.81 0.55
N PHE B 820 11.56 1.66 -0.07
CA PHE B 820 11.20 0.47 0.66
C PHE B 820 12.42 -0.12 1.37
N SER B 821 12.24 -0.50 2.64
CA SER B 821 13.38 -0.95 3.44
C SER B 821 13.05 -2.19 4.26
N THR B 822 12.13 -3.04 3.79
CA THR B 822 11.74 -4.25 4.48
C THR B 822 11.83 -5.44 3.54
N LYS B 823 12.05 -6.63 4.11
CA LYS B 823 12.06 -7.84 3.30
C LYS B 823 10.66 -8.23 2.84
N THR B 824 9.62 -7.73 3.52
CA THR B 824 8.26 -7.91 3.04
C THR B 824 8.03 -7.16 1.74
N HIS B 825 8.50 -5.91 1.67
CA HIS B 825 8.39 -5.13 0.44
C HIS B 825 9.25 -5.73 -0.67
N LEU B 826 10.43 -6.25 -0.31
CA LEU B 826 11.33 -6.87 -1.29
C LEU B 826 10.68 -8.08 -1.94
N SER B 827 9.94 -8.87 -1.15
CA SER B 827 9.21 -9.99 -1.73
C SER B 827 8.02 -9.51 -2.55
N GLU B 828 7.42 -8.38 -2.17
CA GLU B 828 6.26 -7.87 -2.90
C GLU B 828 6.67 -7.35 -4.28
N VAL B 829 7.75 -6.57 -4.34
CA VAL B 829 8.22 -6.02 -5.62
C VAL B 829 8.75 -7.13 -6.51
N GLN B 830 9.43 -8.12 -5.92
CA GLN B 830 9.95 -9.24 -6.69
C GLN B 830 8.84 -10.11 -7.25
N ALA B 831 7.82 -10.41 -6.44
CA ALA B 831 6.73 -11.24 -6.92
C ALA B 831 5.86 -10.51 -7.93
N PHE B 832 5.84 -9.18 -7.90
CA PHE B 832 5.08 -8.45 -8.90
C PHE B 832 5.70 -8.58 -10.29
N PHE B 833 7.02 -8.37 -10.38
CA PHE B 833 7.69 -8.38 -11.68
C PHE B 833 7.87 -9.79 -12.23
N GLU B 834 7.98 -10.79 -11.36
CA GLU B 834 8.02 -12.19 -11.81
C GLU B 834 6.69 -12.62 -12.40
N ASN B 835 5.59 -12.13 -11.84
CA ASN B 835 4.27 -12.47 -12.36
C ASN B 835 3.92 -11.73 -13.65
N GLN B 836 4.81 -10.92 -14.22
CA GLN B 836 4.59 -10.34 -15.53
C GLN B 836 5.15 -11.27 -16.61
N SER B 837 6.49 -11.39 -16.65
CA SER B 837 7.21 -12.30 -17.56
C SER B 837 8.64 -12.41 -17.05
N GLU B 838 9.42 -13.30 -17.71
CA GLU B 838 10.84 -13.36 -17.42
C GLU B 838 11.56 -12.17 -18.04
N ALA B 839 11.07 -11.67 -19.18
CA ALA B 839 11.70 -10.55 -19.87
C ALA B 839 11.65 -9.28 -19.01
N THR B 840 10.47 -8.98 -18.46
CA THR B 840 10.31 -7.80 -17.60
C THR B 840 11.10 -7.95 -16.31
N PHE B 841 11.17 -9.17 -15.77
CA PHE B 841 11.89 -9.41 -14.52
C PHE B 841 13.41 -9.33 -14.69
N ARG B 842 13.93 -9.52 -15.90
CA ARG B 842 15.36 -9.44 -16.11
C ARG B 842 15.77 -8.12 -16.74
N LEU B 843 14.91 -7.10 -16.69
CA LEU B 843 15.32 -5.74 -16.97
C LEU B 843 16.34 -5.25 -15.95
N ARG B 844 17.25 -4.39 -16.42
CA ARG B 844 18.27 -3.85 -15.53
C ARG B 844 17.67 -2.91 -14.51
N CYS B 845 16.58 -2.22 -14.87
CA CYS B 845 15.95 -1.29 -13.93
C CYS B 845 15.30 -2.02 -12.77
N VAL B 846 14.66 -3.16 -13.03
CA VAL B 846 13.97 -3.86 -11.95
C VAL B 846 14.95 -4.71 -11.12
N GLN B 847 16.09 -5.10 -11.69
CA GLN B 847 17.11 -5.76 -10.88
C GLN B 847 17.83 -4.74 -10.01
N GLU B 848 18.04 -3.54 -10.54
CA GLU B 848 18.57 -2.44 -9.75
C GLU B 848 17.57 -1.99 -8.70
N ALA B 849 16.26 -2.01 -9.03
CA ALA B 849 15.25 -1.57 -8.08
C ALA B 849 15.15 -2.54 -6.89
N LEU B 850 15.15 -3.85 -7.17
CA LEU B 850 15.15 -4.85 -6.11
C LEU B 850 16.45 -4.89 -5.33
N GLU B 851 17.51 -4.25 -5.83
CA GLU B 851 18.80 -4.17 -5.16
C GLU B 851 18.87 -2.98 -4.20
N VAL B 852 18.36 -1.80 -4.61
CA VAL B 852 18.31 -0.64 -3.71
C VAL B 852 17.48 -0.94 -2.48
N ILE B 853 16.41 -1.73 -2.62
CA ILE B 853 15.64 -2.19 -1.47
C ILE B 853 16.53 -3.02 -0.54
N GLN B 854 17.28 -3.98 -1.10
CA GLN B 854 18.15 -4.86 -0.32
C GLN B 854 19.22 -4.09 0.45
N LEU B 855 19.80 -3.06 -0.17
CA LEU B 855 20.77 -2.23 0.52
C LEU B 855 20.12 -1.34 1.58
N ASN B 856 18.83 -1.05 1.44
CA ASN B 856 18.10 -0.31 2.48
C ASN B 856 17.65 -1.21 3.62
N ILE B 857 17.34 -2.48 3.34
CA ILE B 857 17.12 -3.48 4.39
C ILE B 857 18.41 -3.68 5.18
N GLN B 858 19.56 -3.53 4.52
CA GLN B 858 20.87 -3.69 5.15
C GLN B 858 21.25 -2.49 6.01
N TRP B 859 21.04 -1.27 5.48
CA TRP B 859 21.39 -0.03 6.18
C TRP B 859 20.69 0.07 7.53
N MET B 860 19.45 -0.43 7.59
CA MET B 860 18.76 -0.59 8.86
C MET B 860 19.40 -1.67 9.72
N GLU B 861 19.70 -2.84 9.12
CA GLU B 861 20.29 -3.96 9.88
C GLU B 861 21.62 -3.59 10.53
N LYS B 862 22.36 -2.65 9.93
CA LYS B 862 23.60 -2.13 10.48
C LYS B 862 23.40 -0.89 11.35
N ASN B 863 22.53 0.04 10.95
CA ASN B 863 22.50 1.35 11.58
C ASN B 863 21.13 1.81 12.10
N LEU B 864 20.09 0.97 12.12
CA LEU B 864 18.82 1.42 12.70
C LEU B 864 18.88 1.43 14.21
N LYS B 865 19.31 0.31 14.82
CA LYS B 865 19.31 0.16 16.27
C LYS B 865 20.25 1.16 16.94
N SER B 866 21.38 1.43 16.29
CA SER B 866 22.34 2.42 16.78
C SER B 866 21.80 3.83 16.71
N LEU B 867 20.81 4.09 15.85
CA LEU B 867 20.20 5.42 15.76
C LEU B 867 19.21 5.68 16.89
N THR B 868 18.47 4.64 17.31
CA THR B 868 17.54 4.73 18.44
C THR B 868 18.23 5.01 19.77
N TRP B 869 19.54 4.82 19.82
CA TRP B 869 20.34 5.10 21.02
C TRP B 869 20.24 6.56 21.44
N TRP B 870 20.16 7.46 20.46
CA TRP B 870 20.22 8.89 20.70
C TRP B 870 19.34 9.60 19.67
N LEU B 871 19.82 10.73 19.16
CA LEU B 871 19.19 11.59 18.15
C LEU B 871 17.88 12.12 18.68
#